data_3CT8
# 
_entry.id   3CT8 
# 
_audit_conform.dict_name       mmcif_pdbx.dic 
_audit_conform.dict_version    5.397 
_audit_conform.dict_location   http://mmcif.pdb.org/dictionaries/ascii/mmcif_pdbx.dic 
# 
loop_
_database_2.database_id 
_database_2.database_code 
_database_2.pdbx_database_accession 
_database_2.pdbx_DOI 
PDB   3CT8         pdb_00003ct8 10.2210/pdb3ct8/pdb 
RCSB  RCSB047182   ?            ?                   
WWPDB D_1000047182 ?            ?                   
# 
loop_
_pdbx_audit_revision_history.ordinal 
_pdbx_audit_revision_history.data_content_type 
_pdbx_audit_revision_history.major_revision 
_pdbx_audit_revision_history.minor_revision 
_pdbx_audit_revision_history.revision_date 
1 'Structure model' 1 0 2008-04-29 
2 'Structure model' 1 1 2011-07-13 
3 'Structure model' 1 2 2017-10-25 
4 'Structure model' 1 3 2019-07-24 
5 'Structure model' 1 4 2023-02-01 
6 'Structure model' 1 5 2024-10-16 
# 
_pdbx_audit_revision_details.ordinal             1 
_pdbx_audit_revision_details.revision_ordinal    1 
_pdbx_audit_revision_details.data_content_type   'Structure model' 
_pdbx_audit_revision_details.provider            repository 
_pdbx_audit_revision_details.type                'Initial release' 
_pdbx_audit_revision_details.description         ? 
_pdbx_audit_revision_details.details             ? 
# 
loop_
_pdbx_audit_revision_group.ordinal 
_pdbx_audit_revision_group.revision_ordinal 
_pdbx_audit_revision_group.data_content_type 
_pdbx_audit_revision_group.group 
1  2 'Structure model' Advisory                     
2  2 'Structure model' 'Version format compliance'  
3  3 'Structure model' 'Author supporting evidence' 
4  3 'Structure model' 'Refinement description'     
5  4 'Structure model' 'Data collection'            
6  4 'Structure model' 'Derived calculations'       
7  4 'Structure model' 'Refinement description'     
8  5 'Structure model' 'Database references'        
9  5 'Structure model' 'Derived calculations'       
10 6 'Structure model' 'Data collection'            
11 6 'Structure model' 'Structure summary'          
# 
loop_
_pdbx_audit_revision_category.ordinal 
_pdbx_audit_revision_category.revision_ordinal 
_pdbx_audit_revision_category.data_content_type 
_pdbx_audit_revision_category.category 
1  3 'Structure model' pdbx_struct_assembly_auth_evidence 
2  3 'Structure model' software                           
3  4 'Structure model' software                           
4  4 'Structure model' struct_conn                        
5  5 'Structure model' database_2                         
6  5 'Structure model' struct_ref_seq_dif                 
7  5 'Structure model' struct_site                        
8  6 'Structure model' chem_comp_atom                     
9  6 'Structure model' chem_comp_bond                     
10 6 'Structure model' pdbx_entry_details                 
11 6 'Structure model' pdbx_modification_feature          
# 
loop_
_pdbx_audit_revision_item.ordinal 
_pdbx_audit_revision_item.revision_ordinal 
_pdbx_audit_revision_item.data_content_type 
_pdbx_audit_revision_item.item 
1  3 'Structure model' '_software.classification'                     
2  3 'Structure model' '_software.name'                               
3  4 'Structure model' '_software.classification'                     
4  4 'Structure model' '_software.contact_author'                     
5  4 'Structure model' '_software.contact_author_email'               
6  4 'Structure model' '_software.language'                           
7  4 'Structure model' '_software.location'                           
8  4 'Structure model' '_software.name'                               
9  4 'Structure model' '_software.type'                               
10 4 'Structure model' '_software.version'                            
11 4 'Structure model' '_struct_conn.pdbx_leaving_atom_flag'          
12 5 'Structure model' '_database_2.pdbx_DOI'                         
13 5 'Structure model' '_database_2.pdbx_database_accession'          
14 5 'Structure model' '_struct_ref_seq_dif.details'                  
15 5 'Structure model' '_struct_site.pdbx_auth_asym_id'               
16 5 'Structure model' '_struct_site.pdbx_auth_comp_id'               
17 5 'Structure model' '_struct_site.pdbx_auth_seq_id'                
18 6 'Structure model' '_pdbx_entry_details.has_protein_modification' 
# 
_pdbx_database_status.SG_entry                        Y 
_pdbx_database_status.entry_id                        3CT8 
_pdbx_database_status.deposit_site                    RCSB 
_pdbx_database_status.process_site                    RCSB 
_pdbx_database_status.recvd_initial_deposition_date   2008-04-11 
_pdbx_database_status.status_code                     REL 
_pdbx_database_status.status_code_sf                  REL 
_pdbx_database_status.status_code_mr                  ? 
_pdbx_database_status.pdb_format_compatible           Y 
_pdbx_database_status.status_code_cs                  ? 
_pdbx_database_status.methods_development_category    ? 
_pdbx_database_status.status_code_nmr_data            ? 
# 
_pdbx_database_related.db_name        TargetDB 
_pdbx_database_related.db_id          367517 
_pdbx_database_related.details        . 
_pdbx_database_related.content_type   unspecified 
# 
_audit_author.name           'Joint Center for Structural Genomics (JCSG)' 
_audit_author.pdbx_ordinal   1 
# 
_citation.id                        primary 
_citation.title                     
'Crystal structure of a Putative Glyoxalase (NP_243026.1) from Bacillus halodurans at 2.10 A resolution' 
_citation.journal_abbrev            'To be published' 
_citation.journal_volume            ? 
_citation.page_first                ? 
_citation.page_last                 ? 
_citation.year                      ? 
_citation.journal_id_ASTM           ? 
_citation.country                   ? 
_citation.journal_id_ISSN           ? 
_citation.journal_id_CSD            0353 
_citation.book_publisher            ? 
_citation.pdbx_database_id_PubMed   ? 
_citation.pdbx_database_id_DOI      ? 
# 
_citation_author.citation_id        primary 
_citation_author.name               'Joint Center for Structural Genomics (JCSG)' 
_citation_author.ordinal            1 
_citation_author.identifier_ORCID   ? 
# 
loop_
_entity.id 
_entity.type 
_entity.src_method 
_entity.pdbx_description 
_entity.formula_weight 
_entity.pdbx_number_of_molecules 
_entity.pdbx_ec 
_entity.pdbx_mutation 
_entity.pdbx_fragment 
_entity.details 
1 polymer     man 'Putative glyoxalase' 17383.111 1  ? ? ? ? 
2 non-polymer syn 'ZINC ION'            65.409    1  ? ? ? ? 
3 non-polymer syn 'UNKNOWN LIGAND'      ?         1  ? ? ? ? 
4 water       nat water                 18.015    28 ? ? ? ? 
# 
_entity_name_com.entity_id   1 
_entity_name_com.name        'Protein BH2160' 
# 
_entity_poly.entity_id                      1 
_entity_poly.type                           'polypeptide(L)' 
_entity_poly.nstd_linkage                   no 
_entity_poly.nstd_monomer                   yes 
_entity_poly.pdbx_seq_one_letter_code       
;(MSE)GSDKIHHHHHHENLYFQG(MSE)LHHVEINVDHLEESIAFWDWLLGELGYEDYQSWSRGKSYKHGKTYLVFVQTE
DRFQTPTFHRKRTGLNHLAFHAASREKVDELTQKLKERGDPILYEDRHPFAGGPNHYAVFCEDPNRIKVEIVAP
;
_entity_poly.pdbx_seq_one_letter_code_can   
;MGSDKIHHHHHHENLYFQGMLHHVEINVDHLEESIAFWDWLLGELGYEDYQSWSRGKSYKHGKTYLVFVQTEDRFQTPTF
HRKRTGLNHLAFHAASREKVDELTQKLKERGDPILYEDRHPFAGGPNHYAVFCEDPNRIKVEIVAP
;
_entity_poly.pdbx_strand_id                 A 
_entity_poly.pdbx_target_identifier         367517 
# 
loop_
_pdbx_entity_nonpoly.entity_id 
_pdbx_entity_nonpoly.name 
_pdbx_entity_nonpoly.comp_id 
2 'ZINC ION'       ZN  
3 'UNKNOWN LIGAND' UNL 
4 water            HOH 
# 
loop_
_entity_poly_seq.entity_id 
_entity_poly_seq.num 
_entity_poly_seq.mon_id 
_entity_poly_seq.hetero 
1 1   MSE n 
1 2   GLY n 
1 3   SER n 
1 4   ASP n 
1 5   LYS n 
1 6   ILE n 
1 7   HIS n 
1 8   HIS n 
1 9   HIS n 
1 10  HIS n 
1 11  HIS n 
1 12  HIS n 
1 13  GLU n 
1 14  ASN n 
1 15  LEU n 
1 16  TYR n 
1 17  PHE n 
1 18  GLN n 
1 19  GLY n 
1 20  MSE n 
1 21  LEU n 
1 22  HIS n 
1 23  HIS n 
1 24  VAL n 
1 25  GLU n 
1 26  ILE n 
1 27  ASN n 
1 28  VAL n 
1 29  ASP n 
1 30  HIS n 
1 31  LEU n 
1 32  GLU n 
1 33  GLU n 
1 34  SER n 
1 35  ILE n 
1 36  ALA n 
1 37  PHE n 
1 38  TRP n 
1 39  ASP n 
1 40  TRP n 
1 41  LEU n 
1 42  LEU n 
1 43  GLY n 
1 44  GLU n 
1 45  LEU n 
1 46  GLY n 
1 47  TYR n 
1 48  GLU n 
1 49  ASP n 
1 50  TYR n 
1 51  GLN n 
1 52  SER n 
1 53  TRP n 
1 54  SER n 
1 55  ARG n 
1 56  GLY n 
1 57  LYS n 
1 58  SER n 
1 59  TYR n 
1 60  LYS n 
1 61  HIS n 
1 62  GLY n 
1 63  LYS n 
1 64  THR n 
1 65  TYR n 
1 66  LEU n 
1 67  VAL n 
1 68  PHE n 
1 69  VAL n 
1 70  GLN n 
1 71  THR n 
1 72  GLU n 
1 73  ASP n 
1 74  ARG n 
1 75  PHE n 
1 76  GLN n 
1 77  THR n 
1 78  PRO n 
1 79  THR n 
1 80  PHE n 
1 81  HIS n 
1 82  ARG n 
1 83  LYS n 
1 84  ARG n 
1 85  THR n 
1 86  GLY n 
1 87  LEU n 
1 88  ASN n 
1 89  HIS n 
1 90  LEU n 
1 91  ALA n 
1 92  PHE n 
1 93  HIS n 
1 94  ALA n 
1 95  ALA n 
1 96  SER n 
1 97  ARG n 
1 98  GLU n 
1 99  LYS n 
1 100 VAL n 
1 101 ASP n 
1 102 GLU n 
1 103 LEU n 
1 104 THR n 
1 105 GLN n 
1 106 LYS n 
1 107 LEU n 
1 108 LYS n 
1 109 GLU n 
1 110 ARG n 
1 111 GLY n 
1 112 ASP n 
1 113 PRO n 
1 114 ILE n 
1 115 LEU n 
1 116 TYR n 
1 117 GLU n 
1 118 ASP n 
1 119 ARG n 
1 120 HIS n 
1 121 PRO n 
1 122 PHE n 
1 123 ALA n 
1 124 GLY n 
1 125 GLY n 
1 126 PRO n 
1 127 ASN n 
1 128 HIS n 
1 129 TYR n 
1 130 ALA n 
1 131 VAL n 
1 132 PHE n 
1 133 CYS n 
1 134 GLU n 
1 135 ASP n 
1 136 PRO n 
1 137 ASN n 
1 138 ARG n 
1 139 ILE n 
1 140 LYS n 
1 141 VAL n 
1 142 GLU n 
1 143 ILE n 
1 144 VAL n 
1 145 ALA n 
1 146 PRO n 
# 
_entity_src_gen.entity_id                          1 
_entity_src_gen.pdbx_src_id                        1 
_entity_src_gen.pdbx_alt_source_flag               sample 
_entity_src_gen.pdbx_seq_type                      ? 
_entity_src_gen.pdbx_beg_seq_num                   ? 
_entity_src_gen.pdbx_end_seq_num                   ? 
_entity_src_gen.gene_src_common_name               ? 
_entity_src_gen.gene_src_genus                     Bacillus 
_entity_src_gen.pdbx_gene_src_gene                 'NP_243026.1, BH2160' 
_entity_src_gen.gene_src_species                   'Bacillus halodurans' 
_entity_src_gen.gene_src_strain                    'C-125 / DSM 18197 / FERM 7344 / JCM 9153' 
_entity_src_gen.gene_src_tissue                    ? 
_entity_src_gen.gene_src_tissue_fraction           ? 
_entity_src_gen.gene_src_details                   ? 
_entity_src_gen.pdbx_gene_src_fragment             ? 
_entity_src_gen.pdbx_gene_src_scientific_name      'Bacillus halodurans C-125' 
_entity_src_gen.pdbx_gene_src_ncbi_taxonomy_id     272558 
_entity_src_gen.pdbx_gene_src_variant              ? 
_entity_src_gen.pdbx_gene_src_cell_line            ? 
_entity_src_gen.pdbx_gene_src_atcc                 BAA-125 
_entity_src_gen.pdbx_gene_src_organ                ? 
_entity_src_gen.pdbx_gene_src_organelle            ? 
_entity_src_gen.pdbx_gene_src_cell                 ? 
_entity_src_gen.pdbx_gene_src_cellular_location    ? 
_entity_src_gen.host_org_common_name               ? 
_entity_src_gen.pdbx_host_org_scientific_name      'Escherichia coli' 
_entity_src_gen.pdbx_host_org_ncbi_taxonomy_id     562 
_entity_src_gen.host_org_genus                     Escherichia 
_entity_src_gen.pdbx_host_org_gene                 ? 
_entity_src_gen.pdbx_host_org_organ                ? 
_entity_src_gen.host_org_species                   ? 
_entity_src_gen.pdbx_host_org_tissue               ? 
_entity_src_gen.pdbx_host_org_tissue_fraction      ? 
_entity_src_gen.pdbx_host_org_strain               HK100 
_entity_src_gen.pdbx_host_org_variant              ? 
_entity_src_gen.pdbx_host_org_cell_line            ? 
_entity_src_gen.pdbx_host_org_atcc                 ? 
_entity_src_gen.pdbx_host_org_culture_collection   ? 
_entity_src_gen.pdbx_host_org_cell                 ? 
_entity_src_gen.pdbx_host_org_organelle            ? 
_entity_src_gen.pdbx_host_org_cellular_location    ? 
_entity_src_gen.pdbx_host_org_vector_type          Plasmid 
_entity_src_gen.pdbx_host_org_vector               ? 
_entity_src_gen.host_org_details                   ? 
_entity_src_gen.expression_system_id               ? 
_entity_src_gen.plasmid_name                       SpeedET 
_entity_src_gen.plasmid_details                    ? 
_entity_src_gen.pdbx_description                   ? 
# 
loop_
_chem_comp.id 
_chem_comp.type 
_chem_comp.mon_nstd_flag 
_chem_comp.name 
_chem_comp.pdbx_synonyms 
_chem_comp.formula 
_chem_comp.formula_weight 
ALA 'L-peptide linking' y ALANINE          ? 'C3 H7 N O2'     89.093  
ARG 'L-peptide linking' y ARGININE         ? 'C6 H15 N4 O2 1' 175.209 
ASN 'L-peptide linking' y ASPARAGINE       ? 'C4 H8 N2 O3'    132.118 
ASP 'L-peptide linking' y 'ASPARTIC ACID'  ? 'C4 H7 N O4'     133.103 
CYS 'L-peptide linking' y CYSTEINE         ? 'C3 H7 N O2 S'   121.158 
GLN 'L-peptide linking' y GLUTAMINE        ? 'C5 H10 N2 O3'   146.144 
GLU 'L-peptide linking' y 'GLUTAMIC ACID'  ? 'C5 H9 N O4'     147.129 
GLY 'peptide linking'   y GLYCINE          ? 'C2 H5 N O2'     75.067  
HIS 'L-peptide linking' y HISTIDINE        ? 'C6 H10 N3 O2 1' 156.162 
HOH non-polymer         . WATER            ? 'H2 O'           18.015  
ILE 'L-peptide linking' y ISOLEUCINE       ? 'C6 H13 N O2'    131.173 
LEU 'L-peptide linking' y LEUCINE          ? 'C6 H13 N O2'    131.173 
LYS 'L-peptide linking' y LYSINE           ? 'C6 H15 N2 O2 1' 147.195 
MSE 'L-peptide linking' n SELENOMETHIONINE ? 'C5 H11 N O2 Se' 196.106 
PHE 'L-peptide linking' y PHENYLALANINE    ? 'C9 H11 N O2'    165.189 
PRO 'L-peptide linking' y PROLINE          ? 'C5 H9 N O2'     115.130 
SER 'L-peptide linking' y SERINE           ? 'C3 H7 N O3'     105.093 
THR 'L-peptide linking' y THREONINE        ? 'C4 H9 N O3'     119.119 
TRP 'L-peptide linking' y TRYPTOPHAN       ? 'C11 H12 N2 O2'  204.225 
TYR 'L-peptide linking' y TYROSINE         ? 'C9 H11 N O3'    181.189 
UNL non-polymer         . 'UNKNOWN LIGAND' ? ?                ?       
VAL 'L-peptide linking' y VALINE           ? 'C5 H11 N O2'    117.146 
ZN  non-polymer         . 'ZINC ION'       ? 'Zn 2'           65.409  
# 
loop_
_pdbx_poly_seq_scheme.asym_id 
_pdbx_poly_seq_scheme.entity_id 
_pdbx_poly_seq_scheme.seq_id 
_pdbx_poly_seq_scheme.mon_id 
_pdbx_poly_seq_scheme.ndb_seq_num 
_pdbx_poly_seq_scheme.pdb_seq_num 
_pdbx_poly_seq_scheme.auth_seq_num 
_pdbx_poly_seq_scheme.pdb_mon_id 
_pdbx_poly_seq_scheme.auth_mon_id 
_pdbx_poly_seq_scheme.pdb_strand_id 
_pdbx_poly_seq_scheme.pdb_ins_code 
_pdbx_poly_seq_scheme.hetero 
A 1 1   MSE 1   -18 ?   ?   ?   A . n 
A 1 2   GLY 2   -17 ?   ?   ?   A . n 
A 1 3   SER 3   -16 ?   ?   ?   A . n 
A 1 4   ASP 4   -15 ?   ?   ?   A . n 
A 1 5   LYS 5   -14 ?   ?   ?   A . n 
A 1 6   ILE 6   -13 ?   ?   ?   A . n 
A 1 7   HIS 7   -12 ?   ?   ?   A . n 
A 1 8   HIS 8   -11 ?   ?   ?   A . n 
A 1 9   HIS 9   -10 ?   ?   ?   A . n 
A 1 10  HIS 10  -9  ?   ?   ?   A . n 
A 1 11  HIS 11  -8  ?   ?   ?   A . n 
A 1 12  HIS 12  -7  ?   ?   ?   A . n 
A 1 13  GLU 13  -6  ?   ?   ?   A . n 
A 1 14  ASN 14  -5  -5  ASN ASN A . n 
A 1 15  LEU 15  -4  -4  LEU LEU A . n 
A 1 16  TYR 16  -3  -3  TYR TYR A . n 
A 1 17  PHE 17  -2  -2  PHE PHE A . n 
A 1 18  GLN 18  -1  -1  GLN GLN A . n 
A 1 19  GLY 19  0   0   GLY GLY A . n 
A 1 20  MSE 20  1   1   MSE MSE A . n 
A 1 21  LEU 21  2   2   LEU LEU A . n 
A 1 22  HIS 22  3   3   HIS HIS A . n 
A 1 23  HIS 23  4   4   HIS HIS A . n 
A 1 24  VAL 24  5   5   VAL VAL A . n 
A 1 25  GLU 25  6   6   GLU GLU A . n 
A 1 26  ILE 26  7   7   ILE ILE A . n 
A 1 27  ASN 27  8   8   ASN ASN A . n 
A 1 28  VAL 28  9   9   VAL VAL A . n 
A 1 29  ASP 29  10  10  ASP ASP A . n 
A 1 30  HIS 30  11  11  HIS HIS A . n 
A 1 31  LEU 31  12  12  LEU LEU A . n 
A 1 32  GLU 32  13  13  GLU GLU A . n 
A 1 33  GLU 33  14  14  GLU GLU A . n 
A 1 34  SER 34  15  15  SER SER A . n 
A 1 35  ILE 35  16  16  ILE ILE A . n 
A 1 36  ALA 36  17  17  ALA ALA A . n 
A 1 37  PHE 37  18  18  PHE PHE A . n 
A 1 38  TRP 38  19  19  TRP TRP A . n 
A 1 39  ASP 39  20  20  ASP ASP A . n 
A 1 40  TRP 40  21  21  TRP TRP A . n 
A 1 41  LEU 41  22  22  LEU LEU A . n 
A 1 42  LEU 42  23  23  LEU LEU A . n 
A 1 43  GLY 43  24  24  GLY GLY A . n 
A 1 44  GLU 44  25  25  GLU GLU A . n 
A 1 45  LEU 45  26  26  LEU LEU A . n 
A 1 46  GLY 46  27  27  GLY GLY A . n 
A 1 47  TYR 47  28  28  TYR TYR A . n 
A 1 48  GLU 48  29  29  GLU GLU A . n 
A 1 49  ASP 49  30  30  ASP ASP A . n 
A 1 50  TYR 50  31  31  TYR TYR A . n 
A 1 51  GLN 51  32  32  GLN GLN A . n 
A 1 52  SER 52  33  33  SER SER A . n 
A 1 53  TRP 53  34  34  TRP TRP A . n 
A 1 54  SER 54  35  35  SER SER A . n 
A 1 55  ARG 55  36  36  ARG ARG A . n 
A 1 56  GLY 56  37  37  GLY GLY A . n 
A 1 57  LYS 57  38  38  LYS LYS A . n 
A 1 58  SER 58  39  39  SER SER A . n 
A 1 59  TYR 59  40  40  TYR TYR A . n 
A 1 60  LYS 60  41  41  LYS LYS A . n 
A 1 61  HIS 61  42  42  HIS HIS A . n 
A 1 62  GLY 62  43  43  GLY GLY A . n 
A 1 63  LYS 63  44  44  LYS LYS A . n 
A 1 64  THR 64  45  45  THR THR A . n 
A 1 65  TYR 65  46  46  TYR TYR A . n 
A 1 66  LEU 66  47  47  LEU LEU A . n 
A 1 67  VAL 67  48  48  VAL VAL A . n 
A 1 68  PHE 68  49  49  PHE PHE A . n 
A 1 69  VAL 69  50  50  VAL VAL A . n 
A 1 70  GLN 70  51  51  GLN GLN A . n 
A 1 71  THR 71  52  52  THR THR A . n 
A 1 72  GLU 72  53  53  GLU GLU A . n 
A 1 73  ASP 73  54  54  ASP ASP A . n 
A 1 74  ARG 74  55  55  ARG ARG A . n 
A 1 75  PHE 75  56  56  PHE PHE A . n 
A 1 76  GLN 76  57  57  GLN GLN A . n 
A 1 77  THR 77  58  58  THR THR A . n 
A 1 78  PRO 78  59  59  PRO PRO A . n 
A 1 79  THR 79  60  60  THR THR A . n 
A 1 80  PHE 80  61  61  PHE PHE A . n 
A 1 81  HIS 81  62  62  HIS HIS A . n 
A 1 82  ARG 82  63  63  ARG ARG A . n 
A 1 83  LYS 83  64  64  LYS LYS A . n 
A 1 84  ARG 84  65  65  ARG ARG A . n 
A 1 85  THR 85  66  66  THR THR A . n 
A 1 86  GLY 86  67  67  GLY GLY A . n 
A 1 87  LEU 87  68  68  LEU LEU A . n 
A 1 88  ASN 88  69  69  ASN ASN A . n 
A 1 89  HIS 89  70  70  HIS HIS A . n 
A 1 90  LEU 90  71  71  LEU LEU A . n 
A 1 91  ALA 91  72  72  ALA ALA A . n 
A 1 92  PHE 92  73  73  PHE PHE A . n 
A 1 93  HIS 93  74  74  HIS HIS A . n 
A 1 94  ALA 94  75  75  ALA ALA A . n 
A 1 95  ALA 95  76  76  ALA ALA A . n 
A 1 96  SER 96  77  77  SER SER A . n 
A 1 97  ARG 97  78  78  ARG ARG A . n 
A 1 98  GLU 98  79  79  GLU GLU A . n 
A 1 99  LYS 99  80  80  LYS LYS A . n 
A 1 100 VAL 100 81  81  VAL VAL A . n 
A 1 101 ASP 101 82  82  ASP ASP A . n 
A 1 102 GLU 102 83  83  GLU GLU A . n 
A 1 103 LEU 103 84  84  LEU LEU A . n 
A 1 104 THR 104 85  85  THR THR A . n 
A 1 105 GLN 105 86  86  GLN GLN A . n 
A 1 106 LYS 106 87  87  LYS LYS A . n 
A 1 107 LEU 107 88  88  LEU LEU A . n 
A 1 108 LYS 108 89  89  LYS LYS A . n 
A 1 109 GLU 109 90  90  GLU GLU A . n 
A 1 110 ARG 110 91  91  ARG ARG A . n 
A 1 111 GLY 111 92  92  GLY GLY A . n 
A 1 112 ASP 112 93  93  ASP ASP A . n 
A 1 113 PRO 113 94  94  PRO PRO A . n 
A 1 114 ILE 114 95  95  ILE ILE A . n 
A 1 115 LEU 115 96  96  LEU LEU A . n 
A 1 116 TYR 116 97  97  TYR TYR A . n 
A 1 117 GLU 117 98  98  GLU GLU A . n 
A 1 118 ASP 118 99  99  ASP ASP A . n 
A 1 119 ARG 119 100 100 ARG ARG A . n 
A 1 120 HIS 120 101 101 HIS HIS A . n 
A 1 121 PRO 121 102 102 PRO PRO A . n 
A 1 122 PHE 122 103 103 PHE PHE A . n 
A 1 123 ALA 123 104 104 ALA ALA A . n 
A 1 124 GLY 124 105 105 GLY GLY A . n 
A 1 125 GLY 125 106 106 GLY GLY A . n 
A 1 126 PRO 126 107 107 PRO PRO A . n 
A 1 127 ASN 127 108 108 ASN ASN A . n 
A 1 128 HIS 128 109 109 HIS HIS A . n 
A 1 129 TYR 129 110 110 TYR TYR A . n 
A 1 130 ALA 130 111 111 ALA ALA A . n 
A 1 131 VAL 131 112 112 VAL VAL A . n 
A 1 132 PHE 132 113 113 PHE PHE A . n 
A 1 133 CYS 133 114 114 CYS CYS A . n 
A 1 134 GLU 134 115 115 GLU GLU A . n 
A 1 135 ASP 135 116 116 ASP ASP A . n 
A 1 136 PRO 136 117 117 PRO PRO A . n 
A 1 137 ASN 137 118 118 ASN ASN A . n 
A 1 138 ARG 138 119 119 ARG ARG A . n 
A 1 139 ILE 139 120 120 ILE ILE A . n 
A 1 140 LYS 140 121 121 LYS LYS A . n 
A 1 141 VAL 141 122 122 VAL VAL A . n 
A 1 142 GLU 142 123 123 GLU GLU A . n 
A 1 143 ILE 143 124 124 ILE ILE A . n 
A 1 144 VAL 144 125 125 VAL VAL A . n 
A 1 145 ALA 145 126 126 ALA ALA A . n 
A 1 146 PRO 146 127 127 PRO PRO A . n 
# 
loop_
_pdbx_nonpoly_scheme.asym_id 
_pdbx_nonpoly_scheme.entity_id 
_pdbx_nonpoly_scheme.mon_id 
_pdbx_nonpoly_scheme.ndb_seq_num 
_pdbx_nonpoly_scheme.pdb_seq_num 
_pdbx_nonpoly_scheme.auth_seq_num 
_pdbx_nonpoly_scheme.pdb_mon_id 
_pdbx_nonpoly_scheme.auth_mon_id 
_pdbx_nonpoly_scheme.pdb_strand_id 
_pdbx_nonpoly_scheme.pdb_ins_code 
B 2 ZN  1  128 1  ZN  ZN  A . 
C 3 UNL 1  129 2  UNL UNL A . 
D 4 HOH 1  130 3  HOH HOH A . 
D 4 HOH 2  131 4  HOH HOH A . 
D 4 HOH 3  132 5  HOH HOH A . 
D 4 HOH 4  133 6  HOH HOH A . 
D 4 HOH 5  134 7  HOH HOH A . 
D 4 HOH 6  135 8  HOH HOH A . 
D 4 HOH 7  136 9  HOH HOH A . 
D 4 HOH 8  137 10 HOH HOH A . 
D 4 HOH 9  138 11 HOH HOH A . 
D 4 HOH 10 139 12 HOH HOH A . 
D 4 HOH 11 140 13 HOH HOH A . 
D 4 HOH 12 141 14 HOH HOH A . 
D 4 HOH 13 142 15 HOH HOH A . 
D 4 HOH 14 143 16 HOH HOH A . 
D 4 HOH 15 144 17 HOH HOH A . 
D 4 HOH 16 145 18 HOH HOH A . 
D 4 HOH 17 146 19 HOH HOH A . 
D 4 HOH 18 147 20 HOH HOH A . 
D 4 HOH 19 148 21 HOH HOH A . 
D 4 HOH 20 149 22 HOH HOH A . 
D 4 HOH 21 150 23 HOH HOH A . 
D 4 HOH 22 151 24 HOH HOH A . 
D 4 HOH 23 152 25 HOH HOH A . 
D 4 HOH 24 153 26 HOH HOH A . 
D 4 HOH 25 154 27 HOH HOH A . 
D 4 HOH 26 155 28 HOH HOH A . 
D 4 HOH 27 156 29 HOH HOH A . 
D 4 HOH 28 157 30 HOH HOH A . 
# 
loop_
_pdbx_unobs_or_zero_occ_atoms.id 
_pdbx_unobs_or_zero_occ_atoms.PDB_model_num 
_pdbx_unobs_or_zero_occ_atoms.polymer_flag 
_pdbx_unobs_or_zero_occ_atoms.occupancy_flag 
_pdbx_unobs_or_zero_occ_atoms.auth_asym_id 
_pdbx_unobs_or_zero_occ_atoms.auth_comp_id 
_pdbx_unobs_or_zero_occ_atoms.auth_seq_id 
_pdbx_unobs_or_zero_occ_atoms.PDB_ins_code 
_pdbx_unobs_or_zero_occ_atoms.auth_atom_id 
_pdbx_unobs_or_zero_occ_atoms.label_alt_id 
_pdbx_unobs_or_zero_occ_atoms.label_asym_id 
_pdbx_unobs_or_zero_occ_atoms.label_comp_id 
_pdbx_unobs_or_zero_occ_atoms.label_seq_id 
_pdbx_unobs_or_zero_occ_atoms.label_atom_id 
1  1 Y 1 A TYR -3 ? CG  ? A TYR 16 CG  
2  1 Y 1 A TYR -3 ? CD1 ? A TYR 16 CD1 
3  1 Y 1 A TYR -3 ? CD2 ? A TYR 16 CD2 
4  1 Y 1 A TYR -3 ? CE1 ? A TYR 16 CE1 
5  1 Y 1 A TYR -3 ? CE2 ? A TYR 16 CE2 
6  1 Y 1 A TYR -3 ? CZ  ? A TYR 16 CZ  
7  1 Y 1 A TYR -3 ? OH  ? A TYR 16 OH  
8  1 Y 1 A PHE -2 ? CG  ? A PHE 17 CG  
9  1 Y 1 A PHE -2 ? CD1 ? A PHE 17 CD1 
10 1 Y 1 A PHE -2 ? CD2 ? A PHE 17 CD2 
11 1 Y 1 A PHE -2 ? CE1 ? A PHE 17 CE1 
12 1 Y 1 A PHE -2 ? CE2 ? A PHE 17 CE2 
13 1 Y 1 A PHE -2 ? CZ  ? A PHE 17 CZ  
14 1 Y 1 A GLU 14 ? CD  ? A GLU 33 CD  
15 1 Y 1 A GLU 14 ? OE1 ? A GLU 33 OE1 
16 1 Y 1 A GLU 14 ? OE2 ? A GLU 33 OE2 
17 1 Y 1 A LYS 41 ? CE  ? A LYS 60 CE  
18 1 Y 1 A LYS 41 ? NZ  ? A LYS 60 NZ  
19 1 Y 1 A LYS 44 ? CE  ? A LYS 63 CE  
20 1 Y 1 A LYS 44 ? NZ  ? A LYS 63 NZ  
# 
loop_
_software.name 
_software.version 
_software.date 
_software.type 
_software.contact_author 
_software.contact_author_email 
_software.classification 
_software.location 
_software.language 
_software.citation_id 
_software.pdbx_ordinal 
REFMAC      5.4.0067 ?                    program 'Murshudov, G.N.'            ccp4@dl.ac.uk                        refinement 
http://www.ccp4.ac.uk/main.html                                    Fortran_77 ? 1  
PHENIX      .        ?                    package 'P.D. Adams'                 PDAdams@lbl.gov                      refinement 
http://www.phenix-online.org/                                      C++        ? 2  
SHELX       .        ?                    package 'George Sheldrick'           gsheldr@shelx.uni-ac.gwdg.de         phasing 
http://shelx.uni-ac.gwdg.de/SHELX/                                 Fortran_77 ? 3  
MolProbity  3beta29  ?                    package 'D.C. & J.S. Richardson lab' molprobity@kinemage.biochem.duke.edu 
'model building'  http://kinemage.biochem.duke.edu/molprobity/                       ?          ? 4  
XSCALE      .        ?                    package 'Wolfgang Kabsch'            ?                                    'data scaling' 
http://www.mpimf-heidelberg.mpg.de/~kabsch/xds/xscale_program.html ?          ? 5  
PDB_EXTRACT 3.004    'September 10, 2007' package PDB                          sw-help@rcsb.rutgers.edu             
'data extraction' http://pdb.rutgers.edu/software/                                   C++        ? 6  
MAR345      CCD      ?                    ?       ?                            ?                                    
'data collection' ?                                                                  ?          ? 7  
XDS         .        ?                    ?       ?                            ?                                    
'data reduction'  ?                                                                  ?          ? 8  
SHARP       .        ?                    ?       ?                            ?                                    phasing ? ? ? 
9  
SHELXD      .        ?                    ?       ?                            ?                                    phasing ? ? ? 
10 
# 
_cell.entry_id           3CT8 
_cell.length_a           51.380 
_cell.length_b           51.380 
_cell.length_c           116.470 
_cell.angle_alpha        90.000 
_cell.angle_beta         90.000 
_cell.angle_gamma        90.000 
_cell.pdbx_unique_axis   ? 
_cell.Z_PDB              8 
_cell.length_a_esd       ? 
_cell.length_b_esd       ? 
_cell.length_c_esd       ? 
_cell.angle_alpha_esd    ? 
_cell.angle_beta_esd     ? 
_cell.angle_gamma_esd    ? 
# 
_symmetry.entry_id                         3CT8 
_symmetry.Int_Tables_number                92 
_symmetry.space_group_name_H-M             'P 41 21 2' 
_symmetry.pdbx_full_space_group_name_H-M   ? 
_symmetry.cell_setting                     ? 
_symmetry.space_group_name_Hall            ? 
# 
_exptl.crystals_number   1 
_exptl.method            'X-RAY DIFFRACTION' 
_exptl.entry_id          3CT8 
# 
_exptl_crystal.id                    1 
_exptl_crystal.density_Matthews      2.21 
_exptl_crystal.density_meas          ? 
_exptl_crystal.density_percent_sol   44.37 
_exptl_crystal.description           ? 
_exptl_crystal.F_000                 ? 
_exptl_crystal.preparation           ? 
# 
_exptl_crystal_grow.crystal_id      1 
_exptl_crystal_grow.method          'VAPOR DIFFUSION, SITTING DROP' 
_exptl_crystal_grow.pH              6.5 
_exptl_crystal_grow.temp            277 
_exptl_crystal_grow.pdbx_details    
'NANODROP, 40.0% MPD, 5.0% PEG 8000, 0.1M Cacodylate pH 6.5, VAPOR DIFFUSION, SITTING DROP, temperature 277K' 
_exptl_crystal_grow.temp_details    ? 
_exptl_crystal_grow.pdbx_pH_range   . 
# 
_diffrn.id                     1 
_diffrn.ambient_temp           100 
_diffrn.ambient_temp_details   ? 
_diffrn.crystal_id             1 
# 
_diffrn_detector.diffrn_id              1 
_diffrn_detector.detector               CCD 
_diffrn_detector.type                   'MARMOSAIC 325 mm CCD' 
_diffrn_detector.details                'Flat mirror (vertical focusing)' 
_diffrn_detector.pdbx_collection_date   2008-02-04 
# 
_diffrn_radiation.diffrn_id                        1 
_diffrn_radiation.pdbx_monochromatic_or_laue_m_l   M 
_diffrn_radiation.monochromator                    'Single crystal Si(111) bent (horizontal focusing)' 
_diffrn_radiation.pdbx_diffrn_protocol             MAD 
_diffrn_radiation.wavelength_id                    1 
_diffrn_radiation.pdbx_scattering_type             x-ray 
# 
loop_
_diffrn_radiation_wavelength.id 
_diffrn_radiation_wavelength.wavelength 
_diffrn_radiation_wavelength.wt 
1 0.92522 1.0 
2 0.97922 1.0 
3 0.97464 1.0 
# 
_diffrn_source.diffrn_id                   1 
_diffrn_source.source                      SYNCHROTRON 
_diffrn_source.pdbx_synchrotron_beamline   BL11-1 
_diffrn_source.type                        'SSRL BEAMLINE BL11-1' 
_diffrn_source.pdbx_wavelength_list        '0.92522, 0.97922, 0.97464' 
_diffrn_source.pdbx_wavelength             ? 
_diffrn_source.pdbx_synchrotron_site       SSRL 
# 
_reflns.entry_id                     3CT8 
_reflns.d_resolution_high            2.09 
_reflns.d_resolution_low             26.528 
_reflns.number_obs                   9659 
_reflns.pdbx_Rmerge_I_obs            0.052 
_reflns.pdbx_netI_over_sigmaI        15.300 
_reflns.percent_possible_obs         97.600 
_reflns.B_iso_Wilson_estimate        44.118 
_reflns.observed_criterion_sigma_I   -3.00 
_reflns.observed_criterion_sigma_F   ? 
_reflns.number_all                   ? 
_reflns.pdbx_Rsym_value              ? 
_reflns.pdbx_redundancy              ? 
_reflns.R_free_details               ? 
_reflns.limit_h_max                  ? 
_reflns.limit_h_min                  ? 
_reflns.limit_k_max                  ? 
_reflns.limit_k_min                  ? 
_reflns.limit_l_max                  ? 
_reflns.limit_l_min                  ? 
_reflns.observed_criterion_F_max     ? 
_reflns.observed_criterion_F_min     ? 
_reflns.pdbx_chi_squared             ? 
_reflns.pdbx_scaling_rejects         ? 
_reflns.pdbx_ordinal                 1 
_reflns.pdbx_diffrn_id               1 
# 
loop_
_reflns_shell.d_res_high 
_reflns_shell.d_res_low 
_reflns_shell.number_measured_obs 
_reflns_shell.number_measured_all 
_reflns_shell.number_unique_obs 
_reflns_shell.Rmerge_I_obs 
_reflns_shell.meanI_over_sigI_obs 
_reflns_shell.pdbx_Rsym_value 
_reflns_shell.pdbx_chi_squared 
_reflns_shell.pdbx_redundancy 
_reflns_shell.percent_possible_obs 
_reflns_shell.number_unique_all 
_reflns_shell.percent_possible_all 
_reflns_shell.pdbx_ordinal 
_reflns_shell.pdbx_diffrn_id 
2.09 2.16   4806 ? 1296 0.902 1.6  ? ? ? ? ? 77.80 1  1 
2.16 2.25   7068 ? 1841 0.670 2.2  ? ? ? ? ? 99.60 2  1 
2.25 2.35   6573 ? 1718 0.522 2.8  ? ? ? ? ? 99.50 3  1 
2.35 2.48   7064 ? 1836 0.357 4.0  ? ? ? ? ? 99.60 4  1 
2.48 2.63   6598 ? 1713 0.218 6.2  ? ? ? ? ? 99.90 5  1 
2.63 2.83   6746 ? 1751 0.138 9.5  ? ? ? ? ? 99.90 6  1 
2.83 3.12   6986 ? 1804 0.077 15.5 ? ? ? ? ? 99.90 7  1 
3.12 3.57   6817 ? 1761 0.042 25.3 ? ? ? ? ? 99.90 8  1 
3.57 4.49   6793 ? 1766 0.028 37.1 ? ? ? ? ? 99.90 9  1 
4.49 26.528 6874 ? 1793 0.023 45.0 ? ? ? ? ? 98.80 10 1 
# 
_refine.entry_id                                 3CT8 
_refine.ls_d_res_high                            2.100 
_refine.ls_d_res_low                             26.528 
_refine.pdbx_ls_sigma_F                          0.00 
_refine.ls_percent_reflns_obs                    99.590 
_refine.ls_number_reflns_obs                     9609 
_refine.pdbx_ls_cross_valid_method               THROUGHOUT 
_refine.pdbx_R_Free_selection_details            RANDOM 
_refine.details                                  
;1. HYDROGENS HAVE BEEN ADDED IN THE RIDING POSITIONS.
 2. ATOM RECORDS CONTAIN RESIDUAL B FACTORS ONLY.
 3. A MET-INHIBITION PROTOCOL WAS USED FOR SELENOMETHIONINE
 INCORPORATION DURING PROTEIN EXPRESSION. THE OCCUPANCY
 OF THE SE ATOMS IN THE MSE RESIDUES WAS REDUCED TO 0.75
 FOR THE REDUCED SCATTERING POWER DUE TO PARTIAL S-MET INCORPORATION.
 4. X-RAY FLUORESCENCE EXCITATION, WAVELENGTH SCANS AND
 ANOMALOUS DIFFERENCE FOURIERS SUPPORT THE MODELING OF ZN ION.
 5. AN UNKNOWN LIGAND (UNL) HAS BEEN MODELED NEAR THE ZN ION SITE.
;
_refine.ls_R_factor_obs                          0.217 
_refine.ls_R_factor_R_work                       0.216 
_refine.ls_R_factor_R_free                       0.246 
_refine.ls_percent_reflns_R_free                 4.800 
_refine.ls_number_reflns_R_free                  461 
_refine.B_iso_mean                               46.793 
_refine.aniso_B[1][1]                            0.910 
_refine.aniso_B[2][2]                            0.910 
_refine.aniso_B[3][3]                            -1.820 
_refine.aniso_B[1][2]                            0.000 
_refine.aniso_B[1][3]                            0.000 
_refine.aniso_B[2][3]                            0.000 
_refine.correlation_coeff_Fo_to_Fc               0.952 
_refine.correlation_coeff_Fo_to_Fc_free          0.946 
_refine.pdbx_overall_ESU_R                       0.233 
_refine.pdbx_overall_ESU_R_Free                  0.187 
_refine.overall_SU_ML                            0.165 
_refine.overall_SU_B                             12.209 
_refine.solvent_model_details                    'BABINET MODEL WITH MASK' 
_refine.pdbx_solvent_vdw_probe_radii             1.200 
_refine.pdbx_solvent_ion_probe_radii             0.800 
_refine.pdbx_solvent_shrinkage_radii             0.800 
_refine.pdbx_method_to_determine_struct          MAD 
_refine.pdbx_stereochemistry_target_values       'MAXIMUM LIKELIHOOD WITH PHASES' 
_refine.pdbx_ls_sigma_I                          ? 
_refine.ls_number_reflns_all                     ? 
_refine.ls_R_factor_all                          ? 
_refine.ls_redundancy_reflns_obs                 ? 
_refine.pdbx_data_cutoff_high_absF               ? 
_refine.pdbx_data_cutoff_low_absF                ? 
_refine.ls_number_parameters                     ? 
_refine.ls_number_restraints                     ? 
_refine.ls_R_factor_R_free_error                 ? 
_refine.ls_R_factor_R_free_error_details         ? 
_refine.pdbx_starting_model                      ? 
_refine.pdbx_stereochem_target_val_spec_case     ? 
_refine.solvent_model_param_bsol                 ? 
_refine.solvent_model_param_ksol                 ? 
_refine.occupancy_max                            ? 
_refine.occupancy_min                            ? 
_refine.pdbx_isotropic_thermal_model             ? 
_refine.B_iso_min                                ? 
_refine.B_iso_max                                ? 
_refine.overall_SU_R_Cruickshank_DPI             ? 
_refine.overall_SU_R_free                        ? 
_refine.pdbx_data_cutoff_high_rms_absF           ? 
_refine.ls_wR_factor_R_free                      ? 
_refine.ls_wR_factor_R_work                      ? 
_refine.overall_FOM_free_R_set                   ? 
_refine.overall_FOM_work_R_set                   ? 
_refine.pdbx_overall_phase_error                 ? 
_refine.pdbx_refine_id                           'X-RAY DIFFRACTION' 
_refine.pdbx_TLS_residual_ADP_flag               'LIKELY RESIDUAL' 
_refine.pdbx_diffrn_id                           1 
_refine.pdbx_overall_SU_R_free_Cruickshank_DPI   ? 
_refine.pdbx_overall_SU_R_Blow_DPI               ? 
_refine.pdbx_overall_SU_R_free_Blow_DPI          ? 
# 
_refine_hist.pdbx_refine_id                   'X-RAY DIFFRACTION' 
_refine_hist.cycle_id                         LAST 
_refine_hist.pdbx_number_atoms_protein        1093 
_refine_hist.pdbx_number_atoms_nucleic_acid   0 
_refine_hist.pdbx_number_atoms_ligand         27 
_refine_hist.number_atoms_solvent             28 
_refine_hist.number_atoms_total               1148 
_refine_hist.d_res_high                       2.100 
_refine_hist.d_res_low                        26.528 
# 
loop_
_refine_ls_restr.type 
_refine_ls_restr.number 
_refine_ls_restr.dev_ideal 
_refine_ls_restr.dev_ideal_target 
_refine_ls_restr.weight 
_refine_ls_restr.pdbx_refine_id 
_refine_ls_restr.pdbx_restraint_function 
r_bond_refined_d       1158 0.015  0.021  ? 'X-RAY DIFFRACTION' ? 
r_bond_other_d         806  0.003  0.020  ? 'X-RAY DIFFRACTION' ? 
r_angle_refined_deg    1570 1.918  1.947  ? 'X-RAY DIFFRACTION' ? 
r_angle_other_deg      1951 1.558  3.000  ? 'X-RAY DIFFRACTION' ? 
r_dihedral_angle_1_deg 134  2.362  5.000  ? 'X-RAY DIFFRACTION' ? 
r_dihedral_angle_2_deg 62   28.207 23.387 ? 'X-RAY DIFFRACTION' ? 
r_dihedral_angle_3_deg 181  11.879 15.000 ? 'X-RAY DIFFRACTION' ? 
r_dihedral_angle_4_deg 8    11.773 15.000 ? 'X-RAY DIFFRACTION' ? 
r_chiral_restr         163  0.109  0.200  ? 'X-RAY DIFFRACTION' ? 
r_gen_planes_refined   1278 0.007  0.021  ? 'X-RAY DIFFRACTION' ? 
r_gen_planes_other     251  0.003  0.020  ? 'X-RAY DIFFRACTION' ? 
r_mcbond_it            665  1.201  2.000  ? 'X-RAY DIFFRACTION' ? 
r_mcbond_other         269  0.244  2.000  ? 'X-RAY DIFFRACTION' ? 
r_mcangle_it           1071 2.184  4.000  ? 'X-RAY DIFFRACTION' ? 
r_scbond_it            493  4.231  6.000  ? 'X-RAY DIFFRACTION' ? 
r_scangle_it           498  6.126  8.000  ? 'X-RAY DIFFRACTION' ? 
# 
_refine_ls_shell.d_res_high                       2.10 
_refine_ls_shell.d_res_low                        2.16 
_refine_ls_shell.pdbx_total_number_of_bins_used   20 
_refine_ls_shell.percent_reflns_obs               98.010 
_refine_ls_shell.number_reflns_R_work             647 
_refine_ls_shell.R_factor_all                     ? 
_refine_ls_shell.R_factor_R_work                  0.279 
_refine_ls_shell.R_factor_R_free                  0.273 
_refine_ls_shell.percent_reflns_R_free            ? 
_refine_ls_shell.number_reflns_R_free             42 
_refine_ls_shell.R_factor_R_free_error            ? 
_refine_ls_shell.number_reflns_all                689 
_refine_ls_shell.number_reflns_obs                ? 
_refine_ls_shell.redundancy_reflns_obs            ? 
_refine_ls_shell.pdbx_refine_id                   'X-RAY DIFFRACTION' 
# 
_struct.entry_id                  3CT8 
_struct.title                     
'Crystal structure of a putative glyoxalase (NP_243026.1) from Bacillus halodurans at 2.10 A resolution' 
_struct.pdbx_model_details        ? 
_struct.pdbx_CASP_flag            ? 
_struct.pdbx_model_type_details   ? 
# 
_struct_keywords.text            
;NP_243026.1, Putative Glyoxalase, Glyoxalase/Bleomycin resistance protein/Dioxygenase superfamily, Structural Genomics, Joint Center for Structural Genomics, JCSG, Protein Structure Initiative, PSI-2, LYASE
;
_struct_keywords.pdbx_keywords   LYASE 
_struct_keywords.entry_id        3CT8 
# 
loop_
_struct_asym.id 
_struct_asym.pdbx_blank_PDB_chainid_flag 
_struct_asym.pdbx_modified 
_struct_asym.entity_id 
_struct_asym.details 
A N N 1 ? 
B N N 2 ? 
C N N 3 ? 
D N N 4 ? 
# 
_struct_ref.id                         1 
_struct_ref.db_name                    UNP 
_struct_ref.db_code                    Q9KAX6_BACHD 
_struct_ref.pdbx_db_accession          Q9KAX6 
_struct_ref.entity_id                  1 
_struct_ref.pdbx_seq_one_letter_code   
;MLHHVEINVDHLEESIAFWDWLLGELGYEDYQSWSRGKSYKHGKTYLVFVQTEDRFQTPTFHRKRTGLNHLAFHAASREK
VDELTQKLKERGDPILYEDRHPFAGGPNHYAVFCEDPNRIKVEIVAP
;
_struct_ref.pdbx_align_begin           1 
_struct_ref.pdbx_db_isoform            ? 
# 
_struct_ref_seq.align_id                      1 
_struct_ref_seq.ref_id                        1 
_struct_ref_seq.pdbx_PDB_id_code              3CT8 
_struct_ref_seq.pdbx_strand_id                A 
_struct_ref_seq.seq_align_beg                 20 
_struct_ref_seq.pdbx_seq_align_beg_ins_code   ? 
_struct_ref_seq.seq_align_end                 146 
_struct_ref_seq.pdbx_seq_align_end_ins_code   ? 
_struct_ref_seq.pdbx_db_accession             Q9KAX6 
_struct_ref_seq.db_align_beg                  1 
_struct_ref_seq.pdbx_db_align_beg_ins_code    ? 
_struct_ref_seq.db_align_end                  127 
_struct_ref_seq.pdbx_db_align_end_ins_code    ? 
_struct_ref_seq.pdbx_auth_seq_align_beg       1 
_struct_ref_seq.pdbx_auth_seq_align_end       127 
# 
loop_
_struct_ref_seq_dif.align_id 
_struct_ref_seq_dif.pdbx_pdb_id_code 
_struct_ref_seq_dif.mon_id 
_struct_ref_seq_dif.pdbx_pdb_strand_id 
_struct_ref_seq_dif.seq_num 
_struct_ref_seq_dif.pdbx_pdb_ins_code 
_struct_ref_seq_dif.pdbx_seq_db_name 
_struct_ref_seq_dif.pdbx_seq_db_accession_code 
_struct_ref_seq_dif.db_mon_id 
_struct_ref_seq_dif.pdbx_seq_db_seq_num 
_struct_ref_seq_dif.details 
_struct_ref_seq_dif.pdbx_auth_seq_num 
_struct_ref_seq_dif.pdbx_ordinal 
1 3CT8 MSE A 1  ? UNP Q9KAX6 ? ? 'expression tag' -18 1  
1 3CT8 GLY A 2  ? UNP Q9KAX6 ? ? 'expression tag' -17 2  
1 3CT8 SER A 3  ? UNP Q9KAX6 ? ? 'expression tag' -16 3  
1 3CT8 ASP A 4  ? UNP Q9KAX6 ? ? 'expression tag' -15 4  
1 3CT8 LYS A 5  ? UNP Q9KAX6 ? ? 'expression tag' -14 5  
1 3CT8 ILE A 6  ? UNP Q9KAX6 ? ? 'expression tag' -13 6  
1 3CT8 HIS A 7  ? UNP Q9KAX6 ? ? 'expression tag' -12 7  
1 3CT8 HIS A 8  ? UNP Q9KAX6 ? ? 'expression tag' -11 8  
1 3CT8 HIS A 9  ? UNP Q9KAX6 ? ? 'expression tag' -10 9  
1 3CT8 HIS A 10 ? UNP Q9KAX6 ? ? 'expression tag' -9  10 
1 3CT8 HIS A 11 ? UNP Q9KAX6 ? ? 'expression tag' -8  11 
1 3CT8 HIS A 12 ? UNP Q9KAX6 ? ? 'expression tag' -7  12 
1 3CT8 GLU A 13 ? UNP Q9KAX6 ? ? 'expression tag' -6  13 
1 3CT8 ASN A 14 ? UNP Q9KAX6 ? ? 'expression tag' -5  14 
1 3CT8 LEU A 15 ? UNP Q9KAX6 ? ? 'expression tag' -4  15 
1 3CT8 TYR A 16 ? UNP Q9KAX6 ? ? 'expression tag' -3  16 
1 3CT8 PHE A 17 ? UNP Q9KAX6 ? ? 'expression tag' -2  17 
1 3CT8 GLN A 18 ? UNP Q9KAX6 ? ? 'expression tag' -1  18 
1 3CT8 GLY A 19 ? UNP Q9KAX6 ? ? 'expression tag' 0   19 
# 
_pdbx_struct_assembly.id                   1 
_pdbx_struct_assembly.details              author_and_software_defined_assembly 
_pdbx_struct_assembly.method_details       PISA 
_pdbx_struct_assembly.oligomeric_details   dimeric 
_pdbx_struct_assembly.oligomeric_count     2 
# 
loop_
_pdbx_struct_assembly_prop.biol_id 
_pdbx_struct_assembly_prop.type 
_pdbx_struct_assembly_prop.value 
_pdbx_struct_assembly_prop.details 
1 'ABSA (A^2)' 4290  ? 
1 MORE         -18.5 ? 
1 'SSA (A^2)'  12250 ? 
# 
_pdbx_struct_assembly_gen.assembly_id       1 
_pdbx_struct_assembly_gen.oper_expression   1,2 
_pdbx_struct_assembly_gen.asym_id_list      A,B,C,D 
# 
loop_
_pdbx_struct_assembly_auth_evidence.id 
_pdbx_struct_assembly_auth_evidence.assembly_id 
_pdbx_struct_assembly_auth_evidence.experimental_support 
_pdbx_struct_assembly_auth_evidence.details 
1 1 'gel filtration'   ? 
2 1 'light scattering' ? 
# 
loop_
_pdbx_struct_oper_list.id 
_pdbx_struct_oper_list.type 
_pdbx_struct_oper_list.name 
_pdbx_struct_oper_list.symmetry_operation 
_pdbx_struct_oper_list.matrix[1][1] 
_pdbx_struct_oper_list.matrix[1][2] 
_pdbx_struct_oper_list.matrix[1][3] 
_pdbx_struct_oper_list.vector[1] 
_pdbx_struct_oper_list.matrix[2][1] 
_pdbx_struct_oper_list.matrix[2][2] 
_pdbx_struct_oper_list.matrix[2][3] 
_pdbx_struct_oper_list.vector[2] 
_pdbx_struct_oper_list.matrix[3][1] 
_pdbx_struct_oper_list.matrix[3][2] 
_pdbx_struct_oper_list.matrix[3][3] 
_pdbx_struct_oper_list.vector[3] 
1 'identity operation'         1_555 x,y,z            1.0000000000  0.0000000000  0.0000000000  0.0000000000  0.0000000000  1.0000000000  0.0000000000 0.0000000000 0.0000000000  0.0000000000 1.0000000000  0.0000000000   
2 'crystal symmetry operation' 8_665 -y+1,-x+1,-z+1/2 -0.4383301791 -0.6901870208 -0.5757677747 -4.9441959113 -0.6901870208 -0.1518894091 0.7075107658 8.9909915142 -0.5757677747 0.7075107658 -0.4097804118 -15.6008579740 
# 
_struct_biol.id        1 
_struct_biol.details   
;SIZE EXCLUSION CHROMATOGRAPHY WITH STATIC LIGHT SCATTERING SUPPORTS THE ASSIGNMENT OF A DIMER AS THE SIGNIFICANT OLIGOMERIZATION STATE.
;
# 
loop_
_struct_conf.conf_type_id 
_struct_conf.id 
_struct_conf.pdbx_PDB_helix_id 
_struct_conf.beg_label_comp_id 
_struct_conf.beg_label_asym_id 
_struct_conf.beg_label_seq_id 
_struct_conf.pdbx_beg_PDB_ins_code 
_struct_conf.end_label_comp_id 
_struct_conf.end_label_asym_id 
_struct_conf.end_label_seq_id 
_struct_conf.pdbx_end_PDB_ins_code 
_struct_conf.beg_auth_comp_id 
_struct_conf.beg_auth_asym_id 
_struct_conf.beg_auth_seq_id 
_struct_conf.end_auth_comp_id 
_struct_conf.end_auth_asym_id 
_struct_conf.end_auth_seq_id 
_struct_conf.pdbx_PDB_helix_class 
_struct_conf.details 
_struct_conf.pdbx_PDB_helix_length 
HELX_P HELX_P1 1 HIS A 30 ? LEU A 45  ? HIS A 11 LEU A 26 1 ? 16 
HELX_P HELX_P2 2 GLU A 72 ? GLN A 76  ? GLU A 53 GLN A 57 5 ? 5  
HELX_P HELX_P3 3 SER A 96 ? GLY A 111 ? SER A 77 GLY A 92 1 ? 16 
# 
_struct_conf_type.id          HELX_P 
_struct_conf_type.criteria    ? 
_struct_conf_type.reference   ? 
# 
loop_
_struct_conn.id 
_struct_conn.conn_type_id 
_struct_conn.pdbx_leaving_atom_flag 
_struct_conn.pdbx_PDB_id 
_struct_conn.ptnr1_label_asym_id 
_struct_conn.ptnr1_label_comp_id 
_struct_conn.ptnr1_label_seq_id 
_struct_conn.ptnr1_label_atom_id 
_struct_conn.pdbx_ptnr1_label_alt_id 
_struct_conn.pdbx_ptnr1_PDB_ins_code 
_struct_conn.pdbx_ptnr1_standard_comp_id 
_struct_conn.ptnr1_symmetry 
_struct_conn.ptnr2_label_asym_id 
_struct_conn.ptnr2_label_comp_id 
_struct_conn.ptnr2_label_seq_id 
_struct_conn.ptnr2_label_atom_id 
_struct_conn.pdbx_ptnr2_label_alt_id 
_struct_conn.pdbx_ptnr2_PDB_ins_code 
_struct_conn.ptnr1_auth_asym_id 
_struct_conn.ptnr1_auth_comp_id 
_struct_conn.ptnr1_auth_seq_id 
_struct_conn.ptnr2_auth_asym_id 
_struct_conn.ptnr2_auth_comp_id 
_struct_conn.ptnr2_auth_seq_id 
_struct_conn.ptnr2_symmetry 
_struct_conn.pdbx_ptnr3_label_atom_id 
_struct_conn.pdbx_ptnr3_label_seq_id 
_struct_conn.pdbx_ptnr3_label_comp_id 
_struct_conn.pdbx_ptnr3_label_asym_id 
_struct_conn.pdbx_ptnr3_label_alt_id 
_struct_conn.pdbx_ptnr3_PDB_ins_code 
_struct_conn.details 
_struct_conn.pdbx_dist_value 
_struct_conn.pdbx_value_order 
_struct_conn.pdbx_role 
covale1 covale both ? A GLY 19  C   ? ? ? 1_555 A MSE 20 N  ? ? A GLY 0   A MSE 1   1_555 ? ? ? ? ? ? ? 1.321 ? ? 
covale2 covale both ? A MSE 20  C   ? ? ? 1_555 A LEU 21 N  ? ? A MSE 1   A LEU 2   1_555 ? ? ? ? ? ? ? 1.308 ? ? 
metalc1 metalc ?    ? A HIS 89  NE2 ? ? ? 1_555 B ZN  .  ZN ? ? A HIS 70  A ZN  128 1_555 ? ? ? ? ? ? ? 2.309 ? ? 
metalc2 metalc ?    ? A GLU 142 OE1 ? ? ? 1_555 B ZN  .  ZN ? ? A GLU 123 A ZN  128 1_555 ? ? ? ? ? ? ? 2.124 ? ? 
metalc3 metalc ?    ? B ZN  .   ZN  ? ? ? 1_555 C UNL .  O1 ? ? A ZN  128 A UNL 129 1_555 ? ? ? ? ? ? ? 2.358 ? ? 
# 
loop_
_struct_conn_type.id 
_struct_conn_type.criteria 
_struct_conn_type.reference 
covale ? ? 
metalc ? ? 
# 
loop_
_pdbx_struct_conn_angle.id 
_pdbx_struct_conn_angle.ptnr1_label_atom_id 
_pdbx_struct_conn_angle.ptnr1_label_alt_id 
_pdbx_struct_conn_angle.ptnr1_label_asym_id 
_pdbx_struct_conn_angle.ptnr1_label_comp_id 
_pdbx_struct_conn_angle.ptnr1_label_seq_id 
_pdbx_struct_conn_angle.ptnr1_auth_atom_id 
_pdbx_struct_conn_angle.ptnr1_auth_asym_id 
_pdbx_struct_conn_angle.ptnr1_auth_comp_id 
_pdbx_struct_conn_angle.ptnr1_auth_seq_id 
_pdbx_struct_conn_angle.ptnr1_PDB_ins_code 
_pdbx_struct_conn_angle.ptnr1_symmetry 
_pdbx_struct_conn_angle.ptnr2_label_atom_id 
_pdbx_struct_conn_angle.ptnr2_label_alt_id 
_pdbx_struct_conn_angle.ptnr2_label_asym_id 
_pdbx_struct_conn_angle.ptnr2_label_comp_id 
_pdbx_struct_conn_angle.ptnr2_label_seq_id 
_pdbx_struct_conn_angle.ptnr2_auth_atom_id 
_pdbx_struct_conn_angle.ptnr2_auth_asym_id 
_pdbx_struct_conn_angle.ptnr2_auth_comp_id 
_pdbx_struct_conn_angle.ptnr2_auth_seq_id 
_pdbx_struct_conn_angle.ptnr2_PDB_ins_code 
_pdbx_struct_conn_angle.ptnr2_symmetry 
_pdbx_struct_conn_angle.ptnr3_label_atom_id 
_pdbx_struct_conn_angle.ptnr3_label_alt_id 
_pdbx_struct_conn_angle.ptnr3_label_asym_id 
_pdbx_struct_conn_angle.ptnr3_label_comp_id 
_pdbx_struct_conn_angle.ptnr3_label_seq_id 
_pdbx_struct_conn_angle.ptnr3_auth_atom_id 
_pdbx_struct_conn_angle.ptnr3_auth_asym_id 
_pdbx_struct_conn_angle.ptnr3_auth_comp_id 
_pdbx_struct_conn_angle.ptnr3_auth_seq_id 
_pdbx_struct_conn_angle.ptnr3_PDB_ins_code 
_pdbx_struct_conn_angle.ptnr3_symmetry 
_pdbx_struct_conn_angle.value 
_pdbx_struct_conn_angle.value_esd 
1 NE2 ? A HIS 89  ? A HIS 70  ? 1_555 ZN ? B ZN . ? A ZN 128 ? 1_555 OE1 ? A GLU 142 ? A GLU 123 ? 1_555 95.4  ? 
2 NE2 ? A HIS 89  ? A HIS 70  ? 1_555 ZN ? B ZN . ? A ZN 128 ? 1_555 O1  ? C UNL .   ? A UNL 129 ? 1_555 120.3 ? 
3 OE1 ? A GLU 142 ? A GLU 123 ? 1_555 ZN ? B ZN . ? A ZN 128 ? 1_555 O1  ? C UNL .   ? A UNL 129 ? 1_555 112.1 ? 
# 
_pdbx_modification_feature.ordinal                            1 
_pdbx_modification_feature.label_comp_id                      MSE 
_pdbx_modification_feature.label_asym_id                      A 
_pdbx_modification_feature.label_seq_id                       20 
_pdbx_modification_feature.label_alt_id                       ? 
_pdbx_modification_feature.modified_residue_label_comp_id     . 
_pdbx_modification_feature.modified_residue_label_asym_id     . 
_pdbx_modification_feature.modified_residue_label_seq_id      . 
_pdbx_modification_feature.modified_residue_label_alt_id      . 
_pdbx_modification_feature.auth_comp_id                       MSE 
_pdbx_modification_feature.auth_asym_id                       A 
_pdbx_modification_feature.auth_seq_id                        1 
_pdbx_modification_feature.PDB_ins_code                       ? 
_pdbx_modification_feature.symmetry                           1_555 
_pdbx_modification_feature.modified_residue_auth_comp_id      . 
_pdbx_modification_feature.modified_residue_auth_asym_id      . 
_pdbx_modification_feature.modified_residue_auth_seq_id       . 
_pdbx_modification_feature.modified_residue_PDB_ins_code      . 
_pdbx_modification_feature.modified_residue_symmetry          . 
_pdbx_modification_feature.comp_id_linking_atom               . 
_pdbx_modification_feature.modified_residue_id_linking_atom   . 
_pdbx_modification_feature.modified_residue_id                MET 
_pdbx_modification_feature.ref_pcm_id                         1 
_pdbx_modification_feature.ref_comp_id                        MSE 
_pdbx_modification_feature.type                               Selenomethionine 
_pdbx_modification_feature.category                           'Named protein modification' 
# 
loop_
_struct_mon_prot_cis.pdbx_id 
_struct_mon_prot_cis.label_comp_id 
_struct_mon_prot_cis.label_seq_id 
_struct_mon_prot_cis.label_asym_id 
_struct_mon_prot_cis.label_alt_id 
_struct_mon_prot_cis.pdbx_PDB_ins_code 
_struct_mon_prot_cis.auth_comp_id 
_struct_mon_prot_cis.auth_seq_id 
_struct_mon_prot_cis.auth_asym_id 
_struct_mon_prot_cis.pdbx_label_comp_id_2 
_struct_mon_prot_cis.pdbx_label_seq_id_2 
_struct_mon_prot_cis.pdbx_label_asym_id_2 
_struct_mon_prot_cis.pdbx_PDB_ins_code_2 
_struct_mon_prot_cis.pdbx_auth_comp_id_2 
_struct_mon_prot_cis.pdbx_auth_seq_id_2 
_struct_mon_prot_cis.pdbx_auth_asym_id_2 
_struct_mon_prot_cis.pdbx_PDB_model_num 
_struct_mon_prot_cis.pdbx_omega_angle 
1 THR 77  A . ? THR 58  A PRO 78  A ? PRO 59  A 1 -0.88 
2 HIS 120 A . ? HIS 101 A PRO 121 A ? PRO 102 A 1 0.36  
# 
loop_
_struct_sheet.id 
_struct_sheet.type 
_struct_sheet.number_strands 
_struct_sheet.details 
A ? 4 ? 
B ? 3 ? 
# 
loop_
_struct_sheet_order.sheet_id 
_struct_sheet_order.range_id_1 
_struct_sheet_order.range_id_2 
_struct_sheet_order.offset 
_struct_sheet_order.sense 
A 1 2 ? parallel      
A 2 3 ? anti-parallel 
A 3 4 ? anti-parallel 
B 1 2 ? parallel      
B 2 3 ? anti-parallel 
# 
loop_
_struct_sheet_range.sheet_id 
_struct_sheet_range.id 
_struct_sheet_range.beg_label_comp_id 
_struct_sheet_range.beg_label_asym_id 
_struct_sheet_range.beg_label_seq_id 
_struct_sheet_range.pdbx_beg_PDB_ins_code 
_struct_sheet_range.end_label_comp_id 
_struct_sheet_range.end_label_asym_id 
_struct_sheet_range.end_label_seq_id 
_struct_sheet_range.pdbx_end_PDB_ins_code 
_struct_sheet_range.beg_auth_comp_id 
_struct_sheet_range.beg_auth_asym_id 
_struct_sheet_range.beg_auth_seq_id 
_struct_sheet_range.end_auth_comp_id 
_struct_sheet_range.end_auth_asym_id 
_struct_sheet_range.end_auth_seq_id 
A 1 HIS A 23  ? VAL A 28  ? HIS A 4   VAL A 9   
A 2 THR A 64  ? GLN A 70  ? THR A 45  GLN A 51  
A 3 GLY A 56  ? HIS A 61  ? GLY A 37  HIS A 42  
A 4 GLU A 48  ? TRP A 53  ? GLU A 29  TRP A 34  
B 1 HIS A 89  ? HIS A 93  ? HIS A 70  HIS A 74  
B 2 LYS A 140 ? VAL A 144 ? LYS A 121 VAL A 125 
B 3 ALA A 130 ? GLU A 134 ? ALA A 111 GLU A 115 
# 
loop_
_pdbx_struct_sheet_hbond.sheet_id 
_pdbx_struct_sheet_hbond.range_id_1 
_pdbx_struct_sheet_hbond.range_id_2 
_pdbx_struct_sheet_hbond.range_1_label_atom_id 
_pdbx_struct_sheet_hbond.range_1_label_comp_id 
_pdbx_struct_sheet_hbond.range_1_label_asym_id 
_pdbx_struct_sheet_hbond.range_1_label_seq_id 
_pdbx_struct_sheet_hbond.range_1_PDB_ins_code 
_pdbx_struct_sheet_hbond.range_1_auth_atom_id 
_pdbx_struct_sheet_hbond.range_1_auth_comp_id 
_pdbx_struct_sheet_hbond.range_1_auth_asym_id 
_pdbx_struct_sheet_hbond.range_1_auth_seq_id 
_pdbx_struct_sheet_hbond.range_2_label_atom_id 
_pdbx_struct_sheet_hbond.range_2_label_comp_id 
_pdbx_struct_sheet_hbond.range_2_label_asym_id 
_pdbx_struct_sheet_hbond.range_2_label_seq_id 
_pdbx_struct_sheet_hbond.range_2_PDB_ins_code 
_pdbx_struct_sheet_hbond.range_2_auth_atom_id 
_pdbx_struct_sheet_hbond.range_2_auth_comp_id 
_pdbx_struct_sheet_hbond.range_2_auth_asym_id 
_pdbx_struct_sheet_hbond.range_2_auth_seq_id 
A 1 2 N VAL A 28  ? N VAL A 9   O VAL A 69  ? O VAL A 50  
A 2 3 O PHE A 68  ? O PHE A 49  N LYS A 57  ? N LYS A 38  
A 3 4 O LYS A 60  ? O LYS A 41  N GLU A 48  ? N GLU A 29  
B 1 2 N PHE A 92  ? N PHE A 73  O VAL A 144 ? O VAL A 125 
B 2 3 O VAL A 141 ? O VAL A 122 N CYS A 133 ? N CYS A 114 
# 
loop_
_struct_site.id 
_struct_site.pdbx_evidence_code 
_struct_site.pdbx_auth_asym_id 
_struct_site.pdbx_auth_comp_id 
_struct_site.pdbx_auth_seq_id 
_struct_site.pdbx_auth_ins_code 
_struct_site.pdbx_num_residues 
_struct_site.details 
AC1 Software A ZN  128 ? 3 'BINDING SITE FOR RESIDUE ZN A 128'  
AC2 Software A UNL 129 ? 7 'BINDING SITE FOR RESIDUE UNL A 129' 
# 
loop_
_struct_site_gen.id 
_struct_site_gen.site_id 
_struct_site_gen.pdbx_num_res 
_struct_site_gen.label_comp_id 
_struct_site_gen.label_asym_id 
_struct_site_gen.label_seq_id 
_struct_site_gen.pdbx_auth_ins_code 
_struct_site_gen.auth_comp_id 
_struct_site_gen.auth_asym_id 
_struct_site_gen.auth_seq_id 
_struct_site_gen.label_atom_id 
_struct_site_gen.label_alt_id 
_struct_site_gen.symmetry 
_struct_site_gen.details 
1  AC1 3 HIS A 23  ? HIS A 4   . ? 8_665 ? 
2  AC1 3 HIS A 89  ? HIS A 70  . ? 1_555 ? 
3  AC1 3 GLU A 142 ? GLU A 123 . ? 1_555 ? 
4  AC2 7 HIS A 81  ? HIS A 62  . ? 1_555 ? 
5  AC2 7 ARG A 82  ? ARG A 63  . ? 1_555 ? 
6  AC2 7 LYS A 83  ? LYS A 64  . ? 1_555 ? 
7  AC2 7 ASN A 88  ? ASN A 69  . ? 1_555 ? 
8  AC2 7 TYR A 116 ? TYR A 97  . ? 1_555 ? 
9  AC2 7 PHE A 132 ? PHE A 113 . ? 1_555 ? 
10 AC2 7 LYS A 140 ? LYS A 121 . ? 1_555 ? 
# 
_pdbx_entry_details.entry_id                   3CT8 
_pdbx_entry_details.sequence_details           
;THE CONSTRUCT WAS EXPRESSED WITH A PURIFICATION
TAG MGSDKIHHHHHHENLYFQG.
;
_pdbx_entry_details.compound_details           ? 
_pdbx_entry_details.source_details             ? 
_pdbx_entry_details.nonpolymer_details         ? 
_pdbx_entry_details.has_ligand_of_interest     ? 
_pdbx_entry_details.has_protein_modification   Y 
# 
loop_
_pdbx_validate_torsion.id 
_pdbx_validate_torsion.PDB_model_num 
_pdbx_validate_torsion.auth_comp_id 
_pdbx_validate_torsion.auth_asym_id 
_pdbx_validate_torsion.auth_seq_id 
_pdbx_validate_torsion.PDB_ins_code 
_pdbx_validate_torsion.label_alt_id 
_pdbx_validate_torsion.phi 
_pdbx_validate_torsion.psi 
1 1 TYR A 31 ? ? -109.21 -74.45 
2 1 ARG A 55 ? ? -59.38  -4.14  
# 
_pdbx_SG_project.project_name          'PSI, Protein Structure Initiative' 
_pdbx_SG_project.full_name_of_center   'Joint Center for Structural Genomics' 
_pdbx_SG_project.id                    1 
_pdbx_SG_project.initial_of_center     JCSG 
# 
_pdbx_struct_mod_residue.id               1 
_pdbx_struct_mod_residue.label_asym_id    A 
_pdbx_struct_mod_residue.label_comp_id    MSE 
_pdbx_struct_mod_residue.label_seq_id     20 
_pdbx_struct_mod_residue.auth_asym_id     A 
_pdbx_struct_mod_residue.auth_comp_id     MSE 
_pdbx_struct_mod_residue.auth_seq_id      1 
_pdbx_struct_mod_residue.PDB_ins_code     ? 
_pdbx_struct_mod_residue.parent_comp_id   MET 
_pdbx_struct_mod_residue.details          SELENOMETHIONINE 
# 
_pdbx_struct_special_symmetry.id              1 
_pdbx_struct_special_symmetry.PDB_model_num   1 
_pdbx_struct_special_symmetry.auth_asym_id    A 
_pdbx_struct_special_symmetry.auth_comp_id    HOH 
_pdbx_struct_special_symmetry.auth_seq_id     134 
_pdbx_struct_special_symmetry.PDB_ins_code    ? 
_pdbx_struct_special_symmetry.label_asym_id   D 
_pdbx_struct_special_symmetry.label_comp_id   HOH 
_pdbx_struct_special_symmetry.label_seq_id    . 
# 
_pdbx_refine_tls.id               1 
_pdbx_refine_tls.details          ? 
_pdbx_refine_tls.method           refined 
_pdbx_refine_tls.origin_x         -0.2116 
_pdbx_refine_tls.origin_y         0.3912 
_pdbx_refine_tls.origin_z         0.4028 
_pdbx_refine_tls.T[1][1]          0.0156 
_pdbx_refine_tls.T[2][2]          -0.0262 
_pdbx_refine_tls.T[3][3]          -0.0864 
_pdbx_refine_tls.T[1][2]          0.0136 
_pdbx_refine_tls.T[1][3]          0.0561 
_pdbx_refine_tls.T[2][3]          0.0143 
_pdbx_refine_tls.L[1][1]          2.8254 
_pdbx_refine_tls.L[2][2]          3.9467 
_pdbx_refine_tls.L[3][3]          2.3683 
_pdbx_refine_tls.L[1][2]          0.0532 
_pdbx_refine_tls.L[1][3]          -0.2320 
_pdbx_refine_tls.L[2][3]          -0.3792 
_pdbx_refine_tls.S[1][1]          0.1425 
_pdbx_refine_tls.S[2][2]          0.0421 
_pdbx_refine_tls.S[3][3]          -0.1845 
_pdbx_refine_tls.S[1][2]          -0.4254 
_pdbx_refine_tls.S[1][3]          -0.2353 
_pdbx_refine_tls.S[2][3]          0.2121 
_pdbx_refine_tls.S[2][1]          0.6387 
_pdbx_refine_tls.S[3][1]          -0.2745 
_pdbx_refine_tls.S[3][2]          0.2090 
_pdbx_refine_tls.pdbx_refine_id   'X-RAY DIFFRACTION' 
# 
_pdbx_refine_tls_group.id                  1 
_pdbx_refine_tls_group.refine_tls_id       1 
_pdbx_refine_tls_group.beg_label_asym_id   A 
_pdbx_refine_tls_group.beg_label_seq_id    14 
_pdbx_refine_tls_group.end_label_asym_id   A 
_pdbx_refine_tls_group.end_label_seq_id    146 
_pdbx_refine_tls_group.selection           ? 
_pdbx_refine_tls_group.beg_auth_asym_id    A 
_pdbx_refine_tls_group.beg_auth_seq_id     -5 
_pdbx_refine_tls_group.end_auth_asym_id    A 
_pdbx_refine_tls_group.end_auth_seq_id     127 
_pdbx_refine_tls_group.pdbx_refine_id      'X-RAY DIFFRACTION' 
_pdbx_refine_tls_group.selection_details   ? 
# 
_phasing.method   MAD 
# 
loop_
_pdbx_unobs_or_zero_occ_residues.id 
_pdbx_unobs_or_zero_occ_residues.PDB_model_num 
_pdbx_unobs_or_zero_occ_residues.polymer_flag 
_pdbx_unobs_or_zero_occ_residues.occupancy_flag 
_pdbx_unobs_or_zero_occ_residues.auth_asym_id 
_pdbx_unobs_or_zero_occ_residues.auth_comp_id 
_pdbx_unobs_or_zero_occ_residues.auth_seq_id 
_pdbx_unobs_or_zero_occ_residues.PDB_ins_code 
_pdbx_unobs_or_zero_occ_residues.label_asym_id 
_pdbx_unobs_or_zero_occ_residues.label_comp_id 
_pdbx_unobs_or_zero_occ_residues.label_seq_id 
1  1 Y 1 A MSE -18 ? A MSE 1  
2  1 Y 1 A GLY -17 ? A GLY 2  
3  1 Y 1 A SER -16 ? A SER 3  
4  1 Y 1 A ASP -15 ? A ASP 4  
5  1 Y 1 A LYS -14 ? A LYS 5  
6  1 Y 1 A ILE -13 ? A ILE 6  
7  1 Y 1 A HIS -12 ? A HIS 7  
8  1 Y 1 A HIS -11 ? A HIS 8  
9  1 Y 1 A HIS -10 ? A HIS 9  
10 1 Y 1 A HIS -9  ? A HIS 10 
11 1 Y 1 A HIS -8  ? A HIS 11 
12 1 Y 1 A HIS -7  ? A HIS 12 
13 1 Y 1 A GLU -6  ? A GLU 13 
# 
loop_
_chem_comp_atom.comp_id 
_chem_comp_atom.atom_id 
_chem_comp_atom.type_symbol 
_chem_comp_atom.pdbx_aromatic_flag 
_chem_comp_atom.pdbx_stereo_config 
_chem_comp_atom.pdbx_ordinal 
ALA N    N  N N 1   
ALA CA   C  N S 2   
ALA C    C  N N 3   
ALA O    O  N N 4   
ALA CB   C  N N 5   
ALA OXT  O  N N 6   
ALA H    H  N N 7   
ALA H2   H  N N 8   
ALA HA   H  N N 9   
ALA HB1  H  N N 10  
ALA HB2  H  N N 11  
ALA HB3  H  N N 12  
ALA HXT  H  N N 13  
ARG N    N  N N 14  
ARG CA   C  N S 15  
ARG C    C  N N 16  
ARG O    O  N N 17  
ARG CB   C  N N 18  
ARG CG   C  N N 19  
ARG CD   C  N N 20  
ARG NE   N  N N 21  
ARG CZ   C  N N 22  
ARG NH1  N  N N 23  
ARG NH2  N  N N 24  
ARG OXT  O  N N 25  
ARG H    H  N N 26  
ARG H2   H  N N 27  
ARG HA   H  N N 28  
ARG HB2  H  N N 29  
ARG HB3  H  N N 30  
ARG HG2  H  N N 31  
ARG HG3  H  N N 32  
ARG HD2  H  N N 33  
ARG HD3  H  N N 34  
ARG HE   H  N N 35  
ARG HH11 H  N N 36  
ARG HH12 H  N N 37  
ARG HH21 H  N N 38  
ARG HH22 H  N N 39  
ARG HXT  H  N N 40  
ASN N    N  N N 41  
ASN CA   C  N S 42  
ASN C    C  N N 43  
ASN O    O  N N 44  
ASN CB   C  N N 45  
ASN CG   C  N N 46  
ASN OD1  O  N N 47  
ASN ND2  N  N N 48  
ASN OXT  O  N N 49  
ASN H    H  N N 50  
ASN H2   H  N N 51  
ASN HA   H  N N 52  
ASN HB2  H  N N 53  
ASN HB3  H  N N 54  
ASN HD21 H  N N 55  
ASN HD22 H  N N 56  
ASN HXT  H  N N 57  
ASP N    N  N N 58  
ASP CA   C  N S 59  
ASP C    C  N N 60  
ASP O    O  N N 61  
ASP CB   C  N N 62  
ASP CG   C  N N 63  
ASP OD1  O  N N 64  
ASP OD2  O  N N 65  
ASP OXT  O  N N 66  
ASP H    H  N N 67  
ASP H2   H  N N 68  
ASP HA   H  N N 69  
ASP HB2  H  N N 70  
ASP HB3  H  N N 71  
ASP HD2  H  N N 72  
ASP HXT  H  N N 73  
CYS N    N  N N 74  
CYS CA   C  N R 75  
CYS C    C  N N 76  
CYS O    O  N N 77  
CYS CB   C  N N 78  
CYS SG   S  N N 79  
CYS OXT  O  N N 80  
CYS H    H  N N 81  
CYS H2   H  N N 82  
CYS HA   H  N N 83  
CYS HB2  H  N N 84  
CYS HB3  H  N N 85  
CYS HG   H  N N 86  
CYS HXT  H  N N 87  
GLN N    N  N N 88  
GLN CA   C  N S 89  
GLN C    C  N N 90  
GLN O    O  N N 91  
GLN CB   C  N N 92  
GLN CG   C  N N 93  
GLN CD   C  N N 94  
GLN OE1  O  N N 95  
GLN NE2  N  N N 96  
GLN OXT  O  N N 97  
GLN H    H  N N 98  
GLN H2   H  N N 99  
GLN HA   H  N N 100 
GLN HB2  H  N N 101 
GLN HB3  H  N N 102 
GLN HG2  H  N N 103 
GLN HG3  H  N N 104 
GLN HE21 H  N N 105 
GLN HE22 H  N N 106 
GLN HXT  H  N N 107 
GLU N    N  N N 108 
GLU CA   C  N S 109 
GLU C    C  N N 110 
GLU O    O  N N 111 
GLU CB   C  N N 112 
GLU CG   C  N N 113 
GLU CD   C  N N 114 
GLU OE1  O  N N 115 
GLU OE2  O  N N 116 
GLU OXT  O  N N 117 
GLU H    H  N N 118 
GLU H2   H  N N 119 
GLU HA   H  N N 120 
GLU HB2  H  N N 121 
GLU HB3  H  N N 122 
GLU HG2  H  N N 123 
GLU HG3  H  N N 124 
GLU HE2  H  N N 125 
GLU HXT  H  N N 126 
GLY N    N  N N 127 
GLY CA   C  N N 128 
GLY C    C  N N 129 
GLY O    O  N N 130 
GLY OXT  O  N N 131 
GLY H    H  N N 132 
GLY H2   H  N N 133 
GLY HA2  H  N N 134 
GLY HA3  H  N N 135 
GLY HXT  H  N N 136 
HIS N    N  N N 137 
HIS CA   C  N S 138 
HIS C    C  N N 139 
HIS O    O  N N 140 
HIS CB   C  N N 141 
HIS CG   C  Y N 142 
HIS ND1  N  Y N 143 
HIS CD2  C  Y N 144 
HIS CE1  C  Y N 145 
HIS NE2  N  Y N 146 
HIS OXT  O  N N 147 
HIS H    H  N N 148 
HIS H2   H  N N 149 
HIS HA   H  N N 150 
HIS HB2  H  N N 151 
HIS HB3  H  N N 152 
HIS HD1  H  N N 153 
HIS HD2  H  N N 154 
HIS HE1  H  N N 155 
HIS HE2  H  N N 156 
HIS HXT  H  N N 157 
HOH O    O  N N 158 
HOH H1   H  N N 159 
HOH H2   H  N N 160 
ILE N    N  N N 161 
ILE CA   C  N S 162 
ILE C    C  N N 163 
ILE O    O  N N 164 
ILE CB   C  N S 165 
ILE CG1  C  N N 166 
ILE CG2  C  N N 167 
ILE CD1  C  N N 168 
ILE OXT  O  N N 169 
ILE H    H  N N 170 
ILE H2   H  N N 171 
ILE HA   H  N N 172 
ILE HB   H  N N 173 
ILE HG12 H  N N 174 
ILE HG13 H  N N 175 
ILE HG21 H  N N 176 
ILE HG22 H  N N 177 
ILE HG23 H  N N 178 
ILE HD11 H  N N 179 
ILE HD12 H  N N 180 
ILE HD13 H  N N 181 
ILE HXT  H  N N 182 
LEU N    N  N N 183 
LEU CA   C  N S 184 
LEU C    C  N N 185 
LEU O    O  N N 186 
LEU CB   C  N N 187 
LEU CG   C  N N 188 
LEU CD1  C  N N 189 
LEU CD2  C  N N 190 
LEU OXT  O  N N 191 
LEU H    H  N N 192 
LEU H2   H  N N 193 
LEU HA   H  N N 194 
LEU HB2  H  N N 195 
LEU HB3  H  N N 196 
LEU HG   H  N N 197 
LEU HD11 H  N N 198 
LEU HD12 H  N N 199 
LEU HD13 H  N N 200 
LEU HD21 H  N N 201 
LEU HD22 H  N N 202 
LEU HD23 H  N N 203 
LEU HXT  H  N N 204 
LYS N    N  N N 205 
LYS CA   C  N S 206 
LYS C    C  N N 207 
LYS O    O  N N 208 
LYS CB   C  N N 209 
LYS CG   C  N N 210 
LYS CD   C  N N 211 
LYS CE   C  N N 212 
LYS NZ   N  N N 213 
LYS OXT  O  N N 214 
LYS H    H  N N 215 
LYS H2   H  N N 216 
LYS HA   H  N N 217 
LYS HB2  H  N N 218 
LYS HB3  H  N N 219 
LYS HG2  H  N N 220 
LYS HG3  H  N N 221 
LYS HD2  H  N N 222 
LYS HD3  H  N N 223 
LYS HE2  H  N N 224 
LYS HE3  H  N N 225 
LYS HZ1  H  N N 226 
LYS HZ2  H  N N 227 
LYS HZ3  H  N N 228 
LYS HXT  H  N N 229 
MSE N    N  N N 230 
MSE CA   C  N S 231 
MSE C    C  N N 232 
MSE O    O  N N 233 
MSE OXT  O  N N 234 
MSE CB   C  N N 235 
MSE CG   C  N N 236 
MSE SE   SE N N 237 
MSE CE   C  N N 238 
MSE H    H  N N 239 
MSE H2   H  N N 240 
MSE HA   H  N N 241 
MSE HXT  H  N N 242 
MSE HB2  H  N N 243 
MSE HB3  H  N N 244 
MSE HG2  H  N N 245 
MSE HG3  H  N N 246 
MSE HE1  H  N N 247 
MSE HE2  H  N N 248 
MSE HE3  H  N N 249 
PHE N    N  N N 250 
PHE CA   C  N S 251 
PHE C    C  N N 252 
PHE O    O  N N 253 
PHE CB   C  N N 254 
PHE CG   C  Y N 255 
PHE CD1  C  Y N 256 
PHE CD2  C  Y N 257 
PHE CE1  C  Y N 258 
PHE CE2  C  Y N 259 
PHE CZ   C  Y N 260 
PHE OXT  O  N N 261 
PHE H    H  N N 262 
PHE H2   H  N N 263 
PHE HA   H  N N 264 
PHE HB2  H  N N 265 
PHE HB3  H  N N 266 
PHE HD1  H  N N 267 
PHE HD2  H  N N 268 
PHE HE1  H  N N 269 
PHE HE2  H  N N 270 
PHE HZ   H  N N 271 
PHE HXT  H  N N 272 
PRO N    N  N N 273 
PRO CA   C  N S 274 
PRO C    C  N N 275 
PRO O    O  N N 276 
PRO CB   C  N N 277 
PRO CG   C  N N 278 
PRO CD   C  N N 279 
PRO OXT  O  N N 280 
PRO H    H  N N 281 
PRO HA   H  N N 282 
PRO HB2  H  N N 283 
PRO HB3  H  N N 284 
PRO HG2  H  N N 285 
PRO HG3  H  N N 286 
PRO HD2  H  N N 287 
PRO HD3  H  N N 288 
PRO HXT  H  N N 289 
SER N    N  N N 290 
SER CA   C  N S 291 
SER C    C  N N 292 
SER O    O  N N 293 
SER CB   C  N N 294 
SER OG   O  N N 295 
SER OXT  O  N N 296 
SER H    H  N N 297 
SER H2   H  N N 298 
SER HA   H  N N 299 
SER HB2  H  N N 300 
SER HB3  H  N N 301 
SER HG   H  N N 302 
SER HXT  H  N N 303 
THR N    N  N N 304 
THR CA   C  N S 305 
THR C    C  N N 306 
THR O    O  N N 307 
THR CB   C  N R 308 
THR OG1  O  N N 309 
THR CG2  C  N N 310 
THR OXT  O  N N 311 
THR H    H  N N 312 
THR H2   H  N N 313 
THR HA   H  N N 314 
THR HB   H  N N 315 
THR HG1  H  N N 316 
THR HG21 H  N N 317 
THR HG22 H  N N 318 
THR HG23 H  N N 319 
THR HXT  H  N N 320 
TRP N    N  N N 321 
TRP CA   C  N S 322 
TRP C    C  N N 323 
TRP O    O  N N 324 
TRP CB   C  N N 325 
TRP CG   C  Y N 326 
TRP CD1  C  Y N 327 
TRP CD2  C  Y N 328 
TRP NE1  N  Y N 329 
TRP CE2  C  Y N 330 
TRP CE3  C  Y N 331 
TRP CZ2  C  Y N 332 
TRP CZ3  C  Y N 333 
TRP CH2  C  Y N 334 
TRP OXT  O  N N 335 
TRP H    H  N N 336 
TRP H2   H  N N 337 
TRP HA   H  N N 338 
TRP HB2  H  N N 339 
TRP HB3  H  N N 340 
TRP HD1  H  N N 341 
TRP HE1  H  N N 342 
TRP HE3  H  N N 343 
TRP HZ2  H  N N 344 
TRP HZ3  H  N N 345 
TRP HH2  H  N N 346 
TRP HXT  H  N N 347 
TYR N    N  N N 348 
TYR CA   C  N S 349 
TYR C    C  N N 350 
TYR O    O  N N 351 
TYR CB   C  N N 352 
TYR CG   C  Y N 353 
TYR CD1  C  Y N 354 
TYR CD2  C  Y N 355 
TYR CE1  C  Y N 356 
TYR CE2  C  Y N 357 
TYR CZ   C  Y N 358 
TYR OH   O  N N 359 
TYR OXT  O  N N 360 
TYR H    H  N N 361 
TYR H2   H  N N 362 
TYR HA   H  N N 363 
TYR HB2  H  N N 364 
TYR HB3  H  N N 365 
TYR HD1  H  N N 366 
TYR HD2  H  N N 367 
TYR HE1  H  N N 368 
TYR HE2  H  N N 369 
TYR HH   H  N N 370 
TYR HXT  H  N N 371 
VAL N    N  N N 372 
VAL CA   C  N S 373 
VAL C    C  N N 374 
VAL O    O  N N 375 
VAL CB   C  N N 376 
VAL CG1  C  N N 377 
VAL CG2  C  N N 378 
VAL OXT  O  N N 379 
VAL H    H  N N 380 
VAL H2   H  N N 381 
VAL HA   H  N N 382 
VAL HB   H  N N 383 
VAL HG11 H  N N 384 
VAL HG12 H  N N 385 
VAL HG13 H  N N 386 
VAL HG21 H  N N 387 
VAL HG22 H  N N 388 
VAL HG23 H  N N 389 
VAL HXT  H  N N 390 
ZN  ZN   ZN N N 391 
# 
loop_
_chem_comp_bond.comp_id 
_chem_comp_bond.atom_id_1 
_chem_comp_bond.atom_id_2 
_chem_comp_bond.value_order 
_chem_comp_bond.pdbx_aromatic_flag 
_chem_comp_bond.pdbx_stereo_config 
_chem_comp_bond.pdbx_ordinal 
ALA N   CA   sing N N 1   
ALA N   H    sing N N 2   
ALA N   H2   sing N N 3   
ALA CA  C    sing N N 4   
ALA CA  CB   sing N N 5   
ALA CA  HA   sing N N 6   
ALA C   O    doub N N 7   
ALA C   OXT  sing N N 8   
ALA CB  HB1  sing N N 9   
ALA CB  HB2  sing N N 10  
ALA CB  HB3  sing N N 11  
ALA OXT HXT  sing N N 12  
ARG N   CA   sing N N 13  
ARG N   H    sing N N 14  
ARG N   H2   sing N N 15  
ARG CA  C    sing N N 16  
ARG CA  CB   sing N N 17  
ARG CA  HA   sing N N 18  
ARG C   O    doub N N 19  
ARG C   OXT  sing N N 20  
ARG CB  CG   sing N N 21  
ARG CB  HB2  sing N N 22  
ARG CB  HB3  sing N N 23  
ARG CG  CD   sing N N 24  
ARG CG  HG2  sing N N 25  
ARG CG  HG3  sing N N 26  
ARG CD  NE   sing N N 27  
ARG CD  HD2  sing N N 28  
ARG CD  HD3  sing N N 29  
ARG NE  CZ   sing N N 30  
ARG NE  HE   sing N N 31  
ARG CZ  NH1  sing N N 32  
ARG CZ  NH2  doub N N 33  
ARG NH1 HH11 sing N N 34  
ARG NH1 HH12 sing N N 35  
ARG NH2 HH21 sing N N 36  
ARG NH2 HH22 sing N N 37  
ARG OXT HXT  sing N N 38  
ASN N   CA   sing N N 39  
ASN N   H    sing N N 40  
ASN N   H2   sing N N 41  
ASN CA  C    sing N N 42  
ASN CA  CB   sing N N 43  
ASN CA  HA   sing N N 44  
ASN C   O    doub N N 45  
ASN C   OXT  sing N N 46  
ASN CB  CG   sing N N 47  
ASN CB  HB2  sing N N 48  
ASN CB  HB3  sing N N 49  
ASN CG  OD1  doub N N 50  
ASN CG  ND2  sing N N 51  
ASN ND2 HD21 sing N N 52  
ASN ND2 HD22 sing N N 53  
ASN OXT HXT  sing N N 54  
ASP N   CA   sing N N 55  
ASP N   H    sing N N 56  
ASP N   H2   sing N N 57  
ASP CA  C    sing N N 58  
ASP CA  CB   sing N N 59  
ASP CA  HA   sing N N 60  
ASP C   O    doub N N 61  
ASP C   OXT  sing N N 62  
ASP CB  CG   sing N N 63  
ASP CB  HB2  sing N N 64  
ASP CB  HB3  sing N N 65  
ASP CG  OD1  doub N N 66  
ASP CG  OD2  sing N N 67  
ASP OD2 HD2  sing N N 68  
ASP OXT HXT  sing N N 69  
CYS N   CA   sing N N 70  
CYS N   H    sing N N 71  
CYS N   H2   sing N N 72  
CYS CA  C    sing N N 73  
CYS CA  CB   sing N N 74  
CYS CA  HA   sing N N 75  
CYS C   O    doub N N 76  
CYS C   OXT  sing N N 77  
CYS CB  SG   sing N N 78  
CYS CB  HB2  sing N N 79  
CYS CB  HB3  sing N N 80  
CYS SG  HG   sing N N 81  
CYS OXT HXT  sing N N 82  
GLN N   CA   sing N N 83  
GLN N   H    sing N N 84  
GLN N   H2   sing N N 85  
GLN CA  C    sing N N 86  
GLN CA  CB   sing N N 87  
GLN CA  HA   sing N N 88  
GLN C   O    doub N N 89  
GLN C   OXT  sing N N 90  
GLN CB  CG   sing N N 91  
GLN CB  HB2  sing N N 92  
GLN CB  HB3  sing N N 93  
GLN CG  CD   sing N N 94  
GLN CG  HG2  sing N N 95  
GLN CG  HG3  sing N N 96  
GLN CD  OE1  doub N N 97  
GLN CD  NE2  sing N N 98  
GLN NE2 HE21 sing N N 99  
GLN NE2 HE22 sing N N 100 
GLN OXT HXT  sing N N 101 
GLU N   CA   sing N N 102 
GLU N   H    sing N N 103 
GLU N   H2   sing N N 104 
GLU CA  C    sing N N 105 
GLU CA  CB   sing N N 106 
GLU CA  HA   sing N N 107 
GLU C   O    doub N N 108 
GLU C   OXT  sing N N 109 
GLU CB  CG   sing N N 110 
GLU CB  HB2  sing N N 111 
GLU CB  HB3  sing N N 112 
GLU CG  CD   sing N N 113 
GLU CG  HG2  sing N N 114 
GLU CG  HG3  sing N N 115 
GLU CD  OE1  doub N N 116 
GLU CD  OE2  sing N N 117 
GLU OE2 HE2  sing N N 118 
GLU OXT HXT  sing N N 119 
GLY N   CA   sing N N 120 
GLY N   H    sing N N 121 
GLY N   H2   sing N N 122 
GLY CA  C    sing N N 123 
GLY CA  HA2  sing N N 124 
GLY CA  HA3  sing N N 125 
GLY C   O    doub N N 126 
GLY C   OXT  sing N N 127 
GLY OXT HXT  sing N N 128 
HIS N   CA   sing N N 129 
HIS N   H    sing N N 130 
HIS N   H2   sing N N 131 
HIS CA  C    sing N N 132 
HIS CA  CB   sing N N 133 
HIS CA  HA   sing N N 134 
HIS C   O    doub N N 135 
HIS C   OXT  sing N N 136 
HIS CB  CG   sing N N 137 
HIS CB  HB2  sing N N 138 
HIS CB  HB3  sing N N 139 
HIS CG  ND1  sing Y N 140 
HIS CG  CD2  doub Y N 141 
HIS ND1 CE1  doub Y N 142 
HIS ND1 HD1  sing N N 143 
HIS CD2 NE2  sing Y N 144 
HIS CD2 HD2  sing N N 145 
HIS CE1 NE2  sing Y N 146 
HIS CE1 HE1  sing N N 147 
HIS NE2 HE2  sing N N 148 
HIS OXT HXT  sing N N 149 
HOH O   H1   sing N N 150 
HOH O   H2   sing N N 151 
ILE N   CA   sing N N 152 
ILE N   H    sing N N 153 
ILE N   H2   sing N N 154 
ILE CA  C    sing N N 155 
ILE CA  CB   sing N N 156 
ILE CA  HA   sing N N 157 
ILE C   O    doub N N 158 
ILE C   OXT  sing N N 159 
ILE CB  CG1  sing N N 160 
ILE CB  CG2  sing N N 161 
ILE CB  HB   sing N N 162 
ILE CG1 CD1  sing N N 163 
ILE CG1 HG12 sing N N 164 
ILE CG1 HG13 sing N N 165 
ILE CG2 HG21 sing N N 166 
ILE CG2 HG22 sing N N 167 
ILE CG2 HG23 sing N N 168 
ILE CD1 HD11 sing N N 169 
ILE CD1 HD12 sing N N 170 
ILE CD1 HD13 sing N N 171 
ILE OXT HXT  sing N N 172 
LEU N   CA   sing N N 173 
LEU N   H    sing N N 174 
LEU N   H2   sing N N 175 
LEU CA  C    sing N N 176 
LEU CA  CB   sing N N 177 
LEU CA  HA   sing N N 178 
LEU C   O    doub N N 179 
LEU C   OXT  sing N N 180 
LEU CB  CG   sing N N 181 
LEU CB  HB2  sing N N 182 
LEU CB  HB3  sing N N 183 
LEU CG  CD1  sing N N 184 
LEU CG  CD2  sing N N 185 
LEU CG  HG   sing N N 186 
LEU CD1 HD11 sing N N 187 
LEU CD1 HD12 sing N N 188 
LEU CD1 HD13 sing N N 189 
LEU CD2 HD21 sing N N 190 
LEU CD2 HD22 sing N N 191 
LEU CD2 HD23 sing N N 192 
LEU OXT HXT  sing N N 193 
LYS N   CA   sing N N 194 
LYS N   H    sing N N 195 
LYS N   H2   sing N N 196 
LYS CA  C    sing N N 197 
LYS CA  CB   sing N N 198 
LYS CA  HA   sing N N 199 
LYS C   O    doub N N 200 
LYS C   OXT  sing N N 201 
LYS CB  CG   sing N N 202 
LYS CB  HB2  sing N N 203 
LYS CB  HB3  sing N N 204 
LYS CG  CD   sing N N 205 
LYS CG  HG2  sing N N 206 
LYS CG  HG3  sing N N 207 
LYS CD  CE   sing N N 208 
LYS CD  HD2  sing N N 209 
LYS CD  HD3  sing N N 210 
LYS CE  NZ   sing N N 211 
LYS CE  HE2  sing N N 212 
LYS CE  HE3  sing N N 213 
LYS NZ  HZ1  sing N N 214 
LYS NZ  HZ2  sing N N 215 
LYS NZ  HZ3  sing N N 216 
LYS OXT HXT  sing N N 217 
MSE N   CA   sing N N 218 
MSE N   H    sing N N 219 
MSE N   H2   sing N N 220 
MSE CA  C    sing N N 221 
MSE CA  CB   sing N N 222 
MSE CA  HA   sing N N 223 
MSE C   O    doub N N 224 
MSE C   OXT  sing N N 225 
MSE OXT HXT  sing N N 226 
MSE CB  CG   sing N N 227 
MSE CB  HB2  sing N N 228 
MSE CB  HB3  sing N N 229 
MSE CG  SE   sing N N 230 
MSE CG  HG2  sing N N 231 
MSE CG  HG3  sing N N 232 
MSE SE  CE   sing N N 233 
MSE CE  HE1  sing N N 234 
MSE CE  HE2  sing N N 235 
MSE CE  HE3  sing N N 236 
PHE N   CA   sing N N 237 
PHE N   H    sing N N 238 
PHE N   H2   sing N N 239 
PHE CA  C    sing N N 240 
PHE CA  CB   sing N N 241 
PHE CA  HA   sing N N 242 
PHE C   O    doub N N 243 
PHE C   OXT  sing N N 244 
PHE CB  CG   sing N N 245 
PHE CB  HB2  sing N N 246 
PHE CB  HB3  sing N N 247 
PHE CG  CD1  doub Y N 248 
PHE CG  CD2  sing Y N 249 
PHE CD1 CE1  sing Y N 250 
PHE CD1 HD1  sing N N 251 
PHE CD2 CE2  doub Y N 252 
PHE CD2 HD2  sing N N 253 
PHE CE1 CZ   doub Y N 254 
PHE CE1 HE1  sing N N 255 
PHE CE2 CZ   sing Y N 256 
PHE CE2 HE2  sing N N 257 
PHE CZ  HZ   sing N N 258 
PHE OXT HXT  sing N N 259 
PRO N   CA   sing N N 260 
PRO N   CD   sing N N 261 
PRO N   H    sing N N 262 
PRO CA  C    sing N N 263 
PRO CA  CB   sing N N 264 
PRO CA  HA   sing N N 265 
PRO C   O    doub N N 266 
PRO C   OXT  sing N N 267 
PRO CB  CG   sing N N 268 
PRO CB  HB2  sing N N 269 
PRO CB  HB3  sing N N 270 
PRO CG  CD   sing N N 271 
PRO CG  HG2  sing N N 272 
PRO CG  HG3  sing N N 273 
PRO CD  HD2  sing N N 274 
PRO CD  HD3  sing N N 275 
PRO OXT HXT  sing N N 276 
SER N   CA   sing N N 277 
SER N   H    sing N N 278 
SER N   H2   sing N N 279 
SER CA  C    sing N N 280 
SER CA  CB   sing N N 281 
SER CA  HA   sing N N 282 
SER C   O    doub N N 283 
SER C   OXT  sing N N 284 
SER CB  OG   sing N N 285 
SER CB  HB2  sing N N 286 
SER CB  HB3  sing N N 287 
SER OG  HG   sing N N 288 
SER OXT HXT  sing N N 289 
THR N   CA   sing N N 290 
THR N   H    sing N N 291 
THR N   H2   sing N N 292 
THR CA  C    sing N N 293 
THR CA  CB   sing N N 294 
THR CA  HA   sing N N 295 
THR C   O    doub N N 296 
THR C   OXT  sing N N 297 
THR CB  OG1  sing N N 298 
THR CB  CG2  sing N N 299 
THR CB  HB   sing N N 300 
THR OG1 HG1  sing N N 301 
THR CG2 HG21 sing N N 302 
THR CG2 HG22 sing N N 303 
THR CG2 HG23 sing N N 304 
THR OXT HXT  sing N N 305 
TRP N   CA   sing N N 306 
TRP N   H    sing N N 307 
TRP N   H2   sing N N 308 
TRP CA  C    sing N N 309 
TRP CA  CB   sing N N 310 
TRP CA  HA   sing N N 311 
TRP C   O    doub N N 312 
TRP C   OXT  sing N N 313 
TRP CB  CG   sing N N 314 
TRP CB  HB2  sing N N 315 
TRP CB  HB3  sing N N 316 
TRP CG  CD1  doub Y N 317 
TRP CG  CD2  sing Y N 318 
TRP CD1 NE1  sing Y N 319 
TRP CD1 HD1  sing N N 320 
TRP CD2 CE2  doub Y N 321 
TRP CD2 CE3  sing Y N 322 
TRP NE1 CE2  sing Y N 323 
TRP NE1 HE1  sing N N 324 
TRP CE2 CZ2  sing Y N 325 
TRP CE3 CZ3  doub Y N 326 
TRP CE3 HE3  sing N N 327 
TRP CZ2 CH2  doub Y N 328 
TRP CZ2 HZ2  sing N N 329 
TRP CZ3 CH2  sing Y N 330 
TRP CZ3 HZ3  sing N N 331 
TRP CH2 HH2  sing N N 332 
TRP OXT HXT  sing N N 333 
TYR N   CA   sing N N 334 
TYR N   H    sing N N 335 
TYR N   H2   sing N N 336 
TYR CA  C    sing N N 337 
TYR CA  CB   sing N N 338 
TYR CA  HA   sing N N 339 
TYR C   O    doub N N 340 
TYR C   OXT  sing N N 341 
TYR CB  CG   sing N N 342 
TYR CB  HB2  sing N N 343 
TYR CB  HB3  sing N N 344 
TYR CG  CD1  doub Y N 345 
TYR CG  CD2  sing Y N 346 
TYR CD1 CE1  sing Y N 347 
TYR CD1 HD1  sing N N 348 
TYR CD2 CE2  doub Y N 349 
TYR CD2 HD2  sing N N 350 
TYR CE1 CZ   doub Y N 351 
TYR CE1 HE1  sing N N 352 
TYR CE2 CZ   sing Y N 353 
TYR CE2 HE2  sing N N 354 
TYR CZ  OH   sing N N 355 
TYR OH  HH   sing N N 356 
TYR OXT HXT  sing N N 357 
VAL N   CA   sing N N 358 
VAL N   H    sing N N 359 
VAL N   H2   sing N N 360 
VAL CA  C    sing N N 361 
VAL CA  CB   sing N N 362 
VAL CA  HA   sing N N 363 
VAL C   O    doub N N 364 
VAL C   OXT  sing N N 365 
VAL CB  CG1  sing N N 366 
VAL CB  CG2  sing N N 367 
VAL CB  HB   sing N N 368 
VAL CG1 HG11 sing N N 369 
VAL CG1 HG12 sing N N 370 
VAL CG1 HG13 sing N N 371 
VAL CG2 HG21 sing N N 372 
VAL CG2 HG22 sing N N 373 
VAL CG2 HG23 sing N N 374 
VAL OXT HXT  sing N N 375 
# 
_atom_sites.entry_id                    3CT8 
_atom_sites.fract_transf_matrix[1][1]   -0.00306449 
_atom_sites.fract_transf_matrix[1][2]   -0.00986926 
_atom_sites.fract_transf_matrix[1][3]   -0.01649288 
_atom_sites.fract_transf_matrix[2][1]   -0.01765096 
_atom_sites.fract_transf_matrix[2][2]   0.00805478 
_atom_sites.fract_transf_matrix[2][3]   -0.00154028 
_atom_sites.fract_transf_matrix[3][1]   0.00335563 
_atom_sites.fract_transf_matrix[3][2]   0.00649137 
_atom_sites.fract_transf_matrix[3][3]   -0.00450791 
_atom_sites.fract_transf_vector[1]      0.434948 
_atom_sites.fract_transf_vector[2]      0.381341 
_atom_sites.fract_transf_vector[3]      0.193953 
# 
loop_
_atom_type.symbol 
C  
N  
O  
S  
SE 
ZN 
# 
loop_
_atom_site.group_PDB 
_atom_site.id 
_atom_site.type_symbol 
_atom_site.label_atom_id 
_atom_site.label_alt_id 
_atom_site.label_comp_id 
_atom_site.label_asym_id 
_atom_site.label_entity_id 
_atom_site.label_seq_id 
_atom_site.pdbx_PDB_ins_code 
_atom_site.Cartn_x 
_atom_site.Cartn_y 
_atom_site.Cartn_z 
_atom_site.occupancy 
_atom_site.B_iso_or_equiv 
_atom_site.pdbx_formal_charge 
_atom_site.auth_seq_id 
_atom_site.auth_comp_id 
_atom_site.auth_asym_id 
_atom_site.auth_atom_id 
_atom_site.pdbx_PDB_model_num 
ATOM   1    N  N   . ASN A 1 14  ? 11.221  1.706   -24.948 1.00 80.15 ? -5  ASN A N   1 
ATOM   2    C  CA  . ASN A 1 14  ? 10.408  0.681   -25.671 1.00 79.73 ? -5  ASN A CA  1 
ATOM   3    C  C   . ASN A 1 14  ? 8.912   0.958   -25.637 1.00 78.67 ? -5  ASN A C   1 
ATOM   4    O  O   . ASN A 1 14  ? 8.355   1.349   -24.617 1.00 78.02 ? -5  ASN A O   1 
ATOM   5    C  CB  . ASN A 1 14  ? 10.732  -0.728  -25.162 1.00 79.76 ? -5  ASN A CB  1 
ATOM   6    C  CG  . ASN A 1 14  ? 12.079  -1.233  -25.665 1.00 81.70 ? -5  ASN A CG  1 
ATOM   7    O  OD1 . ASN A 1 14  ? 12.458  -0.973  -26.809 1.00 83.55 ? -5  ASN A OD1 1 
ATOM   8    N  ND2 . ASN A 1 14  ? 12.782  -2.004  -24.834 1.00 86.19 ? -5  ASN A ND2 1 
ATOM   9    N  N   . LEU A 1 15  ? 8.297   0.749   -26.800 1.00 77.59 ? -4  LEU A N   1 
ATOM   10   C  CA  . LEU A 1 15  ? 6.856   0.942   -26.990 1.00 76.21 ? -4  LEU A CA  1 
ATOM   11   C  C   . LEU A 1 15  ? 6.139   -0.136  -26.206 1.00 74.92 ? -4  LEU A C   1 
ATOM   12   O  O   . LEU A 1 15  ? 4.932   -0.081  -26.014 1.00 74.79 ? -4  LEU A O   1 
ATOM   13   C  CB  . LEU A 1 15  ? 6.456   0.864   -28.484 1.00 76.19 ? -4  LEU A CB  1 
ATOM   14   C  CG  . LEU A 1 15  ? 5.031   1.255   -28.955 1.00 75.82 ? -4  LEU A CG  1 
ATOM   15   C  CD1 . LEU A 1 15  ? 4.989   1.125   -30.487 1.00 72.95 ? -4  LEU A CD1 1 
ATOM   16   C  CD2 . LEU A 1 15  ? 3.848   0.480   -28.309 1.00 67.37 ? -4  LEU A CD2 1 
ATOM   17   N  N   . TYR A 1 16  ? 6.907   -1.115  -25.747 1.00 74.17 ? -3  TYR A N   1 
ATOM   18   C  CA  . TYR A 1 16  ? 6.354   -2.233  -24.973 1.00 72.92 ? -3  TYR A CA  1 
ATOM   19   C  C   . TYR A 1 16  ? 5.934   -1.741  -23.591 1.00 71.51 ? -3  TYR A C   1 
ATOM   20   O  O   . TYR A 1 16  ? 4.969   -2.224  -22.974 1.00 71.04 ? -3  TYR A O   1 
ATOM   21   C  CB  . TYR A 1 16  ? 7.381   -3.366  -24.864 1.00 73.38 ? -3  TYR A CB  1 
ATOM   22   N  N   . PHE A 1 17  ? 6.640   -0.722  -23.132 1.00 69.31 ? -2  PHE A N   1 
ATOM   23   C  CA  . PHE A 1 17  ? 6.381   -0.158  -21.797 1.00 66.60 ? -2  PHE A CA  1 
ATOM   24   C  C   . PHE A 1 17  ? 5.189   0.759   -21.851 1.00 62.84 ? -2  PHE A C   1 
ATOM   25   O  O   . PHE A 1 17  ? 4.522   0.958   -20.857 1.00 61.04 ? -2  PHE A O   1 
ATOM   26   C  CB  . PHE A 1 17  ? 7.609   0.607   -21.260 1.00 67.07 ? -2  PHE A CB  1 
ATOM   27   N  N   . GLN A 1 18  ? 4.892   1.244   -23.055 1.00 60.03 ? -1  GLN A N   1 
ATOM   28   C  CA  . GLN A 1 18  ? 3.791   2.175   -23.234 1.00 56.49 ? -1  GLN A CA  1 
ATOM   29   C  C   . GLN A 1 18  ? 2.481   1.725   -22.582 1.00 54.72 ? -1  GLN A C   1 
ATOM   30   O  O   . GLN A 1 18  ? 1.987   0.616   -22.784 1.00 54.37 ? -1  GLN A O   1 
ATOM   31   C  CB  . GLN A 1 18  ? 3.607   2.581   -24.695 1.00 55.47 ? -1  GLN A CB  1 
ATOM   32   C  CG  . GLN A 1 18  ? 2.411   3.541   -24.903 1.00 56.81 ? -1  GLN A CG  1 
ATOM   33   C  CD  . GLN A 1 18  ? 2.410   4.244   -26.268 1.00 57.98 ? -1  GLN A CD  1 
ATOM   34   O  OE1 . GLN A 1 18  ? 3.282   5.063   -26.545 1.00 49.65 ? -1  GLN A OE1 1 
ATOM   35   N  NE2 . GLN A 1 18  ? 1.392   3.963   -27.094 1.00 46.79 ? -1  GLN A NE2 1 
ATOM   36   N  N   . GLY A 1 19  ? 1.959   2.619   -21.769 1.00 51.40 ? 0   GLY A N   1 
ATOM   37   C  CA  . GLY A 1 19  ? 0.715   2.400   -21.057 1.00 50.69 ? 0   GLY A CA  1 
ATOM   38   C  C   . GLY A 1 19  ? 0.940   1.870   -19.672 1.00 50.81 ? 0   GLY A C   1 
ATOM   39   O  O   . GLY A 1 19  ? 0.059   1.887   -18.855 1.00 50.50 ? 0   GLY A O   1 
HETATM 40   N  N   . MSE A 1 20  ? 2.119   1.340   -19.400 1.00 49.97 ? 1   MSE A N   1 
HETATM 41   C  CA  . MSE A 1 20  ? 2.361   0.894   -18.043 1.00 49.16 ? 1   MSE A CA  1 
HETATM 42   C  C   . MSE A 1 20  ? 2.394   2.108   -17.181 1.00 47.59 ? 1   MSE A C   1 
HETATM 43   O  O   . MSE A 1 20  ? 2.707   3.180   -17.603 1.00 47.34 ? 1   MSE A O   1 
HETATM 44   C  CB  . MSE A 1 20  ? 3.680   0.181   -17.838 1.00 51.20 ? 1   MSE A CB  1 
HETATM 45   C  CG  . MSE A 1 20  ? 3.745   -1.159  -18.484 1.00 59.32 ? 1   MSE A CG  1 
HETATM 46   SE SE  . MSE A 1 20  ? 5.504   -1.893  -17.977 0.75 62.46 ? 1   MSE A SE  1 
HETATM 47   C  CE  . MSE A 1 20  ? 5.384   -1.887  -16.151 1.00 47.60 ? 1   MSE A CE  1 
ATOM   48   N  N   . LEU A 1 21  ? 2.059   1.882   -15.937 1.00 48.46 ? 2   LEU A N   1 
ATOM   49   C  CA  . LEU A 1 21  ? 2.029   2.936   -14.913 1.00 50.63 ? 2   LEU A CA  1 
ATOM   50   C  C   . LEU A 1 21  ? 3.537   3.173   -14.637 1.00 50.82 ? 2   LEU A C   1 
ATOM   51   O  O   . LEU A 1 21  ? 4.347   2.213   -14.586 1.00 51.16 ? 2   LEU A O   1 
ATOM   52   C  CB  . LEU A 1 21  ? 1.157   2.393   -13.793 1.00 51.97 ? 2   LEU A CB  1 
ATOM   53   C  CG  . LEU A 1 21  ? 0.376   3.149   -12.789 1.00 56.00 ? 2   LEU A CG  1 
ATOM   54   C  CD1 . LEU A 1 21  ? -0.371  4.284   -13.365 1.00 47.85 ? 2   LEU A CD1 1 
ATOM   55   C  CD2 . LEU A 1 21  ? -0.517  2.082   -12.198 1.00 52.24 ? 2   LEU A CD2 1 
ATOM   56   N  N   . HIS A 1 22  ? 3.914   4.450   -14.644 1.00 48.76 ? 3   HIS A N   1 
ATOM   57   C  CA  . HIS A 1 22  ? 5.293   4.919   -14.466 1.00 47.98 ? 3   HIS A CA  1 
ATOM   58   C  C   . HIS A 1 22  ? 5.535   5.166   -12.987 1.00 48.30 ? 3   HIS A C   1 
ATOM   59   O  O   . HIS A 1 22  ? 6.542   4.779   -12.411 1.00 47.81 ? 3   HIS A O   1 
ATOM   60   C  CB  . HIS A 1 22  ? 5.484   6.168   -15.315 1.00 49.17 ? 3   HIS A CB  1 
ATOM   61   C  CG  . HIS A 1 22  ? 6.906   6.654   -15.415 1.00 51.22 ? 3   HIS A CG  1 
ATOM   62   N  ND1 . HIS A 1 22  ? 7.533   7.344   -14.399 1.00 50.59 ? 3   HIS A ND1 1 
ATOM   63   C  CD2 . HIS A 1 22  ? 7.801   6.584   -16.432 1.00 48.93 ? 3   HIS A CD2 1 
ATOM   64   C  CE1 . HIS A 1 22  ? 8.761   7.663   -14.784 1.00 52.77 ? 3   HIS A CE1 1 
ATOM   65   N  NE2 . HIS A 1 22  ? 8.941   7.226   -16.020 1.00 49.51 ? 3   HIS A NE2 1 
ATOM   66   N  N   . HIS A 1 23  ? 4.585   5.856   -12.399 1.00 49.28 ? 4   HIS A N   1 
ATOM   67   C  CA  . HIS A 1 23  ? 4.574   6.104   -10.973 1.00 49.02 ? 4   HIS A CA  1 
ATOM   68   C  C   . HIS A 1 23  ? 3.226   6.590   -10.491 1.00 48.48 ? 4   HIS A C   1 
ATOM   69   O  O   . HIS A 1 23  ? 2.358   7.005   -11.263 1.00 47.84 ? 4   HIS A O   1 
ATOM   70   C  CB  . HIS A 1 23  ? 5.701   7.055   -10.498 1.00 49.14 ? 4   HIS A CB  1 
ATOM   71   C  CG  . HIS A 1 23  ? 5.652   8.419   -11.104 1.00 50.26 ? 4   HIS A CG  1 
ATOM   72   N  ND1 . HIS A 1 23  ? 6.252   8.705   -12.309 1.00 46.74 ? 4   HIS A ND1 1 
ATOM   73   C  CD2 . HIS A 1 23  ? 5.074   9.572   -10.682 1.00 45.07 ? 4   HIS A CD2 1 
ATOM   74   C  CE1 . HIS A 1 23  ? 6.032   9.966   -12.614 1.00 48.66 ? 4   HIS A CE1 1 
ATOM   75   N  NE2 . HIS A 1 23  ? 5.336   10.517  -11.639 1.00 46.54 ? 4   HIS A NE2 1 
ATOM   76   N  N   . VAL A 1 24  ? 3.100   6.510   -9.179  1.00 48.25 ? 5   VAL A N   1 
ATOM   77   C  CA  . VAL A 1 24  ? 1.919   6.944   -8.454  1.00 48.30 ? 5   VAL A CA  1 
ATOM   78   C  C   . VAL A 1 24  ? 2.352   7.759   -7.246  1.00 49.03 ? 5   VAL A C   1 
ATOM   79   O  O   . VAL A 1 24  ? 3.128   7.301   -6.418  1.00 48.33 ? 5   VAL A O   1 
ATOM   80   C  CB  . VAL A 1 24  ? 1.059   5.744   -7.975  1.00 49.87 ? 5   VAL A CB  1 
ATOM   81   C  CG1 . VAL A 1 24  ? -0.116  6.215   -7.162  1.00 50.15 ? 5   VAL A CG1 1 
ATOM   82   C  CG2 . VAL A 1 24  ? 0.576   4.838   -9.174  1.00 44.35 ? 5   VAL A CG2 1 
ATOM   83   N  N   . GLU A 1 25  ? 1.866   8.988   -7.170  1.00 50.15 ? 6   GLU A N   1 
ATOM   84   C  CA  . GLU A 1 25  ? 2.200   9.870   -6.055  1.00 50.93 ? 6   GLU A CA  1 
ATOM   85   C  C   . GLU A 1 25  ? 1.017   10.110  -5.132  1.00 50.85 ? 6   GLU A C   1 
ATOM   86   O  O   . GLU A 1 25  ? -0.105  10.430  -5.549  1.00 51.89 ? 6   GLU A O   1 
ATOM   87   C  CB  . GLU A 1 25  ? 2.769   11.194  -6.552  1.00 52.03 ? 6   GLU A CB  1 
ATOM   88   C  CG  . GLU A 1 25  ? 3.110   12.104  -5.446  1.00 51.01 ? 6   GLU A CG  1 
ATOM   89   C  CD  . GLU A 1 25  ? 3.706   13.368  -5.946  1.00 57.20 ? 6   GLU A CD  1 
ATOM   90   O  OE1 . GLU A 1 25  ? 4.877   13.340  -6.358  1.00 47.25 ? 6   GLU A OE1 1 
ATOM   91   O  OE2 . GLU A 1 25  ? 3.006   14.402  -5.930  1.00 56.85 ? 6   GLU A OE2 1 
ATOM   92   N  N   . ILE A 1 26  ? 1.323   9.918   -3.858  1.00 48.35 ? 7   ILE A N   1 
ATOM   93   C  CA  . ILE A 1 26  ? 0.392   10.052  -2.758  1.00 48.47 ? 7   ILE A CA  1 
ATOM   94   C  C   . ILE A 1 26  ? 0.914   10.938  -1.619  1.00 49.23 ? 7   ILE A C   1 
ATOM   95   O  O   . ILE A 1 26  ? 2.058   10.856  -1.181  1.00 48.88 ? 7   ILE A O   1 
ATOM   96   C  CB  . ILE A 1 26  ? 0.077   8.629   -2.148  1.00 51.31 ? 7   ILE A CB  1 
ATOM   97   C  CG1 . ILE A 1 26  ? -0.547  7.729   -3.232  1.00 49.69 ? 7   ILE A CG1 1 
ATOM   98   C  CG2 . ILE A 1 26  ? -0.838  8.738   -0.868  1.00 44.51 ? 7   ILE A CG2 1 
ATOM   99   C  CD1 . ILE A 1 26  ? -0.593  6.305   -2.918  1.00 46.41 ? 7   ILE A CD1 1 
ATOM   100  N  N   . ASN A 1 27  ? 0.033   11.839  -1.218  1.00 49.51 ? 8   ASN A N   1 
ATOM   101  C  CA  . ASN A 1 27  ? 0.227   12.750  -0.088  1.00 47.48 ? 8   ASN A CA  1 
ATOM   102  C  C   . ASN A 1 27  ? -0.169  12.011  1.152   1.00 47.53 ? 8   ASN A C   1 
ATOM   103  O  O   . ASN A 1 27  ? -1.191  11.351  1.196   1.00 46.46 ? 8   ASN A O   1 
ATOM   104  C  CB  . ASN A 1 27  ? -0.688  13.935  -0.209  1.00 47.79 ? 8   ASN A CB  1 
ATOM   105  C  CG  . ASN A 1 27  ? -0.335  14.794  -1.361  1.00 50.82 ? 8   ASN A CG  1 
ATOM   106  O  OD1 . ASN A 1 27  ? 0.855   15.024  -1.602  1.00 45.89 ? 8   ASN A OD1 1 
ATOM   107  N  ND2 . ASN A 1 27  ? -1.345  15.282  -2.094  1.00 46.87 ? 8   ASN A ND2 1 
ATOM   108  N  N   . VAL A 1 28  ? 0.658   12.137  2.169   1.00 49.40 ? 9   VAL A N   1 
ATOM   109  C  CA  . VAL A 1 28  ? 0.442   11.465  3.451   1.00 48.95 ? 9   VAL A CA  1 
ATOM   110  C  C   . VAL A 1 28  ? 0.401   12.479  4.578   1.00 50.38 ? 9   VAL A C   1 
ATOM   111  O  O   . VAL A 1 28  ? 1.052   13.539  4.513   1.00 48.78 ? 9   VAL A O   1 
ATOM   112  C  CB  . VAL A 1 28  ? 1.549   10.392  3.744   1.00 50.79 ? 9   VAL A CB  1 
ATOM   113  C  CG1 . VAL A 1 28  ? 1.477   9.220   2.748   1.00 45.37 ? 9   VAL A CG1 1 
ATOM   114  C  CG2 . VAL A 1 28  ? 2.970   11.018  3.769   1.00 47.37 ? 9   VAL A CG2 1 
ATOM   115  N  N   . ASP A 1 29  ? -0.359  12.108  5.610   1.00 51.30 ? 10  ASP A N   1 
ATOM   116  C  CA  . ASP A 1 29  ? -0.587  12.957  6.764   1.00 53.19 ? 10  ASP A CA  1 
ATOM   117  C  C   . ASP A 1 29  ? 0.632   13.123  7.634   1.00 54.82 ? 10  ASP A C   1 
ATOM   118  O  O   . ASP A 1 29  ? 1.011   14.242  7.993   1.00 56.13 ? 10  ASP A O   1 
ATOM   119  C  CB  . ASP A 1 29  ? -1.704  12.380  7.617   1.00 53.81 ? 10  ASP A CB  1 
ATOM   120  C  CG  . ASP A 1 29  ? -2.110  13.305  8.732   1.00 56.31 ? 10  ASP A CG  1 
ATOM   121  O  OD1 . ASP A 1 29  ? -2.193  14.523  8.465   1.00 59.50 ? 10  ASP A OD1 1 
ATOM   122  O  OD2 . ASP A 1 29  ? -2.382  12.816  9.855   1.00 55.10 ? 10  ASP A OD2 1 
ATOM   123  N  N   . HIS A 1 30  ? 1.217   11.998  8.023   1.00 56.56 ? 11  HIS A N   1 
ATOM   124  C  CA  . HIS A 1 30  ? 2.417   12.022  8.900   1.00 57.46 ? 11  HIS A CA  1 
ATOM   125  C  C   . HIS A 1 30  ? 3.464   11.148  8.271   1.00 57.02 ? 11  HIS A C   1 
ATOM   126  O  O   . HIS A 1 30  ? 3.480   9.946   8.458   1.00 58.50 ? 11  HIS A O   1 
ATOM   127  C  CB  . HIS A 1 30  ? 2.078   11.544  10.305  1.00 57.08 ? 11  HIS A CB  1 
ATOM   128  C  CG  . HIS A 1 30  ? 3.197   11.668  11.295  1.00 61.63 ? 11  HIS A CG  1 
ATOM   129  N  ND1 . HIS A 1 30  ? 3.372   12.788  12.085  1.00 68.72 ? 11  HIS A ND1 1 
ATOM   130  C  CD2 . HIS A 1 30  ? 4.143   10.784  11.688  1.00 62.09 ? 11  HIS A CD2 1 
ATOM   131  C  CE1 . HIS A 1 30  ? 4.401   12.600  12.893  1.00 66.60 ? 11  HIS A CE1 1 
ATOM   132  N  NE2 . HIS A 1 30  ? 4.881   11.388  12.676  1.00 67.33 ? 11  HIS A NE2 1 
ATOM   133  N  N   . LEU A 1 31  ? 4.367   11.808  7.568   1.00 56.22 ? 12  LEU A N   1 
ATOM   134  C  CA  . LEU A 1 31  ? 5.401   11.139  6.786   1.00 56.11 ? 12  LEU A CA  1 
ATOM   135  C  C   . LEU A 1 31  ? 6.108   10.018  7.529   1.00 55.37 ? 12  LEU A C   1 
ATOM   136  O  O   . LEU A 1 31  ? 6.161   8.889   7.062   1.00 55.84 ? 12  LEU A O   1 
ATOM   137  C  CB  . LEU A 1 31  ? 6.404   12.167  6.192   1.00 55.69 ? 12  LEU A CB  1 
ATOM   138  C  CG  . LEU A 1 31  ? 7.381   11.656  5.118   1.00 55.42 ? 12  LEU A CG  1 
ATOM   139  C  CD1 . LEU A 1 31  ? 6.645   11.032  3.947   1.00 50.74 ? 12  LEU A CD1 1 
ATOM   140  C  CD2 . LEU A 1 31  ? 8.242   12.779  4.619   1.00 60.96 ? 12  LEU A CD2 1 
ATOM   141  N  N   . GLU A 1 32  ? 6.564   10.309  8.723   1.00 54.60 ? 13  GLU A N   1 
ATOM   142  C  CA  . GLU A 1 32  ? 7.336   9.324   9.470   1.00 56.30 ? 13  GLU A CA  1 
ATOM   143  C  C   . GLU A 1 32  ? 6.620   7.984   9.660   1.00 55.50 ? 13  GLU A C   1 
ATOM   144  O  O   . GLU A 1 32  ? 7.192   6.897   9.464   1.00 54.90 ? 13  GLU A O   1 
ATOM   145  C  CB  . GLU A 1 32  ? 7.728   9.823   10.872  1.00 57.48 ? 13  GLU A CB  1 
ATOM   146  C  CG  . GLU A 1 32  ? 8.476   11.144  11.004  1.00 65.49 ? 13  GLU A CG  1 
ATOM   147  C  CD  . GLU A 1 32  ? 7.547   12.367  11.056  1.00 71.20 ? 13  GLU A CD  1 
ATOM   148  O  OE1 . GLU A 1 32  ? 6.552   12.379  10.299  1.00 68.61 ? 13  GLU A OE1 1 
ATOM   149  O  OE2 . GLU A 1 32  ? 7.816   13.296  11.876  1.00 72.71 ? 13  GLU A OE2 1 
ATOM   150  N  N   . GLU A 1 33  ? 5.363   8.103   10.070  1.00 53.97 ? 14  GLU A N   1 
ATOM   151  C  CA  . GLU A 1 33  ? 4.513   6.961   10.366  1.00 52.68 ? 14  GLU A CA  1 
ATOM   152  C  C   . GLU A 1 33  ? 4.245   6.196   9.114   1.00 51.12 ? 14  GLU A C   1 
ATOM   153  O  O   . GLU A 1 33  ? 4.310   4.976   9.106   1.00 50.20 ? 14  GLU A O   1 
ATOM   154  C  CB  . GLU A 1 33  ? 3.189   7.392   10.991  1.00 52.28 ? 14  GLU A CB  1 
ATOM   155  C  CG  . GLU A 1 33  ? 3.334   8.025   12.378  1.00 56.74 ? 14  GLU A CG  1 
ATOM   156  N  N   . SER A 1 34  ? 3.975   6.943   8.043   1.00 51.05 ? 15  SER A N   1 
ATOM   157  C  CA  . SER A 1 34  ? 3.673   6.354   6.736   1.00 49.52 ? 15  SER A CA  1 
ATOM   158  C  C   . SER A 1 34  ? 4.865   5.626   6.179   1.00 49.06 ? 15  SER A C   1 
ATOM   159  O  O   . SER A 1 34  ? 4.747   4.538   5.652   1.00 49.27 ? 15  SER A O   1 
ATOM   160  C  CB  . SER A 1 34  ? 3.207   7.412   5.730   1.00 51.02 ? 15  SER A CB  1 
ATOM   161  O  OG  . SER A 1 34  ? 1.878   7.818   5.974   1.00 52.33 ? 15  SER A OG  1 
ATOM   162  N  N   . ILE A 1 35  ? 6.031   6.219   6.354   1.00 50.63 ? 16  ILE A N   1 
ATOM   163  C  CA  . ILE A 1 35  ? 7.283   5.629   5.842   1.00 52.92 ? 16  ILE A CA  1 
ATOM   164  C  C   . ILE A 1 35  ? 7.654   4.360   6.571   1.00 54.22 ? 16  ILE A C   1 
ATOM   165  O  O   . ILE A 1 35  ? 8.317   3.474   6.032   1.00 56.10 ? 16  ILE A O   1 
ATOM   166  C  CB  . ILE A 1 35  ? 8.454   6.633   5.840   1.00 53.32 ? 16  ILE A CB  1 
ATOM   167  C  CG1 . ILE A 1 35  ? 8.239   7.621   4.690   1.00 54.50 ? 16  ILE A CG1 1 
ATOM   168  C  CG2 . ILE A 1 35  ? 9.745   5.932   5.594   1.00 51.29 ? 16  ILE A CG2 1 
ATOM   169  C  CD1 . ILE A 1 35  ? 9.348   8.641   4.554   1.00 57.38 ? 16  ILE A CD1 1 
ATOM   170  N  N   . ALA A 1 36  ? 7.167   4.273   7.796   1.00 54.17 ? 17  ALA A N   1 
ATOM   171  C  CA  . ALA A 1 36  ? 7.412   3.124   8.648   1.00 53.13 ? 17  ALA A CA  1 
ATOM   172  C  C   . ALA A 1 36  ? 6.644   1.942   8.091   1.00 53.63 ? 17  ALA A C   1 
ATOM   173  O  O   . ALA A 1 36  ? 7.142   0.820   8.008   1.00 54.83 ? 17  ALA A O   1 
ATOM   174  C  CB  . ALA A 1 36  ? 6.942   3.427   10.101  1.00 52.99 ? 17  ALA A CB  1 
ATOM   175  N  N   . PHE A 1 37  ? 5.419   2.225   7.686   1.00 52.68 ? 18  PHE A N   1 
ATOM   176  C  CA  . PHE A 1 37  ? 4.528   1.198   7.159   1.00 52.21 ? 18  PHE A CA  1 
ATOM   177  C  C   . PHE A 1 37  ? 4.966   0.717   5.778   1.00 52.00 ? 18  PHE A C   1 
ATOM   178  O  O   . PHE A 1 37  ? 5.155   -0.489  5.552   1.00 52.21 ? 18  PHE A O   1 
ATOM   179  C  CB  . PHE A 1 37  ? 3.065   1.691   7.145   1.00 51.63 ? 18  PHE A CB  1 
ATOM   180  C  CG  . PHE A 1 37  ? 2.113   0.745   6.458   1.00 50.43 ? 18  PHE A CG  1 
ATOM   181  C  CD1 . PHE A 1 37  ? 1.510   -0.280  7.158   1.00 43.83 ? 18  PHE A CD1 1 
ATOM   182  C  CD2 . PHE A 1 37  ? 1.827   0.896   5.095   1.00 50.97 ? 18  PHE A CD2 1 
ATOM   183  C  CE1 . PHE A 1 37  ? 0.645   -1.143  6.526   1.00 51.60 ? 18  PHE A CE1 1 
ATOM   184  C  CE2 . PHE A 1 37  ? 0.964   0.029   4.444   1.00 51.62 ? 18  PHE A CE2 1 
ATOM   185  C  CZ  . PHE A 1 37  ? 0.372   -1.003  5.167   1.00 53.87 ? 18  PHE A CZ  1 
ATOM   186  N  N   . TRP A 1 38  ? 5.191   1.689   4.893   1.00 51.77 ? 19  TRP A N   1 
ATOM   187  C  CA  . TRP A 1 38  ? 5.572   1.410   3.504   1.00 50.77 ? 19  TRP A CA  1 
ATOM   188  C  C   . TRP A 1 38  ? 6.946   0.813   3.378   1.00 49.42 ? 19  TRP A C   1 
ATOM   189  O  O   . TRP A 1 38  ? 7.181   -0.011  2.538   1.00 47.97 ? 19  TRP A O   1 
ATOM   190  C  CB  . TRP A 1 38  ? 5.378   2.645   2.624   1.00 50.79 ? 19  TRP A CB  1 
ATOM   191  C  CG  . TRP A 1 38  ? 3.922   2.968   2.520   1.00 47.10 ? 19  TRP A CG  1 
ATOM   192  C  CD1 . TRP A 1 38  ? 3.228   3.940   3.200   1.00 47.35 ? 19  TRP A CD1 1 
ATOM   193  C  CD2 . TRP A 1 38  ? 2.950   2.219   1.780   1.00 39.84 ? 19  TRP A CD2 1 
ATOM   194  N  NE1 . TRP A 1 38  ? 1.892   3.893   2.848   1.00 46.82 ? 19  TRP A NE1 1 
ATOM   195  C  CE2 . TRP A 1 38  ? 1.700   2.848   1.974   1.00 42.45 ? 19  TRP A CE2 1 
ATOM   196  C  CE3 . TRP A 1 38  ? 3.033   1.130   0.904   1.00 43.63 ? 19  TRP A CE3 1 
ATOM   197  C  CZ2 . TRP A 1 38  ? 0.517   2.380   1.352   1.00 53.03 ? 19  TRP A CZ2 1 
ATOM   198  C  CZ3 . TRP A 1 38  ? 1.866   0.667   0.281   1.00 47.89 ? 19  TRP A CZ3 1 
ATOM   199  C  CH2 . TRP A 1 38  ? 0.618   1.269   0.526   1.00 44.90 ? 19  TRP A CH2 1 
ATOM   200  N  N   . ASP A 1 39  ? 7.865   1.222   4.221   1.00 49.60 ? 20  ASP A N   1 
ATOM   201  C  CA  . ASP A 1 39  ? 9.195   0.634   4.143   1.00 50.54 ? 20  ASP A CA  1 
ATOM   202  C  C   . ASP A 1 39  ? 9.047   -0.866  4.376   1.00 51.81 ? 20  ASP A C   1 
ATOM   203  O  O   . ASP A 1 39  ? 9.698   -1.706  3.713   1.00 50.63 ? 20  ASP A O   1 
ATOM   204  C  CB  . ASP A 1 39  ? 10.153  1.178   5.205   1.00 49.62 ? 20  ASP A CB  1 
ATOM   205  C  CG  . ASP A 1 39  ? 10.799  2.513   4.839   1.00 50.03 ? 20  ASP A CG  1 
ATOM   206  O  OD1 . ASP A 1 39  ? 10.579  3.080   3.741   1.00 46.05 ? 20  ASP A OD1 1 
ATOM   207  O  OD2 . ASP A 1 39  ? 11.592  2.972   5.698   1.00 45.96 ? 20  ASP A OD2 1 
ATOM   208  N  N   . TRP A 1 40  ? 8.176   -1.178  5.344   1.00 53.00 ? 21  TRP A N   1 
ATOM   209  C  CA  . TRP A 1 40  ? 7.947   -2.558  5.756   1.00 51.43 ? 21  TRP A CA  1 
ATOM   210  C  C   . TRP A 1 40  ? 7.257   -3.364  4.679   1.00 51.83 ? 21  TRP A C   1 
ATOM   211  O  O   . TRP A 1 40  ? 7.751   -4.405  4.212   1.00 51.58 ? 21  TRP A O   1 
ATOM   212  C  CB  . TRP A 1 40  ? 7.203   -2.686  7.116   1.00 52.04 ? 21  TRP A CB  1 
ATOM   213  C  CG  . TRP A 1 40  ? 6.750   -4.095  7.274   1.00 49.39 ? 21  TRP A CG  1 
ATOM   214  C  CD1 . TRP A 1 40  ? 7.522   -5.168  7.567   1.00 51.96 ? 21  TRP A CD1 1 
ATOM   215  C  CD2 . TRP A 1 40  ? 5.429   -4.610  7.009   1.00 53.07 ? 21  TRP A CD2 1 
ATOM   216  N  NE1 . TRP A 1 40  ? 6.768   -6.327  7.524   1.00 51.67 ? 21  TRP A NE1 1 
ATOM   217  C  CE2 . TRP A 1 40  ? 5.479   -6.005  7.188   1.00 52.88 ? 21  TRP A CE2 1 
ATOM   218  C  CE3 . TRP A 1 40  ? 4.215   -4.024  6.639   1.00 54.30 ? 21  TRP A CE3 1 
ATOM   219  C  CZ2 . TRP A 1 40  ? 4.370   -6.812  7.022   1.00 48.57 ? 21  TRP A CZ2 1 
ATOM   220  C  CZ3 . TRP A 1 40  ? 3.118   -4.823  6.483   1.00 55.61 ? 21  TRP A CZ3 1 
ATOM   221  C  CH2 . TRP A 1 40  ? 3.204   -6.208  6.680   1.00 54.82 ? 21  TRP A CH2 1 
ATOM   222  N  N   . LEU A 1 41  ? 6.136   -2.841  4.220   1.00 53.03 ? 22  LEU A N   1 
ATOM   223  C  CA  . LEU A 1 41  ? 5.360   -3.566  3.208   1.00 51.78 ? 22  LEU A CA  1 
ATOM   224  C  C   . LEU A 1 41  ? 6.082   -3.710  1.879   1.00 50.08 ? 22  LEU A C   1 
ATOM   225  O  O   . LEU A 1 41  ? 6.171   -4.796  1.312   1.00 49.41 ? 22  LEU A O   1 
ATOM   226  C  CB  . LEU A 1 41  ? 3.996   -2.930  2.984   1.00 51.58 ? 22  LEU A CB  1 
ATOM   227  C  CG  . LEU A 1 41  ? 3.121   -3.802  2.073   1.00 52.73 ? 22  LEU A CG  1 
ATOM   228  C  CD1 . LEU A 1 41  ? 2.867   -5.224  2.671   1.00 46.30 ? 22  LEU A CD1 1 
ATOM   229  C  CD2 . LEU A 1 41  ? 1.797   -3.070  1.760   1.00 53.16 ? 22  LEU A CD2 1 
ATOM   230  N  N   . LEU A 1 42  ? 6.567   -2.589  1.381   1.00 49.76 ? 23  LEU A N   1 
ATOM   231  C  CA  . LEU A 1 42  ? 7.249   -2.536  0.091   1.00 49.24 ? 23  LEU A CA  1 
ATOM   232  C  C   . LEU A 1 42  ? 8.528   -3.317  0.236   1.00 48.31 ? 23  LEU A C   1 
ATOM   233  O  O   . LEU A 1 42  ? 9.021   -3.917  -0.695  1.00 47.60 ? 23  LEU A O   1 
ATOM   234  C  CB  . LEU A 1 42  ? 7.492   -1.095  -0.374  1.00 49.67 ? 23  LEU A CB  1 
ATOM   235  C  CG  . LEU A 1 42  ? 6.196   -0.271  -0.572  1.00 50.29 ? 23  LEU A CG  1 
ATOM   236  C  CD1 . LEU A 1 42  ? 6.460   1.140   -1.180  1.00 47.66 ? 23  LEU A CD1 1 
ATOM   237  C  CD2 . LEU A 1 42  ? 5.173   -1.072  -1.466  1.00 48.57 ? 23  LEU A CD2 1 
ATOM   238  N  N   . GLY A 1 43  ? 8.997   -3.375  1.473   1.00 49.73 ? 24  GLY A N   1 
ATOM   239  C  CA  . GLY A 1 43  ? 10.203  -4.110  1.817   1.00 47.39 ? 24  GLY A CA  1 
ATOM   240  C  C   . GLY A 1 43  ? 9.866   -5.579  1.644   1.00 48.11 ? 24  GLY A C   1 
ATOM   241  O  O   . GLY A 1 43  ? 10.538  -6.314  0.945   1.00 49.00 ? 24  GLY A O   1 
ATOM   242  N  N   . GLU A 1 44  ? 8.764   -5.988  2.245   1.00 48.36 ? 25  GLU A N   1 
ATOM   243  C  CA  . GLU A 1 44  ? 8.336   -7.386  2.162   1.00 50.87 ? 25  GLU A CA  1 
ATOM   244  C  C   . GLU A 1 44  ? 7.993   -7.807  0.714   1.00 52.86 ? 25  GLU A C   1 
ATOM   245  O  O   . GLU A 1 44  ? 8.080   -8.977  0.351   1.00 51.85 ? 25  GLU A O   1 
ATOM   246  C  CB  . GLU A 1 44  ? 7.138   -7.640  3.088   1.00 50.71 ? 25  GLU A CB  1 
ATOM   247  C  CG  . GLU A 1 44  ? 7.424   -7.556  4.600   1.00 51.35 ? 25  GLU A CG  1 
ATOM   248  C  CD  . GLU A 1 44  ? 8.182   -8.797  5.139   1.00 57.76 ? 25  GLU A CD  1 
ATOM   249  O  OE1 . GLU A 1 44  ? 8.486   -9.714  4.346   1.00 60.06 ? 25  GLU A OE1 1 
ATOM   250  O  OE2 . GLU A 1 44  ? 8.459   -8.885  6.359   1.00 62.21 ? 25  GLU A OE2 1 
ATOM   251  N  N   . LEU A 1 45  ? 7.663   -6.827  -0.116  1.00 53.76 ? 26  LEU A N   1 
ATOM   252  C  CA  . LEU A 1 45  ? 7.263   -7.096  -1.507  1.00 53.29 ? 26  LEU A CA  1 
ATOM   253  C  C   . LEU A 1 45  ? 8.371   -6.956  -2.548  1.00 54.43 ? 26  LEU A C   1 
ATOM   254  O  O   . LEU A 1 45  ? 8.115   -7.038  -3.762  1.00 56.45 ? 26  LEU A O   1 
ATOM   255  C  CB  . LEU A 1 45  ? 6.089   -6.196  -1.902  1.00 53.06 ? 26  LEU A CB  1 
ATOM   256  C  CG  . LEU A 1 45  ? 4.750   -6.463  -1.210  1.00 54.02 ? 26  LEU A CG  1 
ATOM   257  C  CD1 . LEU A 1 45  ? 3.723   -5.466  -1.701  1.00 52.62 ? 26  LEU A CD1 1 
ATOM   258  C  CD2 . LEU A 1 45  ? 4.308   -7.888  -1.502  1.00 50.17 ? 26  LEU A CD2 1 
ATOM   259  N  N   . GLY A 1 46  ? 9.580   -6.702  -2.079  1.00 53.92 ? 27  GLY A N   1 
ATOM   260  C  CA  . GLY A 1 46  ? 10.735  -6.597  -2.965  1.00 54.66 ? 27  GLY A CA  1 
ATOM   261  C  C   . GLY A 1 46  ? 11.104  -5.261  -3.576  1.00 55.12 ? 27  GLY A C   1 
ATOM   262  O  O   . GLY A 1 46  ? 11.845  -5.212  -4.553  1.00 56.23 ? 27  GLY A O   1 
ATOM   263  N  N   . TYR A 1 47  ? 10.580  -4.180  -3.027  1.00 53.33 ? 28  TYR A N   1 
ATOM   264  C  CA  . TYR A 1 47  ? 10.911  -2.843  -3.547  1.00 53.41 ? 28  TYR A CA  1 
ATOM   265  C  C   . TYR A 1 47  ? 12.191  -2.368  -2.922  1.00 54.98 ? 28  TYR A C   1 
ATOM   266  O  O   . TYR A 1 47  ? 12.563  -2.781  -1.826  1.00 55.97 ? 28  TYR A O   1 
ATOM   267  C  CB  . TYR A 1 47  ? 9.846   -1.782  -3.208  1.00 52.08 ? 28  TYR A CB  1 
ATOM   268  C  CG  . TYR A 1 47  ? 8.571   -1.832  -4.030  1.00 50.90 ? 28  TYR A CG  1 
ATOM   269  C  CD1 . TYR A 1 47  ? 7.726   -2.939  -3.969  1.00 51.19 ? 28  TYR A CD1 1 
ATOM   270  C  CD2 . TYR A 1 47  ? 8.167   -0.740  -4.761  1.00 48.68 ? 28  TYR A CD2 1 
ATOM   271  C  CE1 . TYR A 1 47  ? 6.557   -2.977  -4.682  1.00 52.00 ? 28  TYR A CE1 1 
ATOM   272  C  CE2 . TYR A 1 47  ? 6.965   -0.747  -5.489  1.00 48.22 ? 28  TYR A CE2 1 
ATOM   273  C  CZ  . TYR A 1 47  ? 6.180   -1.881  -5.460  1.00 48.77 ? 28  TYR A CZ  1 
ATOM   274  O  OH  . TYR A 1 47  ? 5.007   -1.902  -6.167  1.00 45.24 ? 28  TYR A OH  1 
ATOM   275  N  N   . GLU A 1 48  ? 12.858  -1.478  -3.627  1.00 55.46 ? 29  GLU A N   1 
ATOM   276  C  CA  . GLU A 1 48  ? 14.084  -0.866  -3.082  1.00 55.80 ? 29  GLU A CA  1 
ATOM   277  C  C   . GLU A 1 48  ? 13.829  0.636   -3.008  1.00 54.04 ? 29  GLU A C   1 
ATOM   278  O  O   . GLU A 1 48  ? 12.976  1.187   -3.727  1.00 53.40 ? 29  GLU A O   1 
ATOM   279  C  CB  . GLU A 1 48  ? 15.307  -1.199  -3.917  1.00 55.90 ? 29  GLU A CB  1 
ATOM   280  C  CG  . GLU A 1 48  ? 15.214  -0.706  -5.311  1.00 66.16 ? 29  GLU A CG  1 
ATOM   281  C  CD  . GLU A 1 48  ? 16.386  -1.138  -6.188  1.00 75.60 ? 29  GLU A CD  1 
ATOM   282  O  OE1 . GLU A 1 48  ? 17.065  -2.149  -5.874  1.00 80.42 ? 29  GLU A OE1 1 
ATOM   283  O  OE2 . GLU A 1 48  ? 16.599  -0.459  -7.218  1.00 82.68 ? 29  GLU A OE2 1 
ATOM   284  N  N   . ASP A 1 49  ? 14.546  1.286   -2.116  1.00 52.98 ? 30  ASP A N   1 
ATOM   285  C  CA  . ASP A 1 49  ? 14.406  2.721   -1.926  1.00 54.11 ? 30  ASP A CA  1 
ATOM   286  C  C   . ASP A 1 49  ? 14.970  3.383   -3.153  1.00 55.49 ? 30  ASP A C   1 
ATOM   287  O  O   . ASP A 1 49  ? 15.915  2.884   -3.752  1.00 56.07 ? 30  ASP A O   1 
ATOM   288  C  CB  . ASP A 1 49  ? 15.152  3.233   -0.668  1.00 54.08 ? 30  ASP A CB  1 
ATOM   289  C  CG  . ASP A 1 49  ? 14.588  2.656   0.666   1.00 55.10 ? 30  ASP A CG  1 
ATOM   290  O  OD1 . ASP A 1 49  ? 13.661  1.818   0.658   1.00 58.51 ? 30  ASP A OD1 1 
ATOM   291  O  OD2 . ASP A 1 49  ? 15.072  3.057   1.745   1.00 61.59 ? 30  ASP A OD2 1 
ATOM   292  N  N   . TYR A 1 50  ? 14.339  4.463   -3.584  1.00 55.18 ? 31  TYR A N   1 
ATOM   293  C  CA  . TYR A 1 50  ? 14.868  5.184   -4.718  1.00 54.54 ? 31  TYR A CA  1 
ATOM   294  C  C   . TYR A 1 50  ? 15.417  6.493   -4.159  1.00 54.37 ? 31  TYR A C   1 
ATOM   295  O  O   . TYR A 1 50  ? 16.601  6.644   -4.019  1.00 54.42 ? 31  TYR A O   1 
ATOM   296  C  CB  . TYR A 1 50  ? 13.817  5.367   -5.811  1.00 54.41 ? 31  TYR A CB  1 
ATOM   297  C  CG  . TYR A 1 50  ? 14.347  6.082   -7.002  1.00 57.28 ? 31  TYR A CG  1 
ATOM   298  C  CD1 . TYR A 1 50  ? 15.369  5.539   -7.749  1.00 62.46 ? 31  TYR A CD1 1 
ATOM   299  C  CD2 . TYR A 1 50  ? 13.822  7.303   -7.399  1.00 63.57 ? 31  TYR A CD2 1 
ATOM   300  C  CE1 . TYR A 1 50  ? 15.887  6.211   -8.841  1.00 66.06 ? 31  TYR A CE1 1 
ATOM   301  C  CE2 . TYR A 1 50  ? 14.328  7.980   -8.491  1.00 66.67 ? 31  TYR A CE2 1 
ATOM   302  C  CZ  . TYR A 1 50  ? 15.361  7.438   -9.207  1.00 68.15 ? 31  TYR A CZ  1 
ATOM   303  O  OH  . TYR A 1 50  ? 15.864  8.132   -10.300 1.00 74.05 ? 31  TYR A OH  1 
ATOM   304  N  N   . GLN A 1 51  ? 14.521  7.403   -3.812  1.00 55.64 ? 32  GLN A N   1 
ATOM   305  C  CA  . GLN A 1 51  ? 14.890  8.708   -3.262  1.00 56.85 ? 32  GLN A CA  1 
ATOM   306  C  C   . GLN A 1 51  ? 14.107  9.152   -2.040  1.00 55.71 ? 32  GLN A C   1 
ATOM   307  O  O   . GLN A 1 51  ? 12.882  9.142   -2.001  1.00 56.25 ? 32  GLN A O   1 
ATOM   308  C  CB  . GLN A 1 51  ? 14.826  9.777   -4.351  1.00 58.09 ? 32  GLN A CB  1 
ATOM   309  C  CG  . GLN A 1 51  ? 15.938  9.632   -5.374  1.00 60.30 ? 32  GLN A CG  1 
ATOM   310  C  CD  . GLN A 1 51  ? 15.916  10.755  -6.403  1.00 66.45 ? 32  GLN A CD  1 
ATOM   311  O  OE1 . GLN A 1 51  ? 14.857  11.082  -6.971  1.00 69.94 ? 32  GLN A OE1 1 
ATOM   312  N  NE2 . GLN A 1 51  ? 17.089  11.335  -6.671  1.00 57.03 ? 32  GLN A NE2 1 
ATOM   313  N  N   . SER A 1 52  ? 14.875  9.584   -1.063  1.00 53.96 ? 33  SER A N   1 
ATOM   314  C  CA  . SER A 1 52  ? 14.362  10.038  0.226   1.00 53.40 ? 33  SER A CA  1 
ATOM   315  C  C   . SER A 1 52  ? 14.780  11.469  0.500   1.00 52.59 ? 33  SER A C   1 
ATOM   316  O  O   . SER A 1 52  ? 15.926  11.827  0.261   1.00 53.43 ? 33  SER A O   1 
ATOM   317  C  CB  . SER A 1 52  ? 14.930  9.160   1.343   1.00 52.70 ? 33  SER A CB  1 
ATOM   318  O  OG  . SER A 1 52  ? 14.590  7.806   1.129   1.00 52.02 ? 33  SER A OG  1 
ATOM   319  N  N   . TRP A 1 53  ? 13.844  12.283  0.967   1.00 50.63 ? 34  TRP A N   1 
ATOM   320  C  CA  . TRP A 1 53  ? 14.153  13.682  1.277   1.00 51.28 ? 34  TRP A CA  1 
ATOM   321  C  C   . TRP A 1 53  ? 13.383  14.105  2.497   1.00 51.35 ? 34  TRP A C   1 
ATOM   322  O  O   . TRP A 1 53  ? 12.743  13.274  3.147   1.00 50.73 ? 34  TRP A O   1 
ATOM   323  C  CB  . TRP A 1 53  ? 13.974  14.656  0.082   1.00 50.80 ? 34  TRP A CB  1 
ATOM   324  C  CG  . TRP A 1 53  ? 12.597  14.895  -0.408  1.00 52.64 ? 34  TRP A CG  1 
ATOM   325  C  CD1 . TRP A 1 53  ? 11.833  16.008  -0.205  1.00 57.49 ? 34  TRP A CD1 1 
ATOM   326  C  CD2 . TRP A 1 53  ? 11.811  14.003  -1.187  1.00 56.36 ? 34  TRP A CD2 1 
ATOM   327  N  NE1 . TRP A 1 53  ? 10.611  15.855  -0.810  1.00 61.21 ? 34  TRP A NE1 1 
ATOM   328  C  CE2 . TRP A 1 53  ? 10.577  14.631  -1.425  1.00 59.77 ? 34  TRP A CE2 1 
ATOM   329  C  CE3 . TRP A 1 53  ? 12.030  12.724  -1.706  1.00 57.12 ? 34  TRP A CE3 1 
ATOM   330  C  CZ2 . TRP A 1 53  ? 9.565   14.024  -2.156  1.00 62.33 ? 34  TRP A CZ2 1 
ATOM   331  C  CZ3 . TRP A 1 53  ? 11.026  12.122  -2.426  1.00 60.52 ? 34  TRP A CZ3 1 
ATOM   332  C  CH2 . TRP A 1 53  ? 9.807   12.773  -2.646  1.00 60.78 ? 34  TRP A CH2 1 
ATOM   333  N  N   . SER A 1 54  ? 13.448  15.396  2.793   1.00 50.68 ? 35  SER A N   1 
ATOM   334  C  CA  . SER A 1 54  ? 12.820  15.908  4.007   1.00 49.66 ? 35  SER A CA  1 
ATOM   335  C  C   . SER A 1 54  ? 11.307  15.798  4.014   1.00 49.28 ? 35  SER A C   1 
ATOM   336  O  O   . SER A 1 54  ? 10.701  15.577  5.037   1.00 51.84 ? 35  SER A O   1 
ATOM   337  C  CB  . SER A 1 54  ? 13.240  17.359  4.268   1.00 49.66 ? 35  SER A CB  1 
ATOM   338  O  OG  . SER A 1 54  ? 12.777  18.224  3.255   1.00 51.77 ? 35  SER A OG  1 
ATOM   339  N  N   . ARG A 1 55  ? 10.721  15.899  2.850   1.00 48.27 ? 36  ARG A N   1 
ATOM   340  C  CA  . ARG A 1 55  ? 9.272   15.888  2.689   1.00 49.31 ? 36  ARG A CA  1 
ATOM   341  C  C   . ARG A 1 55  ? 8.728   14.657  1.971   1.00 48.83 ? 36  ARG A C   1 
ATOM   342  O  O   . ARG A 1 55  ? 7.561   14.613  1.600   1.00 50.11 ? 36  ARG A O   1 
ATOM   343  C  CB  . ARG A 1 55  ? 8.857   17.141  1.902   1.00 51.31 ? 36  ARG A CB  1 
ATOM   344  C  CG  . ARG A 1 55  ? 8.770   18.508  2.693   1.00 57.02 ? 36  ARG A CG  1 
ATOM   345  C  CD  . ARG A 1 55  ? 7.370   18.648  3.348   1.00 63.39 ? 36  ARG A CD  1 
ATOM   346  N  NE  . ARG A 1 55  ? 7.164   19.922  4.016   1.00 67.90 ? 36  ARG A NE  1 
ATOM   347  C  CZ  . ARG A 1 55  ? 6.024   20.304  4.586   1.00 76.00 ? 36  ARG A CZ  1 
ATOM   348  N  NH1 . ARG A 1 55  ? 4.965   19.524  4.545   1.00 78.19 ? 36  ARG A NH1 1 
ATOM   349  N  NH2 . ARG A 1 55  ? 5.936   21.489  5.183   1.00 81.14 ? 36  ARG A NH2 1 
ATOM   350  N  N   . GLY A 1 56  ? 9.562   13.662  1.751   1.00 46.89 ? 37  GLY A N   1 
ATOM   351  C  CA  . GLY A 1 56  ? 9.080   12.469  1.103   1.00 45.92 ? 37  GLY A CA  1 
ATOM   352  C  C   . GLY A 1 56  ? 10.027  11.336  0.873   1.00 46.61 ? 37  GLY A C   1 
ATOM   353  O  O   . GLY A 1 56  ? 11.158  11.300  1.349   1.00 45.45 ? 37  GLY A O   1 
ATOM   354  N  N   . LYS A 1 57  ? 9.488   10.365  0.158   1.00 48.02 ? 38  LYS A N   1 
ATOM   355  C  CA  . LYS A 1 57  ? 10.236  9.158   -0.195  1.00 48.73 ? 38  LYS A CA  1 
ATOM   356  C  C   . LYS A 1 57  ? 9.594   8.395   -1.325  1.00 50.16 ? 38  LYS A C   1 
ATOM   357  O  O   . LYS A 1 57  ? 8.371   8.296   -1.429  1.00 52.69 ? 38  LYS A O   1 
ATOM   358  C  CB  . LYS A 1 57  ? 10.421  8.240   1.005   1.00 47.81 ? 38  LYS A CB  1 
ATOM   359  C  CG  . LYS A 1 57  ? 11.376  7.091   0.730   1.00 48.73 ? 38  LYS A CG  1 
ATOM   360  C  CD  . LYS A 1 57  ? 11.629  6.236   1.971   1.00 48.04 ? 38  LYS A CD  1 
ATOM   361  C  CE  . LYS A 1 57  ? 12.701  5.193   1.692   1.00 44.84 ? 38  LYS A CE  1 
ATOM   362  N  NZ  . LYS A 1 57  ? 12.866  4.359   2.900   1.00 45.72 ? 38  LYS A NZ  1 
ATOM   363  N  N   . SER A 1 58  ? 10.454  7.903   -2.194  1.00 49.68 ? 39  SER A N   1 
ATOM   364  C  CA  . SER A 1 58  ? 10.043  7.102   -3.337  1.00 49.26 ? 39  SER A CA  1 
ATOM   365  C  C   . SER A 1 58  ? 10.726  5.726   -3.264  1.00 48.89 ? 39  SER A C   1 
ATOM   366  O  O   . SER A 1 58  ? 11.846  5.576   -2.709  1.00 45.90 ? 39  SER A O   1 
ATOM   367  C  CB  . SER A 1 58  ? 10.342  7.838   -4.642  1.00 49.50 ? 39  SER A CB  1 
ATOM   368  O  OG  . SER A 1 58  ? 11.739  8.105   -4.810  1.00 56.03 ? 39  SER A OG  1 
ATOM   369  N  N   . TYR A 1 59  ? 9.994   4.745   -3.818  1.00 50.02 ? 40  TYR A N   1 
ATOM   370  C  CA  . TYR A 1 59  ? 10.383  3.328   -3.878  1.00 50.67 ? 40  TYR A CA  1 
ATOM   371  C  C   . TYR A 1 59  ? 10.255  2.756   -5.282  1.00 49.62 ? 40  TYR A C   1 
ATOM   372  O  O   . TYR A 1 59  ? 9.371   3.107   -6.032  1.00 51.81 ? 40  TYR A O   1 
ATOM   373  C  CB  . TYR A 1 59  ? 9.516   2.466   -2.934  1.00 50.04 ? 40  TYR A CB  1 
ATOM   374  C  CG  . TYR A 1 59  ? 9.417   2.916   -1.473  1.00 52.00 ? 40  TYR A CG  1 
ATOM   375  C  CD1 . TYR A 1 59  ? 8.531   3.924   -1.109  1.00 51.10 ? 40  TYR A CD1 1 
ATOM   376  C  CD2 . TYR A 1 59  ? 10.141  2.280   -0.460  1.00 43.41 ? 40  TYR A CD2 1 
ATOM   377  C  CE1 . TYR A 1 59  ? 8.373   4.309   0.194   1.00 47.32 ? 40  TYR A CE1 1 
ATOM   378  C  CE2 . TYR A 1 59  ? 9.994   2.649   0.852   1.00 46.13 ? 40  TYR A CE2 1 
ATOM   379  C  CZ  . TYR A 1 59  ? 9.094   3.667   1.181   1.00 51.89 ? 40  TYR A CZ  1 
ATOM   380  O  OH  . TYR A 1 59  ? 8.914   4.076   2.479   1.00 48.53 ? 40  TYR A OH  1 
ATOM   381  N  N   . LYS A 1 60  ? 11.149  1.843   -5.612  1.00 52.28 ? 41  LYS A N   1 
ATOM   382  C  CA  . LYS A 1 60  ? 11.180  1.235   -6.961  1.00 52.86 ? 41  LYS A CA  1 
ATOM   383  C  C   . LYS A 1 60  ? 11.017  -0.259  -7.003  1.00 52.76 ? 41  LYS A C   1 
ATOM   384  O  O   . LYS A 1 60  ? 11.494  -0.987  -6.144  1.00 52.37 ? 41  LYS A O   1 
ATOM   385  C  CB  . LYS A 1 60  ? 12.472  1.599   -7.690  1.00 53.12 ? 41  LYS A CB  1 
ATOM   386  C  CG  . LYS A 1 60  ? 12.477  1.179   -9.178  1.00 56.01 ? 41  LYS A CG  1 
ATOM   387  C  CD  . LYS A 1 60  ? 13.787  1.617   -9.886  1.00 59.41 ? 41  LYS A CD  1 
ATOM   388  N  N   . HIS A 1 61  ? 10.282  -0.658  -8.035  1.00 55.17 ? 42  HIS A N   1 
ATOM   389  C  CA  . HIS A 1 61  ? 9.980   -2.051  -8.349  1.00 55.77 ? 42  HIS A CA  1 
ATOM   390  C  C   . HIS A 1 61  ? 9.682   -2.178  -9.839  1.00 55.28 ? 42  HIS A C   1 
ATOM   391  O  O   . HIS A 1 61  ? 8.741   -1.584  -10.346 1.00 53.95 ? 42  HIS A O   1 
ATOM   392  C  CB  . HIS A 1 61  ? 8.781   -2.572  -7.567  1.00 55.82 ? 42  HIS A CB  1 
ATOM   393  C  CG  . HIS A 1 61  ? 8.658   -4.059  -7.627  1.00 61.49 ? 42  HIS A CG  1 
ATOM   394  N  ND1 . HIS A 1 61  ? 8.034   -4.719  -8.661  1.00 70.38 ? 42  HIS A ND1 1 
ATOM   395  C  CD2 . HIS A 1 61  ? 9.126   -5.022  -6.795  1.00 68.88 ? 42  HIS A CD2 1 
ATOM   396  C  CE1 . HIS A 1 61  ? 8.109   -6.024  -8.456  1.00 67.18 ? 42  HIS A CE1 1 
ATOM   397  N  NE2 . HIS A 1 61  ? 8.771   -6.233  -7.333  1.00 62.58 ? 42  HIS A NE2 1 
ATOM   398  N  N   . GLY A 1 62  ? 10.475  -2.970  -10.533 1.00 56.36 ? 43  GLY A N   1 
ATOM   399  C  CA  . GLY A 1 62  ? 10.291  -3.133  -11.966 1.00 57.14 ? 43  GLY A CA  1 
ATOM   400  C  C   . GLY A 1 62  ? 10.426  -1.779  -12.633 1.00 57.15 ? 43  GLY A C   1 
ATOM   401  O  O   . GLY A 1 62  ? 11.387  -1.065  -12.424 1.00 57.95 ? 43  GLY A O   1 
ATOM   402  N  N   . LYS A 1 63  ? 9.444   -1.421  -13.435 1.00 58.05 ? 44  LYS A N   1 
ATOM   403  C  CA  . LYS A 1 63  ? 9.455   -0.131  -14.139 1.00 58.36 ? 44  LYS A CA  1 
ATOM   404  C  C   . LYS A 1 63  ? 8.502   0.882   -13.522 1.00 56.30 ? 44  LYS A C   1 
ATOM   405  O  O   . LYS A 1 63  ? 8.216   1.903   -14.128 1.00 55.85 ? 44  LYS A O   1 
ATOM   406  C  CB  . LYS A 1 63  ? 9.092   -0.321  -15.625 1.00 60.32 ? 44  LYS A CB  1 
ATOM   407  C  CG  . LYS A 1 63  ? 10.200  -0.904  -16.460 1.00 65.45 ? 44  LYS A CG  1 
ATOM   408  C  CD  . LYS A 1 63  ? 11.387  0.059   -16.534 1.00 70.04 ? 44  LYS A CD  1 
ATOM   409  N  N   . THR A 1 64  ? 8.058   0.627   -12.295 1.00 55.24 ? 45  THR A N   1 
ATOM   410  C  CA  . THR A 1 64  ? 7.093   1.534   -11.616 1.00 53.22 ? 45  THR A CA  1 
ATOM   411  C  C   . THR A 1 64  ? 7.523   1.966   -10.222 1.00 52.89 ? 45  THR A C   1 
ATOM   412  O  O   . THR A 1 64  ? 8.015   1.162   -9.413  1.00 53.66 ? 45  THR A O   1 
ATOM   413  C  CB  . THR A 1 64  ? 5.687   0.863   -11.545 1.00 54.06 ? 45  THR A CB  1 
ATOM   414  O  OG1 . THR A 1 64  ? 5.235   0.500   -12.872 1.00 53.89 ? 45  THR A OG1 1 
ATOM   415  C  CG2 . THR A 1 64  ? 4.647   1.750   -10.816 1.00 48.34 ? 45  THR A CG2 1 
ATOM   416  N  N   . TYR A 1 65  ? 7.337   3.249   -9.953  1.00 50.79 ? 46  TYR A N   1 
ATOM   417  C  CA  . TYR A 1 65  ? 7.683   3.818   -8.655  1.00 51.15 ? 46  TYR A CA  1 
ATOM   418  C  C   . TYR A 1 65  ? 6.446   4.241   -7.871  1.00 49.56 ? 46  TYR A C   1 
ATOM   419  O  O   . TYR A 1 65  ? 5.406   4.523   -8.410  1.00 50.51 ? 46  TYR A O   1 
ATOM   420  C  CB  . TYR A 1 65  ? 8.554   5.083   -8.780  1.00 52.76 ? 46  TYR A CB  1 
ATOM   421  C  CG  . TYR A 1 65  ? 9.867   4.937   -9.489  1.00 58.81 ? 46  TYR A CG  1 
ATOM   422  C  CD1 . TYR A 1 65  ? 9.950   5.101   -10.870 1.00 66.56 ? 46  TYR A CD1 1 
ATOM   423  C  CD2 . TYR A 1 65  ? 11.043  4.681   -8.784  1.00 67.32 ? 46  TYR A CD2 1 
ATOM   424  C  CE1 . TYR A 1 65  ? 11.196  4.978   -11.547 1.00 70.78 ? 46  TYR A CE1 1 
ATOM   425  C  CE2 . TYR A 1 65  ? 12.282  4.562   -9.442  1.00 69.58 ? 46  TYR A CE2 1 
ATOM   426  C  CZ  . TYR A 1 65  ? 12.362  4.709   -10.820 1.00 69.75 ? 46  TYR A CZ  1 
ATOM   427  O  OH  . TYR A 1 65  ? 13.590  4.589   -11.472 1.00 66.09 ? 46  TYR A OH  1 
ATOM   428  N  N   . LEU A 1 66  ? 6.600   4.236   -6.567  1.00 49.24 ? 47  LEU A N   1 
ATOM   429  C  CA  . LEU A 1 66  ? 5.594   4.682   -5.617  1.00 48.20 ? 47  LEU A CA  1 
ATOM   430  C  C   . LEU A 1 66  ? 6.267   5.830   -4.832  1.00 49.07 ? 47  LEU A C   1 
ATOM   431  O  O   . LEU A 1 66  ? 7.353   5.652   -4.257  1.00 48.50 ? 47  LEU A O   1 
ATOM   432  C  CB  . LEU A 1 66  ? 5.158   3.537   -4.692  1.00 49.79 ? 47  LEU A CB  1 
ATOM   433  C  CG  . LEU A 1 66  ? 4.366   2.373   -5.314  1.00 54.04 ? 47  LEU A CG  1 
ATOM   434  C  CD1 . LEU A 1 66  ? 3.887   1.347   -4.214  1.00 49.78 ? 47  LEU A CD1 1 
ATOM   435  C  CD2 . LEU A 1 66  ? 3.158   2.904   -6.118  1.00 52.04 ? 47  LEU A CD2 1 
ATOM   436  N  N   . VAL A 1 67  ? 5.627   7.000   -4.856  1.00 47.83 ? 48  VAL A N   1 
ATOM   437  C  CA  . VAL A 1 67  ? 6.146   8.196   -4.224  1.00 48.04 ? 48  VAL A CA  1 
ATOM   438  C  C   . VAL A 1 67  ? 5.202   8.733   -3.159  1.00 49.97 ? 48  VAL A C   1 
ATOM   439  O  O   . VAL A 1 67  ? 4.015   8.943   -3.400  1.00 49.60 ? 48  VAL A O   1 
ATOM   440  C  CB  . VAL A 1 67  ? 6.337   9.326   -5.257  1.00 48.50 ? 48  VAL A CB  1 
ATOM   441  C  CG1 . VAL A 1 67  ? 7.132   10.540  -4.623  1.00 49.17 ? 48  VAL A CG1 1 
ATOM   442  C  CG2 . VAL A 1 67  ? 7.020   8.796   -6.488  1.00 44.74 ? 48  VAL A CG2 1 
ATOM   443  N  N   . PHE A 1 68  ? 5.752   8.926   -1.970  1.00 50.63 ? 49  PHE A N   1 
ATOM   444  C  CA  . PHE A 1 68  ? 4.968   9.419   -0.837  1.00 51.94 ? 49  PHE A CA  1 
ATOM   445  C  C   . PHE A 1 68  ? 5.530   10.737  -0.377  1.00 51.89 ? 49  PHE A C   1 
ATOM   446  O  O   . PHE A 1 68  ? 6.723   10.823  -0.059  1.00 52.28 ? 49  PHE A O   1 
ATOM   447  C  CB  . PHE A 1 68  ? 4.935   8.417   0.312   1.00 50.95 ? 49  PHE A CB  1 
ATOM   448  C  CG  . PHE A 1 68  ? 4.338   7.106   -0.066  1.00 52.74 ? 49  PHE A CG  1 
ATOM   449  C  CD1 . PHE A 1 68  ? 5.127   6.104   -0.635  1.00 51.00 ? 49  PHE A CD1 1 
ATOM   450  C  CD2 . PHE A 1 68  ? 2.985   6.872   0.118   1.00 52.38 ? 49  PHE A CD2 1 
ATOM   451  C  CE1 . PHE A 1 68  ? 4.587   4.895   -0.977  1.00 50.02 ? 49  PHE A CE1 1 
ATOM   452  C  CE2 . PHE A 1 68  ? 2.434   5.643   -0.225  1.00 50.89 ? 49  PHE A CE2 1 
ATOM   453  C  CZ  . PHE A 1 68  ? 3.252   4.649   -0.777  1.00 47.92 ? 49  PHE A CZ  1 
ATOM   454  N  N   . VAL A 1 69  ? 4.631   11.731  -0.315  1.00 51.44 ? 50  VAL A N   1 
ATOM   455  C  CA  . VAL A 1 69  ? 4.978   13.108  0.068   1.00 50.40 ? 50  VAL A CA  1 
ATOM   456  C  C   . VAL A 1 69  ? 4.147   13.625  1.250   1.00 51.66 ? 50  VAL A C   1 
ATOM   457  O  O   . VAL A 1 69  ? 2.976   13.259  1.455   1.00 52.84 ? 50  VAL A O   1 
ATOM   458  C  CB  . VAL A 1 69  ? 4.805   14.041  -1.124  1.00 49.82 ? 50  VAL A CB  1 
ATOM   459  C  CG1 . VAL A 1 69  ? 5.439   15.432  -0.819  1.00 52.71 ? 50  VAL A CG1 1 
ATOM   460  C  CG2 . VAL A 1 69  ? 5.462   13.436  -2.338  1.00 46.79 ? 50  VAL A CG2 1 
ATOM   461  N  N   . GLN A 1 70  ? 4.805   14.439  2.064   1.00 50.65 ? 51  GLN A N   1 
ATOM   462  C  CA  . GLN A 1 70  ? 4.170   15.046  3.237   1.00 49.70 ? 51  GLN A CA  1 
ATOM   463  C  C   . GLN A 1 70  ? 3.121   16.061  2.819   1.00 48.91 ? 51  GLN A C   1 
ATOM   464  O  O   . GLN A 1 70  ? 3.381   16.992  2.085   1.00 46.81 ? 51  GLN A O   1 
ATOM   465  C  CB  . GLN A 1 70  ? 5.221   15.720  4.139   1.00 50.02 ? 51  GLN A CB  1 
ATOM   466  C  CG  . GLN A 1 70  ? 4.653   16.529  5.279   1.00 51.16 ? 51  GLN A CG  1 
ATOM   467  C  CD  . GLN A 1 70  ? 3.900   15.692  6.269   1.00 55.12 ? 51  GLN A CD  1 
ATOM   468  O  OE1 . GLN A 1 70  ? 4.426   14.722  6.816   1.00 62.14 ? 51  GLN A OE1 1 
ATOM   469  N  NE2 . GLN A 1 70  ? 2.673   16.086  6.542   1.00 55.20 ? 51  GLN A NE2 1 
ATOM   470  N  N   . THR A 1 71  ? 1.904   15.836  3.284   1.00 51.08 ? 52  THR A N   1 
ATOM   471  C  CA  . THR A 1 71  ? 0.791   16.761  3.018   1.00 51.81 ? 52  THR A CA  1 
ATOM   472  C  C   . THR A 1 71  ? 1.133   18.096  3.679   1.00 53.00 ? 52  THR A C   1 
ATOM   473  O  O   . THR A 1 71  ? 1.563   18.124  4.830   1.00 52.01 ? 52  THR A O   1 
ATOM   474  C  CB  . THR A 1 71  ? -0.527  16.252  3.639   1.00 51.29 ? 52  THR A CB  1 
ATOM   475  O  OG1 . THR A 1 71  ? -0.829  14.976  3.091   1.00 49.62 ? 52  THR A OG1 1 
ATOM   476  C  CG2 . THR A 1 71  ? -1.672  17.221  3.391   1.00 49.71 ? 52  THR A CG2 1 
ATOM   477  N  N   . GLU A 1 72  ? 0.961   19.184  2.934   1.00 53.79 ? 53  GLU A N   1 
ATOM   478  C  CA  . GLU A 1 72  ? 1.228   20.515  3.454   1.00 54.27 ? 53  GLU A CA  1 
ATOM   479  C  C   . GLU A 1 72  ? 0.254   20.836  4.610   1.00 55.62 ? 53  GLU A C   1 
ATOM   480  O  O   . GLU A 1 72  ? -0.894  20.376  4.666   1.00 55.99 ? 53  GLU A O   1 
ATOM   481  C  CB  . GLU A 1 72  ? 1.192   21.570  2.333   1.00 55.15 ? 53  GLU A CB  1 
ATOM   482  C  CG  . GLU A 1 72  ? 2.349   21.426  1.293   1.00 59.69 ? 53  GLU A CG  1 
ATOM   483  C  CD  . GLU A 1 72  ? 2.196   22.294  0.014   1.00 62.99 ? 53  GLU A CD  1 
ATOM   484  O  OE1 . GLU A 1 72  ? 1.564   23.360  0.043   1.00 67.51 ? 53  GLU A OE1 1 
ATOM   485  O  OE2 . GLU A 1 72  ? 2.737   21.893  -1.042  1.00 70.87 ? 53  GLU A OE2 1 
ATOM   486  N  N   . ASP A 1 73  ? 0.753   21.617  5.553   1.00 56.54 ? 54  ASP A N   1 
ATOM   487  C  CA  . ASP A 1 73  ? -0.029  22.021  6.733   1.00 56.31 ? 54  ASP A CA  1 
ATOM   488  C  C   . ASP A 1 73  ? -1.421  22.499  6.393   1.00 54.20 ? 54  ASP A C   1 
ATOM   489  O  O   . ASP A 1 73  ? -2.423  21.965  6.851   1.00 53.86 ? 54  ASP A O   1 
ATOM   490  C  CB  . ASP A 1 73  ? 0.688   23.124  7.496   1.00 57.48 ? 54  ASP A CB  1 
ATOM   491  C  CG  . ASP A 1 73  ? 1.949   22.635  8.162   1.00 61.96 ? 54  ASP A CG  1 
ATOM   492  O  OD1 . ASP A 1 73  ? 2.230   21.425  8.046   1.00 67.82 ? 54  ASP A OD1 1 
ATOM   493  O  OD2 . ASP A 1 73  ? 2.647   23.457  8.804   1.00 74.45 ? 54  ASP A OD2 1 
ATOM   494  N  N   . ARG A 1 74  ? -1.444  23.521  5.573   1.00 53.77 ? 55  ARG A N   1 
ATOM   495  C  CA  . ARG A 1 74  ? -2.687  24.163  5.132   1.00 55.59 ? 55  ARG A CA  1 
ATOM   496  C  C   . ARG A 1 74  ? -3.666  23.243  4.397   1.00 56.83 ? 55  ARG A C   1 
ATOM   497  O  O   . ARG A 1 74  ? -4.791  23.650  4.085   1.00 55.52 ? 55  ARG A O   1 
ATOM   498  C  CB  . ARG A 1 74  ? -2.374  25.414  4.278   1.00 56.74 ? 55  ARG A CB  1 
ATOM   499  C  CG  . ARG A 1 74  ? -1.496  25.107  3.072   1.00 63.33 ? 55  ARG A CG  1 
ATOM   500  C  CD  . ARG A 1 74  ? -1.271  26.276  2.128   1.00 66.56 ? 55  ARG A CD  1 
ATOM   501  N  NE  . ARG A 1 74  ? -0.525  25.781  0.971   1.00 69.49 ? 55  ARG A NE  1 
ATOM   502  C  CZ  . ARG A 1 74  ? -0.376  26.441  -0.168  1.00 73.52 ? 55  ARG A CZ  1 
ATOM   503  N  NH1 . ARG A 1 74  ? -0.945  27.626  -0.315  1.00 74.22 ? 55  ARG A NH1 1 
ATOM   504  N  NH2 . ARG A 1 74  ? 0.310   25.899  -1.174  1.00 77.67 ? 55  ARG A NH2 1 
ATOM   505  N  N   . PHE A 1 75  ? -3.235  21.994  4.170   1.00 57.66 ? 56  PHE A N   1 
ATOM   506  C  CA  . PHE A 1 75  ? -4.030  20.980  3.453   1.00 58.43 ? 56  PHE A CA  1 
ATOM   507  C  C   . PHE A 1 75  ? -4.296  19.665  4.198   1.00 58.40 ? 56  PHE A C   1 
ATOM   508  O  O   . PHE A 1 75  ? -4.892  18.752  3.638   1.00 58.14 ? 56  PHE A O   1 
ATOM   509  C  CB  . PHE A 1 75  ? -3.388  20.645  2.101   1.00 57.94 ? 56  PHE A CB  1 
ATOM   510  C  CG  . PHE A 1 75  ? -3.434  21.781  1.121   1.00 61.59 ? 56  PHE A CG  1 
ATOM   511  C  CD1 . PHE A 1 75  ? -4.630  22.130  0.519   1.00 64.39 ? 56  PHE A CD1 1 
ATOM   512  C  CD2 . PHE A 1 75  ? -2.291  22.478  0.771   1.00 61.11 ? 56  PHE A CD2 1 
ATOM   513  C  CE1 . PHE A 1 75  ? -4.692  23.173  -0.377  1.00 65.55 ? 56  PHE A CE1 1 
ATOM   514  C  CE2 . PHE A 1 75  ? -2.348  23.531  -0.124  1.00 61.48 ? 56  PHE A CE2 1 
ATOM   515  C  CZ  . PHE A 1 75  ? -3.544  23.877  -0.696  1.00 65.04 ? 56  PHE A CZ  1 
ATOM   516  N  N   . GLN A 1 76  ? -3.861  19.580  5.451   1.00 58.15 ? 57  GLN A N   1 
ATOM   517  C  CA  . GLN A 1 76  ? -4.040  18.344  6.258   1.00 57.59 ? 57  GLN A CA  1 
ATOM   518  C  C   . GLN A 1 76  ? -5.501  18.124  6.677   1.00 56.81 ? 57  GLN A C   1 
ATOM   519  O  O   . GLN A 1 76  ? -5.892  17.022  7.095   1.00 56.27 ? 57  GLN A O   1 
ATOM   520  C  CB  . GLN A 1 76  ? -3.136  18.350  7.489   1.00 58.26 ? 57  GLN A CB  1 
ATOM   521  C  CG  . GLN A 1 76  ? -1.637  18.339  7.208   1.00 60.70 ? 57  GLN A CG  1 
ATOM   522  C  CD  . GLN A 1 76  ? -0.805  18.646  8.449   1.00 61.48 ? 57  GLN A CD  1 
ATOM   523  O  OE1 . GLN A 1 76  ? -1.252  19.340  9.359   1.00 67.84 ? 57  GLN A OE1 1 
ATOM   524  N  NE2 . GLN A 1 76  ? 0.425   18.170  8.464   1.00 64.53 ? 57  GLN A NE2 1 
ATOM   525  N  N   . THR A 1 77  ? -6.297  19.177  6.528   1.00 54.86 ? 58  THR A N   1 
ATOM   526  C  CA  . THR A 1 77  ? -7.732  19.142  6.858   1.00 54.31 ? 58  THR A CA  1 
ATOM   527  C  C   . THR A 1 77  ? -8.565  19.584  5.654   1.00 54.87 ? 58  THR A C   1 
ATOM   528  O  O   . THR A 1 77  ? -8.212  20.551  4.987   1.00 56.46 ? 58  THR A O   1 
ATOM   529  C  CB  . THR A 1 77  ? -8.044  20.069  8.044   1.00 55.23 ? 58  THR A CB  1 
ATOM   530  O  OG1 . THR A 1 77  ? -7.391  19.551  9.207   1.00 53.71 ? 58  THR A OG1 1 
ATOM   531  C  CG2 . THR A 1 77  ? -9.574  20.182  8.297   1.00 52.55 ? 58  THR A CG2 1 
ATOM   532  N  N   . PRO A 1 78  ? -9.640  18.849  5.326   1.00 54.47 ? 59  PRO A N   1 
ATOM   533  C  CA  . PRO A 1 78  ? -10.115 17.630  5.990   1.00 54.57 ? 59  PRO A CA  1 
ATOM   534  C  C   . PRO A 1 78  ? -9.279  16.421  5.674   1.00 54.32 ? 59  PRO A C   1 
ATOM   535  O  O   . PRO A 1 78  ? -8.657  16.306  4.621   1.00 56.19 ? 59  PRO A O   1 
ATOM   536  C  CB  . PRO A 1 78  ? -11.526 17.423  5.424   1.00 54.95 ? 59  PRO A CB  1 
ATOM   537  C  CG  . PRO A 1 78  ? -11.536 18.164  4.113   1.00 55.53 ? 59  PRO A CG  1 
ATOM   538  C  CD  . PRO A 1 78  ? -10.543 19.291  4.245   1.00 54.07 ? 59  PRO A CD  1 
ATOM   539  N  N   . THR A 1 79  ? -9.316  15.511  6.613   1.00 53.50 ? 60  THR A N   1 
ATOM   540  C  CA  . THR A 1 79  ? -8.555  14.285  6.521   1.00 52.48 ? 60  THR A CA  1 
ATOM   541  C  C   . THR A 1 79  ? -9.085  13.385  5.435   1.00 52.58 ? 60  THR A C   1 
ATOM   542  O  O   . THR A 1 79  ? -10.224 13.477  4.985   1.00 53.08 ? 60  THR A O   1 
ATOM   543  C  CB  . THR A 1 79  ? -8.587  13.519  7.827   1.00 51.92 ? 60  THR A CB  1 
ATOM   544  O  OG1 . THR A 1 79  ? -9.942  13.132  8.095   1.00 48.28 ? 60  THR A OG1 1 
ATOM   545  C  CG2 . THR A 1 79  ? -8.040  14.393  8.957   1.00 52.32 ? 60  THR A CG2 1 
ATOM   546  N  N   . PHE A 1 80  ? -8.196  12.523  4.997   1.00 52.83 ? 61  PHE A N   1 
ATOM   547  C  CA  . PHE A 1 80  ? -8.498  11.550  3.954   1.00 50.68 ? 61  PHE A CA  1 
ATOM   548  C  C   . PHE A 1 80  ? -9.556  10.559  4.328   1.00 49.96 ? 61  PHE A C   1 
ATOM   549  O  O   . PHE A 1 80  ? -9.539  10.015  5.420   1.00 49.52 ? 61  PHE A O   1 
ATOM   550  C  CB  . PHE A 1 80  ? -7.249  10.742  3.668   1.00 49.09 ? 61  PHE A CB  1 
ATOM   551  C  CG  . PHE A 1 80  ? -7.473  9.595   2.780   1.00 47.23 ? 61  PHE A CG  1 
ATOM   552  C  CD1 . PHE A 1 80  ? -7.437  9.750   1.398   1.00 51.28 ? 61  PHE A CD1 1 
ATOM   553  C  CD2 . PHE A 1 80  ? -7.656  8.334   3.301   1.00 51.26 ? 61  PHE A CD2 1 
ATOM   554  C  CE1 . PHE A 1 80  ? -7.601  8.673   0.551   1.00 42.89 ? 61  PHE A CE1 1 
ATOM   555  C  CE2 . PHE A 1 80  ? -7.840  7.245   2.462   1.00 44.85 ? 61  PHE A CE2 1 
ATOM   556  C  CZ  . PHE A 1 80  ? -7.818  7.419   1.076   1.00 49.80 ? 61  PHE A CZ  1 
ATOM   557  N  N   . HIS A 1 81  ? -10.462 10.323  3.394   1.00 50.19 ? 62  HIS A N   1 
ATOM   558  C  CA  . HIS A 1 81  ? -11.497 9.309   3.569   1.00 51.86 ? 62  HIS A CA  1 
ATOM   559  C  C   . HIS A 1 81  ? -11.626 8.493   2.278   1.00 51.73 ? 62  HIS A C   1 
ATOM   560  O  O   . HIS A 1 81  ? -12.037 9.021   1.250   1.00 53.13 ? 62  HIS A O   1 
ATOM   561  C  CB  . HIS A 1 81  ? -12.826 9.911   3.991   1.00 54.84 ? 62  HIS A CB  1 
ATOM   562  C  CG  . HIS A 1 81  ? -13.753 8.895   4.551   1.00 59.67 ? 62  HIS A CG  1 
ATOM   563  N  ND1 . HIS A 1 81  ? -14.460 8.027   3.752   1.00 65.00 ? 62  HIS A ND1 1 
ATOM   564  C  CD2 . HIS A 1 81  ? -14.031 8.551   5.828   1.00 63.97 ? 62  HIS A CD2 1 
ATOM   565  C  CE1 . HIS A 1 81  ? -15.166 7.216   4.515   1.00 67.46 ? 62  HIS A CE1 1 
ATOM   566  N  NE2 . HIS A 1 81  ? -14.923 7.513   5.777   1.00 65.34 ? 62  HIS A NE2 1 
ATOM   567  N  N   . ARG A 1 82  ? -11.285 7.200   2.340   1.00 51.13 ? 63  ARG A N   1 
ATOM   568  C  CA  . ARG A 1 82  ? -11.265 6.332   1.130   1.00 51.59 ? 63  ARG A CA  1 
ATOM   569  C  C   . ARG A 1 82  ? -12.588 6.129   0.414   1.00 52.72 ? 63  ARG A C   1 
ATOM   570  O  O   . ARG A 1 82  ? -12.639 5.515   -0.670  1.00 52.74 ? 63  ARG A O   1 
ATOM   571  C  CB  . ARG A 1 82  ? -10.602 4.961   1.373   1.00 52.13 ? 63  ARG A CB  1 
ATOM   572  C  CG  . ARG A 1 82  ? -11.373 3.967   2.228   1.00 53.12 ? 63  ARG A CG  1 
ATOM   573  C  CD  . ARG A 1 82  ? -10.529 2.711   2.452   1.00 52.52 ? 63  ARG A CD  1 
ATOM   574  N  NE  . ARG A 1 82  ? -11.143 1.740   3.358   1.00 52.71 ? 63  ARG A NE  1 
ATOM   575  C  CZ  . ARG A 1 82  ? -10.978 1.740   4.668   1.00 48.86 ? 63  ARG A CZ  1 
ATOM   576  N  NH1 . ARG A 1 82  ? -10.171 2.620   5.228   1.00 48.99 ? 63  ARG A NH1 1 
ATOM   577  N  NH2 . ARG A 1 82  ? -11.593 0.822   5.411   1.00 51.07 ? 63  ARG A NH2 1 
ATOM   578  N  N   . LYS A 1 83  ? -13.640 6.626   1.040   1.00 52.89 ? 64  LYS A N   1 
ATOM   579  C  CA  . LYS A 1 83  ? -14.999 6.560   0.487   1.00 54.23 ? 64  LYS A CA  1 
ATOM   580  C  C   . LYS A 1 83  ? -15.293 7.750   -0.442  1.00 53.63 ? 64  LYS A C   1 
ATOM   581  O  O   . LYS A 1 83  ? -16.201 7.710   -1.294  1.00 50.46 ? 64  LYS A O   1 
ATOM   582  C  CB  . LYS A 1 83  ? -16.054 6.525   1.581   1.00 56.53 ? 64  LYS A CB  1 
ATOM   583  C  CG  . LYS A 1 83  ? -16.441 5.163   2.172   1.00 61.50 ? 64  LYS A CG  1 
ATOM   584  C  CD  . LYS A 1 83  ? -17.040 4.312   1.106   1.00 67.52 ? 64  LYS A CD  1 
ATOM   585  C  CE  . LYS A 1 83  ? -18.147 3.451   1.637   1.00 69.50 ? 64  LYS A CE  1 
ATOM   586  N  NZ  . LYS A 1 83  ? -18.450 2.336   0.684   1.00 74.40 ? 64  LYS A NZ  1 
ATOM   587  N  N   . ARG A 1 84  ? -14.504 8.802   -0.267  1.00 53.36 ? 65  ARG A N   1 
ATOM   588  C  CA  . ARG A 1 84  ? -14.665 10.008  -1.065  1.00 54.18 ? 65  ARG A CA  1 
ATOM   589  C  C   . ARG A 1 84  ? -13.955 9.900   -2.399  1.00 52.85 ? 65  ARG A C   1 
ATOM   590  O  O   . ARG A 1 84  ? -13.209 8.954   -2.640  1.00 52.48 ? 65  ARG A O   1 
ATOM   591  C  CB  . ARG A 1 84  ? -14.270 11.258  -0.280  1.00 55.03 ? 65  ARG A CB  1 
ATOM   592  C  CG  . ARG A 1 84  ? -15.237 11.438  0.861   1.00 58.85 ? 65  ARG A CG  1 
ATOM   593  C  CD  . ARG A 1 84  ? -15.317 12.795  1.486   1.00 59.70 ? 65  ARG A CD  1 
ATOM   594  N  NE  . ARG A 1 84  ? -14.288 13.076  2.478   1.00 66.94 ? 65  ARG A NE  1 
ATOM   595  C  CZ  . ARG A 1 84  ? -13.172 13.740  2.228   1.00 70.88 ? 65  ARG A CZ  1 
ATOM   596  N  NH1 . ARG A 1 84  ? -12.939 14.225  1.007   1.00 76.53 ? 65  ARG A NH1 1 
ATOM   597  N  NH2 . ARG A 1 84  ? -12.299 13.940  3.203   1.00 70.76 ? 65  ARG A NH2 1 
ATOM   598  N  N   . THR A 1 85  ? -14.245 10.863  -3.267  1.00 50.83 ? 66  THR A N   1 
ATOM   599  C  CA  . THR A 1 85  ? -13.628 10.909  -4.622  1.00 50.59 ? 66  THR A CA  1 
ATOM   600  C  C   . THR A 1 85  ? -12.107 10.930  -4.492  1.00 50.51 ? 66  THR A C   1 
ATOM   601  O  O   . THR A 1 85  ? -11.561 11.616  -3.659  1.00 50.37 ? 66  THR A O   1 
ATOM   602  C  CB  . THR A 1 85  ? -14.169 12.101  -5.479  1.00 50.93 ? 66  THR A CB  1 
ATOM   603  O  OG1 . THR A 1 85  ? -15.581 11.913  -5.684  1.00 46.88 ? 66  THR A OG1 1 
ATOM   604  C  CG2 . THR A 1 85  ? -13.441 12.230  -6.850  1.00 48.42 ? 66  THR A CG2 1 
ATOM   605  N  N   . GLY A 1 86  ? -11.435 10.168  -5.339  1.00 50.31 ? 67  GLY A N   1 
ATOM   606  C  CA  . GLY A 1 86  ? -9.994  10.047  -5.292  1.00 50.57 ? 67  GLY A CA  1 
ATOM   607  C  C   . GLY A 1 86  ? -9.594  8.594   -4.980  1.00 52.07 ? 67  GLY A C   1 
ATOM   608  O  O   . GLY A 1 86  ? -10.320 7.652   -5.271  1.00 49.11 ? 67  GLY A O   1 
ATOM   609  N  N   . LEU A 1 87  ? -8.471  8.401   -4.296  1.00 53.03 ? 68  LEU A N   1 
ATOM   610  C  CA  . LEU A 1 87  ? -8.010  7.006   -4.024  1.00 51.34 ? 68  LEU A CA  1 
ATOM   611  C  C   . LEU A 1 87  ? -8.809  6.221   -2.985  1.00 49.31 ? 68  LEU A C   1 
ATOM   612  O  O   . LEU A 1 87  ? -9.137  6.730   -1.925  1.00 47.23 ? 68  LEU A O   1 
ATOM   613  C  CB  . LEU A 1 87  ? -6.526  7.020   -3.616  1.00 51.29 ? 68  LEU A CB  1 
ATOM   614  C  CG  . LEU A 1 87  ? -5.761  5.697   -3.364  1.00 53.52 ? 68  LEU A CG  1 
ATOM   615  C  CD1 . LEU A 1 87  ? -5.632  4.875   -4.668  1.00 45.79 ? 68  LEU A CD1 1 
ATOM   616  C  CD2 . LEU A 1 87  ? -4.372  5.918   -2.753  1.00 45.95 ? 68  LEU A CD2 1 
ATOM   617  N  N   . ASN A 1 88  ? -9.122  4.968   -3.331  1.00 48.49 ? 69  ASN A N   1 
ATOM   618  C  CA  . ASN A 1 88  ? -9.788  4.064   -2.401  1.00 47.56 ? 69  ASN A CA  1 
ATOM   619  C  C   . ASN A 1 88  ? -8.750  3.063   -1.909  1.00 46.72 ? 69  ASN A C   1 
ATOM   620  O  O   . ASN A 1 88  ? -8.561  2.872   -0.729  1.00 49.20 ? 69  ASN A O   1 
ATOM   621  C  CB  . ASN A 1 88  ? -10.958 3.290   -3.022  1.00 47.51 ? 69  ASN A CB  1 
ATOM   622  C  CG  . ASN A 1 88  ? -11.568 2.292   -2.026  1.00 47.37 ? 69  ASN A CG  1 
ATOM   623  O  OD1 . ASN A 1 88  ? -11.303 1.092   -2.123  1.00 44.33 ? 69  ASN A OD1 1 
ATOM   624  N  ND2 . ASN A 1 88  ? -12.245 2.800   -0.988  1.00 48.40 ? 69  ASN A ND2 1 
ATOM   625  N  N   . HIS A 1 89  ? -8.130  2.358   -2.840  1.00 47.48 ? 70  HIS A N   1 
ATOM   626  C  CA  . HIS A 1 89  ? -7.069  1.390   -2.485  1.00 45.05 ? 70  HIS A CA  1 
ATOM   627  C  C   . HIS A 1 89  ? -6.082  0.993   -3.565  1.00 47.61 ? 70  HIS A C   1 
ATOM   628  O  O   . HIS A 1 89  ? -6.303  1.167   -4.766  1.00 47.54 ? 70  HIS A O   1 
ATOM   629  C  CB  . HIS A 1 89  ? -7.657  0.131   -1.885  1.00 43.94 ? 70  HIS A CB  1 
ATOM   630  C  CG  . HIS A 1 89  ? -8.404  -0.751  -2.830  1.00 44.81 ? 70  HIS A CG  1 
ATOM   631  N  ND1 . HIS A 1 89  ? -9.714  -0.516  -3.222  1.00 48.19 ? 70  HIS A ND1 1 
ATOM   632  C  CD2 . HIS A 1 89  ? -8.068  -1.967  -3.336  1.00 46.20 ? 70  HIS A CD2 1 
ATOM   633  C  CE1 . HIS A 1 89  ? -10.127 -1.537  -3.959  1.00 45.77 ? 70  HIS A CE1 1 
ATOM   634  N  NE2 . HIS A 1 89  ? -9.148  -2.421  -4.050  1.00 48.96 ? 70  HIS A NE2 1 
ATOM   635  N  N   . LEU A 1 90  ? -4.982  0.438   -3.071  1.00 48.16 ? 71  LEU A N   1 
ATOM   636  C  CA  . LEU A 1 90  ? -3.906  -0.077  -3.903  1.00 50.00 ? 71  LEU A CA  1 
ATOM   637  C  C   . LEU A 1 90  ? -3.809  -1.554  -3.632  1.00 50.07 ? 71  LEU A C   1 
ATOM   638  O  O   . LEU A 1 90  ? -3.927  -1.994  -2.496  1.00 48.85 ? 71  LEU A O   1 
ATOM   639  C  CB  . LEU A 1 90  ? -2.557  0.553   -3.554  1.00 51.84 ? 71  LEU A CB  1 
ATOM   640  C  CG  . LEU A 1 90  ? -2.268  2.050   -3.725  1.00 56.35 ? 71  LEU A CG  1 
ATOM   641  C  CD1 . LEU A 1 90  ? -0.816  2.317   -3.309  1.00 48.96 ? 71  LEU A CD1 1 
ATOM   642  C  CD2 . LEU A 1 90  ? -2.571  2.427   -5.200  1.00 55.23 ? 71  LEU A CD2 1 
ATOM   643  N  N   . ALA A 1 91  ? -3.588  -2.336  -4.679  1.00 50.61 ? 72  ALA A N   1 
ATOM   644  C  CA  . ALA A 1 91  ? -3.462  -3.774  -4.490  1.00 48.98 ? 72  ALA A CA  1 
ATOM   645  C  C   . ALA A 1 91  ? -2.225  -4.208  -5.182  1.00 49.81 ? 72  ALA A C   1 
ATOM   646  O  O   . ALA A 1 91  ? -1.907  -3.699  -6.274  1.00 48.17 ? 72  ALA A O   1 
ATOM   647  C  CB  . ALA A 1 91  ? -4.673  -4.567  -5.011  1.00 47.22 ? 72  ALA A CB  1 
ATOM   648  N  N   . PHE A 1 92  ? -1.583  -5.202  -4.549  1.00 49.12 ? 73  PHE A N   1 
ATOM   649  C  CA  . PHE A 1 92  ? -0.355  -5.796  -5.013  1.00 48.13 ? 73  PHE A CA  1 
ATOM   650  C  C   . PHE A 1 92  ? -0.408  -7.293  -5.169  1.00 49.33 ? 73  PHE A C   1 
ATOM   651  O  O   . PHE A 1 92  ? -1.184  -7.972  -4.484  1.00 49.48 ? 73  PHE A O   1 
ATOM   652  C  CB  . PHE A 1 92  ? 0.779   -5.499  -4.012  1.00 48.93 ? 73  PHE A CB  1 
ATOM   653  C  CG  . PHE A 1 92  ? 1.019   -4.045  -3.762  1.00 47.21 ? 73  PHE A CG  1 
ATOM   654  C  CD1 . PHE A 1 92  ? 1.928   -3.331  -4.544  1.00 50.75 ? 73  PHE A CD1 1 
ATOM   655  C  CD2 . PHE A 1 92  ? 0.349   -3.394  -2.745  1.00 47.61 ? 73  PHE A CD2 1 
ATOM   656  C  CE1 . PHE A 1 92  ? 2.150   -2.004  -4.312  1.00 51.21 ? 73  PHE A CE1 1 
ATOM   657  C  CE2 . PHE A 1 92  ? 0.571   -2.072  -2.495  1.00 47.28 ? 73  PHE A CE2 1 
ATOM   658  C  CZ  . PHE A 1 92  ? 1.483   -1.362  -3.308  1.00 47.67 ? 73  PHE A CZ  1 
ATOM   659  N  N   . HIS A 1 93  ? 0.424   -7.787  -6.096  1.00 47.96 ? 74  HIS A N   1 
ATOM   660  C  CA  . HIS A 1 93  ? 0.581   -9.224  -6.312  1.00 51.36 ? 74  HIS A CA  1 
ATOM   661  C  C   . HIS A 1 93  ? 1.489   -9.865  -5.277  1.00 51.54 ? 74  HIS A C   1 
ATOM   662  O  O   . HIS A 1 93  ? 2.495   -9.279  -4.875  1.00 51.21 ? 74  HIS A O   1 
ATOM   663  C  CB  . HIS A 1 93  ? 1.301   -9.585  -7.629  1.00 51.83 ? 74  HIS A CB  1 
ATOM   664  C  CG  . HIS A 1 93  ? 0.542   -9.275  -8.874  1.00 53.90 ? 74  HIS A CG  1 
ATOM   665  N  ND1 . HIS A 1 93  ? 0.522   -8.019  -9.423  1.00 55.23 ? 74  HIS A ND1 1 
ATOM   666  C  CD2 . HIS A 1 93  ? -0.169  -10.062 -9.712  1.00 55.21 ? 74  HIS A CD2 1 
ATOM   667  C  CE1 . HIS A 1 93  ? -0.168  -8.041  -10.546 1.00 53.82 ? 74  HIS A CE1 1 
ATOM   668  N  NE2 . HIS A 1 93  ? -0.633  -9.256  -10.727 1.00 54.39 ? 74  HIS A NE2 1 
ATOM   669  N  N   . ALA A 1 94  ? 1.093   -11.078 -4.885  1.00 49.07 ? 75  ALA A N   1 
ATOM   670  C  CA  . ALA A 1 94  ? 1.883   -11.934 -3.983  1.00 49.67 ? 75  ALA A CA  1 
ATOM   671  C  C   . ALA A 1 94  ? 2.181   -13.164 -4.801  1.00 48.81 ? 75  ALA A C   1 
ATOM   672  O  O   . ALA A 1 94  ? 1.476   -13.464 -5.746  1.00 48.69 ? 75  ALA A O   1 
ATOM   673  C  CB  . ALA A 1 94  ? 1.121   -12.309 -2.733  1.00 49.40 ? 75  ALA A CB  1 
ATOM   674  N  N   . ALA A 1 95  ? 3.234   -13.867 -4.442  1.00 50.07 ? 76  ALA A N   1 
ATOM   675  C  CA  . ALA A 1 95  ? 3.643   -15.081 -5.163  1.00 51.76 ? 76  ALA A CA  1 
ATOM   676  C  C   . ALA A 1 95  ? 2.764   -16.269 -4.830  1.00 50.94 ? 76  ALA A C   1 
ATOM   677  O  O   . ALA A 1 95  ? 2.652   -17.225 -5.592  1.00 52.50 ? 76  ALA A O   1 
ATOM   678  C  CB  . ALA A 1 95  ? 5.104   -15.440 -4.804  1.00 51.95 ? 76  ALA A CB  1 
ATOM   679  N  N   . SER A 1 96  ? 2.126   -16.186 -3.686  1.00 49.12 ? 77  SER A N   1 
ATOM   680  C  CA  . SER A 1 96  ? 1.326   -17.305 -3.207  1.00 48.40 ? 77  SER A CA  1 
ATOM   681  C  C   . SER A 1 96  ? 0.444   -16.978 -2.023  1.00 47.97 ? 77  SER A C   1 
ATOM   682  O  O   . SER A 1 96  ? 0.517   -15.895 -1.411  1.00 49.19 ? 77  SER A O   1 
ATOM   683  C  CB  . SER A 1 96  ? 2.290   -18.419 -2.757  1.00 50.23 ? 77  SER A CB  1 
ATOM   684  O  OG  . SER A 1 96  ? 3.054   -18.050 -1.613  1.00 44.80 ? 77  SER A OG  1 
ATOM   685  N  N   . ARG A 1 97  ? -0.409  -17.926 -1.729  1.00 46.24 ? 78  ARG A N   1 
ATOM   686  C  CA  . ARG A 1 97  ? -1.331  -17.780 -0.603  1.00 48.97 ? 78  ARG A CA  1 
ATOM   687  C  C   . ARG A 1 97  ? -0.527  -17.740 0.702   1.00 49.52 ? 78  ARG A C   1 
ATOM   688  O  O   . ARG A 1 97  ? -0.873  -17.047 1.695   1.00 49.02 ? 78  ARG A O   1 
ATOM   689  C  CB  . ARG A 1 97  ? -2.356  -18.931 -0.563  1.00 48.71 ? 78  ARG A CB  1 
ATOM   690  C  CG  . ARG A 1 97  ? -3.348  -18.851 -1.700  1.00 49.35 ? 78  ARG A CG  1 
ATOM   691  C  CD  . ARG A 1 97  ? -4.480  -19.811 -1.503  1.00 50.78 ? 78  ARG A CD  1 
ATOM   692  N  NE  . ARG A 1 97  ? -5.506  -19.570 -2.507  1.00 47.66 ? 78  ARG A NE  1 
ATOM   693  C  CZ  . ARG A 1 97  ? -6.642  -20.228 -2.539  1.00 48.96 ? 78  ARG A CZ  1 
ATOM   694  N  NH1 . ARG A 1 97  ? -6.884  -21.158 -1.635  1.00 49.40 ? 78  ARG A NH1 1 
ATOM   695  N  NH2 . ARG A 1 97  ? -7.521  -19.957 -3.477  1.00 52.19 ? 78  ARG A NH2 1 
ATOM   696  N  N   . GLU A 1 98  ? 0.550   -18.508 0.677   1.00 47.85 ? 79  GLU A N   1 
ATOM   697  C  CA  . GLU A 1 98  ? 1.416   -18.577 1.821   1.00 48.12 ? 79  GLU A CA  1 
ATOM   698  C  C   . GLU A 1 98  ? 1.951   -17.184 2.151   1.00 48.52 ? 79  GLU A C   1 
ATOM   699  O  O   . GLU A 1 98  ? 2.038   -16.805 3.329   1.00 47.63 ? 79  GLU A O   1 
ATOM   700  C  CB  . GLU A 1 98  ? 2.568   -19.570 1.644   1.00 48.83 ? 79  GLU A CB  1 
ATOM   701  C  CG  . GLU A 1 98  ? 2.208   -21.060 1.793   1.00 49.75 ? 79  GLU A CG  1 
ATOM   702  C  CD  . GLU A 1 98  ? 1.443   -21.650 0.644   1.00 52.38 ? 79  GLU A CD  1 
ATOM   703  O  OE1 . GLU A 1 98  ? 1.311   -20.974 -0.402  1.00 54.40 ? 79  GLU A OE1 1 
ATOM   704  O  OE2 . GLU A 1 98  ? 1.001   -22.814 0.774   1.00 53.17 ? 79  GLU A OE2 1 
ATOM   705  N  N   . LYS A 1 99  ? 2.264   -16.419 1.110   1.00 48.22 ? 80  LYS A N   1 
ATOM   706  C  CA  . LYS A 1 99  ? 2.825   -15.080 1.287   1.00 47.52 ? 80  LYS A CA  1 
ATOM   707  C  C   . LYS A 1 99  ? 1.758   -14.202 1.903   1.00 48.11 ? 80  LYS A C   1 
ATOM   708  O  O   . LYS A 1 99  ? 2.019   -13.430 2.825   1.00 48.70 ? 80  LYS A O   1 
ATOM   709  C  CB  . LYS A 1 99  ? 3.339   -14.497 -0.033  1.00 48.83 ? 80  LYS A CB  1 
ATOM   710  C  CG  . LYS A 1 99  ? 4.026   -13.158 0.130   1.00 47.34 ? 80  LYS A CG  1 
ATOM   711  C  CD  . LYS A 1 99  ? 5.259   -13.231 1.053   1.00 50.07 ? 80  LYS A CD  1 
ATOM   712  C  CE  . LYS A 1 99  ? 5.969   -11.862 1.179   1.00 49.41 ? 80  LYS A CE  1 
ATOM   713  N  NZ  . LYS A 1 99  ? 7.010   -11.827 2.243   1.00 49.13 ? 80  LYS A NZ  1 
ATOM   714  N  N   . VAL A 1 100 ? 0.548   -14.318 1.372   1.00 48.88 ? 81  VAL A N   1 
ATOM   715  C  CA  . VAL A 1 100 ? -0.611  -13.577 1.905   1.00 48.07 ? 81  VAL A CA  1 
ATOM   716  C  C   . VAL A 1 100 ? -0.784  -13.930 3.376   1.00 48.72 ? 81  VAL A C   1 
ATOM   717  O  O   . VAL A 1 100 ? -0.926  -13.040 4.209   1.00 48.25 ? 81  VAL A O   1 
ATOM   718  C  CB  . VAL A 1 100 ? -1.959  -13.855 1.124   1.00 49.86 ? 81  VAL A CB  1 
ATOM   719  C  CG1 . VAL A 1 100 ? -3.168  -13.360 1.901   1.00 47.42 ? 81  VAL A CG1 1 
ATOM   720  C  CG2 . VAL A 1 100 ? -1.928  -13.218 -0.286  1.00 44.63 ? 81  VAL A CG2 1 
ATOM   721  N  N   . ASP A 1 101 ? -0.698  -15.225 3.708   1.00 49.44 ? 82  ASP A N   1 
ATOM   722  C  CA  . ASP A 1 101 ? -0.867  -15.651 5.109   1.00 49.29 ? 82  ASP A CA  1 
ATOM   723  C  C   . ASP A 1 101 ? 0.230   -15.051 5.977   1.00 49.48 ? 82  ASP A C   1 
ATOM   724  O  O   . ASP A 1 101 ? 0.011   -14.587 7.082   1.00 50.91 ? 82  ASP A O   1 
ATOM   725  C  CB  . ASP A 1 101 ? -0.854  -17.185 5.266   1.00 49.56 ? 82  ASP A CB  1 
ATOM   726  C  CG  . ASP A 1 101 ? -2.065  -17.855 4.654   1.00 49.26 ? 82  ASP A CG  1 
ATOM   727  O  OD1 . ASP A 1 101 ? -3.097  -17.181 4.431   1.00 54.59 ? 82  ASP A OD1 1 
ATOM   728  O  OD2 . ASP A 1 101 ? -1.980  -19.076 4.409   1.00 52.50 ? 82  ASP A OD2 1 
ATOM   729  N  N   . GLU A 1 102 ? 1.432   -15.084 5.457   1.00 49.61 ? 83  GLU A N   1 
ATOM   730  C  CA  . GLU A 1 102 ? 2.586   -14.556 6.173   1.00 49.45 ? 83  GLU A CA  1 
ATOM   731  C  C   . GLU A 1 102 ? 2.399   -13.094 6.458   1.00 49.59 ? 83  GLU A C   1 
ATOM   732  O  O   . GLU A 1 102 ? 2.614   -12.647 7.570   1.00 49.95 ? 83  GLU A O   1 
ATOM   733  C  CB  . GLU A 1 102 ? 3.866   -14.761 5.347   1.00 50.75 ? 83  GLU A CB  1 
ATOM   734  C  CG  . GLU A 1 102 ? 5.121   -14.084 5.891   1.00 54.62 ? 83  GLU A CG  1 
ATOM   735  C  CD  . GLU A 1 102 ? 6.353   -14.349 5.037   1.00 61.17 ? 83  GLU A CD  1 
ATOM   736  O  OE1 . GLU A 1 102 ? 6.638   -15.533 4.746   1.00 67.49 ? 83  GLU A OE1 1 
ATOM   737  O  OE2 . GLU A 1 102 ? 7.050   -13.378 4.687   1.00 68.20 ? 83  GLU A OE2 1 
ATOM   738  N  N   . LEU A 1 103 ? 1.970   -12.349 5.443   1.00 49.59 ? 84  LEU A N   1 
ATOM   739  C  CA  . LEU A 1 103 ? 1.778   -10.896 5.587   1.00 49.50 ? 84  LEU A CA  1 
ATOM   740  C  C   . LEU A 1 103 ? 0.700   -10.570 6.605   1.00 49.14 ? 84  LEU A C   1 
ATOM   741  O  O   . LEU A 1 103 ? 0.801   -9.599  7.342   1.00 49.44 ? 84  LEU A O   1 
ATOM   742  C  CB  . LEU A 1 103 ? 1.453   -10.228 4.235   1.00 48.69 ? 84  LEU A CB  1 
ATOM   743  C  CG  . LEU A 1 103 ? 2.598   -10.140 3.201   1.00 51.19 ? 84  LEU A CG  1 
ATOM   744  C  CD1 . LEU A 1 103 ? 2.116   -9.685  1.816   1.00 42.64 ? 84  LEU A CD1 1 
ATOM   745  C  CD2 . LEU A 1 103 ? 3.682   -9.213  3.720   1.00 50.35 ? 84  LEU A CD2 1 
ATOM   746  N  N   . THR A 1 104 ? -0.321  -11.414 6.626   1.00 50.37 ? 85  THR A N   1 
ATOM   747  C  CA  . THR A 1 104 ? -1.482  -11.251 7.523   1.00 51.22 ? 85  THR A CA  1 
ATOM   748  C  C   . THR A 1 104 ? -1.026  -11.362 8.969   1.00 53.02 ? 85  THR A C   1 
ATOM   749  O  O   . THR A 1 104 ? -1.398  -10.564 9.842   1.00 52.69 ? 85  THR A O   1 
ATOM   750  C  CB  . THR A 1 104 ? -2.573  -12.328 7.262   1.00 51.46 ? 85  THR A CB  1 
ATOM   751  O  OG1 . THR A 1 104 ? -3.077  -12.188 5.930   1.00 45.76 ? 85  THR A OG1 1 
ATOM   752  C  CG2 . THR A 1 104 ? -3.757  -12.201 8.246   1.00 52.03 ? 85  THR A CG2 1 
ATOM   753  N  N   . GLN A 1 105 ? -0.210  -12.376 9.202   1.00 54.24 ? 86  GLN A N   1 
ATOM   754  C  CA  . GLN A 1 105 ? 0.346   -12.611 10.532  1.00 55.23 ? 86  GLN A CA  1 
ATOM   755  C  C   . GLN A 1 105 ? 1.221   -11.459 10.945  1.00 54.29 ? 86  GLN A C   1 
ATOM   756  O  O   . GLN A 1 105 ? 1.137   -11.029 12.080  1.00 53.54 ? 86  GLN A O   1 
ATOM   757  C  CB  . GLN A 1 105 ? 1.063   -13.945 10.661  1.00 56.35 ? 86  GLN A CB  1 
ATOM   758  C  CG  . GLN A 1 105 ? 0.096   -15.033 11.037  1.00 64.81 ? 86  GLN A CG  1 
ATOM   759  C  CD  . GLN A 1 105 ? -0.595  -14.767 12.392  1.00 69.01 ? 86  GLN A CD  1 
ATOM   760  O  OE1 . GLN A 1 105 ? -1.715  -15.232 12.634  1.00 73.60 ? 86  GLN A OE1 1 
ATOM   761  N  NE2 . GLN A 1 105 ? 0.056   -13.988 13.256  1.00 69.63 ? 86  GLN A NE2 1 
ATOM   762  N  N   . LYS A 1 106 ? 2.042   -10.967 10.018  1.00 53.58 ? 87  LYS A N   1 
ATOM   763  C  CA  . LYS A 1 106 ? 2.911   -9.813  10.297  1.00 55.35 ? 87  LYS A CA  1 
ATOM   764  C  C   . LYS A 1 106 ? 2.123   -8.605  10.652  1.00 56.30 ? 87  LYS A C   1 
ATOM   765  O  O   . LYS A 1 106 ? 2.485   -7.862  11.553  1.00 56.12 ? 87  LYS A O   1 
ATOM   766  C  CB  . LYS A 1 106 ? 3.871   -9.402  9.155   1.00 56.15 ? 87  LYS A CB  1 
ATOM   767  C  CG  . LYS A 1 106 ? 5.260   -9.921  9.377   1.00 59.80 ? 87  LYS A CG  1 
ATOM   768  C  CD  . LYS A 1 106 ? 5.394   -11.385 9.135   1.00 59.68 ? 87  LYS A CD  1 
ATOM   769  C  CE  . LYS A 1 106 ? 5.619   -11.639 7.699   1.00 62.84 ? 87  LYS A CE  1 
ATOM   770  N  NZ  . LYS A 1 106 ? 6.978   -11.152 7.283   1.00 64.35 ? 87  LYS A NZ  1 
ATOM   771  N  N   . LEU A 1 107 ? 1.071   -8.392  9.878   1.00 57.32 ? 88  LEU A N   1 
ATOM   772  C  CA  . LEU A 1 107 ? 0.200   -7.252  10.089  1.00 56.86 ? 88  LEU A CA  1 
ATOM   773  C  C   . LEU A 1 107 ? -0.329  -7.301  11.521  1.00 56.10 ? 88  LEU A C   1 
ATOM   774  O  O   . LEU A 1 107 ? -0.146  -6.362  12.297  1.00 53.87 ? 88  LEU A O   1 
ATOM   775  C  CB  . LEU A 1 107 ? -0.919  -7.192  9.043   1.00 56.53 ? 88  LEU A CB  1 
ATOM   776  C  CG  . LEU A 1 107 ? -0.439  -6.672  7.675   1.00 59.36 ? 88  LEU A CG  1 
ATOM   777  C  CD1 . LEU A 1 107 ? -1.538  -6.736  6.590   1.00 59.04 ? 88  LEU A CD1 1 
ATOM   778  C  CD2 . LEU A 1 107 ? 0.087   -5.209  7.828   1.00 50.41 ? 88  LEU A CD2 1 
ATOM   779  N  N   . LYS A 1 108 ? -0.895  -8.437  11.893  1.00 57.61 ? 89  LYS A N   1 
ATOM   780  C  CA  . LYS A 1 108 ? -1.467  -8.557  13.239  1.00 58.93 ? 89  LYS A CA  1 
ATOM   781  C  C   . LYS A 1 108 ? -0.452  -8.238  14.317  1.00 60.32 ? 89  LYS A C   1 
ATOM   782  O  O   . LYS A 1 108 ? -0.745  -7.517  15.243  1.00 61.66 ? 89  LYS A O   1 
ATOM   783  C  CB  . LYS A 1 108 ? -2.120  -9.923  13.512  1.00 59.95 ? 89  LYS A CB  1 
ATOM   784  C  CG  . LYS A 1 108 ? -3.314  -10.228 12.612  1.00 63.10 ? 89  LYS A CG  1 
ATOM   785  C  CD  . LYS A 1 108 ? -4.113  -11.447 13.046  1.00 64.80 ? 89  LYS A CD  1 
ATOM   786  C  CE  . LYS A 1 108 ? -4.911  -11.131 14.296  1.00 68.44 ? 89  LYS A CE  1 
ATOM   787  N  NZ  . LYS A 1 108 ? -5.857  -12.232 14.664  1.00 71.43 ? 89  LYS A NZ  1 
ATOM   788  N  N   . GLU A 1 109 ? 0.767   -8.718  14.148  1.00 61.74 ? 90  GLU A N   1 
ATOM   789  C  CA  . GLU A 1 109 ? 1.828   -8.492  15.146  1.00 62.17 ? 90  GLU A CA  1 
ATOM   790  C  C   . GLU A 1 109 ? 2.188   -7.025  15.306  1.00 62.98 ? 90  GLU A C   1 
ATOM   791  O  O   . GLU A 1 109 ? 2.309   -6.524  16.421  1.00 62.14 ? 90  GLU A O   1 
ATOM   792  C  CB  . GLU A 1 109 ? 3.124   -9.246  14.806  1.00 62.09 ? 90  GLU A CB  1 
ATOM   793  C  CG  . GLU A 1 109 ? 3.077   -10.746 14.836  1.00 61.52 ? 90  GLU A CG  1 
ATOM   794  C  CD  . GLU A 1 109 ? 4.434   -11.345 14.503  1.00 68.55 ? 90  GLU A CD  1 
ATOM   795  O  OE1 . GLU A 1 109 ? 5.247   -10.677 13.808  1.00 65.67 ? 90  GLU A OE1 1 
ATOM   796  O  OE2 . GLU A 1 109 ? 4.687   -12.489 14.935  1.00 73.29 ? 90  GLU A OE2 1 
ATOM   797  N  N   . ARG A 1 110 ? 2.413   -6.355  14.184  1.00 64.46 ? 91  ARG A N   1 
ATOM   798  C  CA  . ARG A 1 110 ? 2.793   -4.926  14.209  1.00 66.24 ? 91  ARG A CA  1 
ATOM   799  C  C   . ARG A 1 110 ? 1.599   -4.021  14.471  1.00 67.15 ? 91  ARG A C   1 
ATOM   800  O  O   . ARG A 1 110 ? 1.734   -2.807  14.640  1.00 67.31 ? 91  ARG A O   1 
ATOM   801  C  CB  . ARG A 1 110 ? 3.622   -4.495  12.991  1.00 66.43 ? 91  ARG A CB  1 
ATOM   802  C  CG  . ARG A 1 110 ? 3.100   -4.788  11.609  1.00 67.86 ? 91  ARG A CG  1 
ATOM   803  C  CD  . ARG A 1 110 ? 4.090   -4.191  10.617  1.00 70.34 ? 91  ARG A CD  1 
ATOM   804  N  NE  . ARG A 1 110 ? 3.988   -2.733  10.594  1.00 70.74 ? 91  ARG A NE  1 
ATOM   805  C  CZ  . ARG A 1 110 ? 4.975   -1.916  10.261  1.00 67.12 ? 91  ARG A CZ  1 
ATOM   806  N  NH1 . ARG A 1 110 ? 6.184   -2.404  10.049  1.00 68.02 ? 91  ARG A NH1 1 
ATOM   807  N  NH2 . ARG A 1 110 ? 4.774   -0.607  10.258  1.00 66.05 ? 91  ARG A NH2 1 
ATOM   808  N  N   . GLY A 1 111 ? 0.434   -4.647  14.550  1.00 67.93 ? 92  GLY A N   1 
ATOM   809  C  CA  . GLY A 1 111 ? -0.827  -3.944  14.840  1.00 67.55 ? 92  GLY A CA  1 
ATOM   810  C  C   . GLY A 1 111 ? -1.495  -3.167  13.718  1.00 67.18 ? 92  GLY A C   1 
ATOM   811  O  O   . GLY A 1 111 ? -2.449  -2.445  13.947  1.00 67.22 ? 92  GLY A O   1 
ATOM   812  N  N   . ASP A 1 112 ? -1.001  -3.290  12.500  1.00 66.71 ? 93  ASP A N   1 
ATOM   813  C  CA  . ASP A 1 112 ? -1.645  -2.580  11.384  1.00 66.52 ? 93  ASP A CA  1 
ATOM   814  C  C   . ASP A 1 112 ? -3.088  -3.110  11.255  1.00 66.12 ? 93  ASP A C   1 
ATOM   815  O  O   . ASP A 1 112 ? -3.317  -4.320  11.346  1.00 66.59 ? 93  ASP A O   1 
ATOM   816  C  CB  . ASP A 1 112 ? -0.889  -2.771  10.068  1.00 66.57 ? 93  ASP A CB  1 
ATOM   817  C  CG  . ASP A 1 112 ? 0.506   -2.186  10.105  1.00 64.58 ? 93  ASP A CG  1 
ATOM   818  O  OD1 . ASP A 1 112 ? 0.686   -1.044  10.577  1.00 59.14 ? 93  ASP A OD1 1 
ATOM   819  O  OD2 . ASP A 1 112 ? 1.411   -2.868  9.624   1.00 61.43 ? 93  ASP A OD2 1 
ATOM   820  N  N   . PRO A 1 113 ? -4.066  -2.213  11.023  1.00 64.93 ? 94  PRO A N   1 
ATOM   821  C  CA  . PRO A 1 113 ? -5.463  -2.680  10.915  1.00 62.69 ? 94  PRO A CA  1 
ATOM   822  C  C   . PRO A 1 113 ? -5.779  -3.619  9.751   1.00 61.04 ? 94  PRO A C   1 
ATOM   823  O  O   . PRO A 1 113 ? -5.514  -3.288  8.589   1.00 59.30 ? 94  PRO A O   1 
ATOM   824  C  CB  . PRO A 1 113 ? -6.260  -1.371  10.774  1.00 61.92 ? 94  PRO A CB  1 
ATOM   825  C  CG  . PRO A 1 113 ? -5.356  -0.302  11.342  1.00 62.05 ? 94  PRO A CG  1 
ATOM   826  C  CD  . PRO A 1 113 ? -3.969  -0.738  10.962  1.00 64.48 ? 94  PRO A CD  1 
ATOM   827  N  N   . ILE A 1 114 ? -6.341  -4.776  10.115  1.00 58.57 ? 95  ILE A N   1 
ATOM   828  C  CA  . ILE A 1 114 ? -6.796  -5.817  9.180   1.00 57.61 ? 95  ILE A CA  1 
ATOM   829  C  C   . ILE A 1 114 ? -8.301  -5.699  8.961   1.00 56.93 ? 95  ILE A C   1 
ATOM   830  O  O   . ILE A 1 114 ? -9.085  -5.743  9.922   1.00 58.30 ? 95  ILE A O   1 
ATOM   831  C  CB  . ILE A 1 114 ? -6.493  -7.247  9.645   1.00 57.60 ? 95  ILE A CB  1 
ATOM   832  C  CG1 . ILE A 1 114 ? -5.019  -7.576  9.404   1.00 61.53 ? 95  ILE A CG1 1 
ATOM   833  C  CG2 . ILE A 1 114 ? -7.303  -8.219  8.832   1.00 56.00 ? 95  ILE A CG2 1 
ATOM   834  C  CD1 . ILE A 1 114 ? -4.634  -8.995  9.796   1.00 61.77 ? 95  ILE A CD1 1 
ATOM   835  N  N   . LEU A 1 115 ? -8.686  -5.597  7.685   1.00 54.97 ? 96  LEU A N   1 
ATOM   836  C  CA  . LEU A 1 115 ? -10.091 -5.425  7.285   1.00 53.79 ? 96  LEU A CA  1 
ATOM   837  C  C   . LEU A 1 115 ? -10.819 -6.687  6.908   1.00 55.12 ? 96  LEU A C   1 
ATOM   838  O  O   . LEU A 1 115 ? -10.246 -7.681  6.476   1.00 56.93 ? 96  LEU A O   1 
ATOM   839  C  CB  . LEU A 1 115 ? -10.200 -4.443  6.123   1.00 52.83 ? 96  LEU A CB  1 
ATOM   840  C  CG  . LEU A 1 115 ? -9.621  -3.038  6.328   1.00 48.60 ? 96  LEU A CG  1 
ATOM   841  C  CD1 . LEU A 1 115 ? -9.710  -2.253  5.022   1.00 50.20 ? 96  LEU A CD1 1 
ATOM   842  C  CD2 . LEU A 1 115 ? -10.321 -2.282  7.440   1.00 51.37 ? 96  LEU A CD2 1 
ATOM   843  N  N   . TYR A 1 116 ? -12.117 -6.621  7.151   1.00 55.69 ? 97  TYR A N   1 
ATOM   844  C  CA  . TYR A 1 116 ? -13.062 -7.682  6.845   1.00 54.81 ? 97  TYR A CA  1 
ATOM   845  C  C   . TYR A 1 116 ? -12.612 -9.006  7.430   1.00 55.59 ? 97  TYR A C   1 
ATOM   846  O  O   . TYR A 1 116 ? -12.735 -10.030 6.769   1.00 56.16 ? 97  TYR A O   1 
ATOM   847  C  CB  . TYR A 1 116 ? -13.164 -7.816  5.328   1.00 53.78 ? 97  TYR A CB  1 
ATOM   848  C  CG  . TYR A 1 116 ? -13.116 -6.469  4.628   1.00 54.03 ? 97  TYR A CG  1 
ATOM   849  C  CD1 . TYR A 1 116 ? -14.148 -5.559  4.744   1.00 55.38 ? 97  TYR A CD1 1 
ATOM   850  C  CD2 . TYR A 1 116 ? -12.040 -6.120  3.812   1.00 54.72 ? 97  TYR A CD2 1 
ATOM   851  C  CE1 . TYR A 1 116 ? -14.081 -4.318  4.098   1.00 52.12 ? 97  TYR A CE1 1 
ATOM   852  C  CE2 . TYR A 1 116 ? -11.982 -4.884  3.149   1.00 46.39 ? 97  TYR A CE2 1 
ATOM   853  C  CZ  . TYR A 1 116 ? -12.988 -3.991  3.316   1.00 50.46 ? 97  TYR A CZ  1 
ATOM   854  O  OH  . TYR A 1 116 ? -12.916 -2.796  2.645   1.00 51.52 ? 97  TYR A OH  1 
ATOM   855  N  N   . GLU A 1 117 ? -12.086 -8.977  8.656   1.00 55.61 ? 98  GLU A N   1 
ATOM   856  C  CA  . GLU A 1 117 ? -11.581 -10.206 9.304   1.00 57.61 ? 98  GLU A CA  1 
ATOM   857  C  C   . GLU A 1 117 ? -12.601 -11.327 9.327   1.00 56.26 ? 98  GLU A C   1 
ATOM   858  O  O   . GLU A 1 117 ? -12.247 -12.494 9.382   1.00 54.24 ? 98  GLU A O   1 
ATOM   859  C  CB  . GLU A 1 117 ? -11.073 -9.987  10.748  1.00 59.16 ? 98  GLU A CB  1 
ATOM   860  C  CG  . GLU A 1 117 ? -9.911  -9.002  10.875  1.00 63.16 ? 98  GLU A CG  1 
ATOM   861  C  CD  . GLU A 1 117 ? -9.209  -9.026  12.242  1.00 65.13 ? 98  GLU A CD  1 
ATOM   862  O  OE1 . GLU A 1 117 ? -8.812  -10.128 12.702  1.00 61.84 ? 98  GLU A OE1 1 
ATOM   863  O  OE2 . GLU A 1 117 ? -8.983  -7.920  12.804  1.00 66.93 ? 98  GLU A OE2 1 
ATOM   864  N  N   . ASP A 1 118 ? -13.863 -10.949 9.235   1.00 55.94 ? 99  ASP A N   1 
ATOM   865  C  CA  . ASP A 1 118 ? -14.941 -11.940 9.280   1.00 57.75 ? 99  ASP A CA  1 
ATOM   866  C  C   . ASP A 1 118 ? -14.976 -12.807 8.047   1.00 57.29 ? 99  ASP A C   1 
ATOM   867  O  O   . ASP A 1 118 ? -15.544 -13.895 8.059   1.00 59.08 ? 99  ASP A O   1 
ATOM   868  C  CB  . ASP A 1 118 ? -16.324 -11.297 9.468   1.00 58.04 ? 99  ASP A CB  1 
ATOM   869  C  CG  . ASP A 1 118 ? -16.692 -10.387 8.338   1.00 60.10 ? 99  ASP A CG  1 
ATOM   870  O  OD1 . ASP A 1 118 ? -15.772 -9.790  7.746   1.00 61.64 ? 99  ASP A OD1 1 
ATOM   871  O  OD2 . ASP A 1 118 ? -17.903 -10.250 8.070   1.00 68.64 ? 99  ASP A OD2 1 
ATOM   872  N  N   . ARG A 1 119 ? -14.390 -12.311 6.976   1.00 55.90 ? 100 ARG A N   1 
ATOM   873  C  CA  . ARG A 1 119 ? -14.396 -13.057 5.730   1.00 55.33 ? 100 ARG A CA  1 
ATOM   874  C  C   . ARG A 1 119 ? -13.032 -13.408 5.222   1.00 54.82 ? 100 ARG A C   1 
ATOM   875  O  O   . ARG A 1 119 ? -12.919 -14.151 4.251   1.00 55.74 ? 100 ARG A O   1 
ATOM   876  C  CB  . ARG A 1 119 ? -15.149 -12.279 4.662   1.00 56.35 ? 100 ARG A CB  1 
ATOM   877  C  CG  . ARG A 1 119 ? -16.663 -12.314 4.770   1.00 57.91 ? 100 ARG A CG  1 
ATOM   878  C  CD  . ARG A 1 119 ? -17.240 -11.289 3.816   1.00 61.79 ? 100 ARG A CD  1 
ATOM   879  N  NE  . ARG A 1 119 ? -17.018 -9.942  4.338   1.00 65.40 ? 100 ARG A NE  1 
ATOM   880  C  CZ  . ARG A 1 119 ? -17.206 -8.825  3.649   1.00 70.00 ? 100 ARG A CZ  1 
ATOM   881  N  NH1 . ARG A 1 119 ? -17.547 -8.870  2.367   1.00 71.10 ? 100 ARG A NH1 1 
ATOM   882  N  NH2 . ARG A 1 119 ? -16.988 -7.658  4.235   1.00 73.92 ? 100 ARG A NH2 1 
ATOM   883  N  N   . HIS A 1 120 ? -12.012 -12.877 5.883   1.00 52.78 ? 101 HIS A N   1 
ATOM   884  C  CA  . HIS A 1 120 ? -10.627 -13.125 5.495   1.00 53.06 ? 101 HIS A CA  1 
ATOM   885  C  C   . HIS A 1 120 ? -10.408 -14.633 5.290   1.00 52.45 ? 101 HIS A C   1 
ATOM   886  O  O   . HIS A 1 120 ? -10.890 -15.427 6.076   1.00 50.28 ? 101 HIS A O   1 
ATOM   887  C  CB  . HIS A 1 120 ? -9.664  -12.576 6.558   1.00 53.09 ? 101 HIS A CB  1 
ATOM   888  C  CG  . HIS A 1 120 ? -8.216  -12.680 6.175   1.00 54.78 ? 101 HIS A CG  1 
ATOM   889  N  ND1 . HIS A 1 120 ? -7.525  -13.871 6.219   1.00 52.28 ? 101 HIS A ND1 1 
ATOM   890  C  CD2 . HIS A 1 120 ? -7.322  -11.743 5.781   1.00 53.22 ? 101 HIS A CD2 1 
ATOM   891  C  CE1 . HIS A 1 120 ? -6.277  -13.667 5.840   1.00 57.59 ? 101 HIS A CE1 1 
ATOM   892  N  NE2 . HIS A 1 120 ? -6.128  -12.382 5.572   1.00 56.03 ? 101 HIS A NE2 1 
ATOM   893  N  N   . PRO A 1 121 ? -9.641  -15.045 4.251   1.00 53.36 ? 102 PRO A N   1 
ATOM   894  C  CA  . PRO A 1 121 ? -8.928  -14.318 3.222   1.00 53.38 ? 102 PRO A CA  1 
ATOM   895  C  C   . PRO A 1 121 ? -9.714  -14.240 1.927   1.00 54.13 ? 102 PRO A C   1 
ATOM   896  O  O   . PRO A 1 121 ? -9.146  -14.014 0.843   1.00 52.51 ? 102 PRO A O   1 
ATOM   897  C  CB  . PRO A 1 121 ? -7.692  -15.184 3.007   1.00 54.03 ? 102 PRO A CB  1 
ATOM   898  C  CG  . PRO A 1 121 ? -8.156  -16.577 3.241   1.00 53.53 ? 102 PRO A CG  1 
ATOM   899  C  CD  . PRO A 1 121 ? -9.395  -16.495 4.125   1.00 53.51 ? 102 PRO A CD  1 
ATOM   900  N  N   . PHE A 1 122 ? -11.024 -14.393 2.079   1.00 54.73 ? 103 PHE A N   1 
ATOM   901  C  CA  . PHE A 1 122 ? -11.970 -14.350 0.959   1.00 55.85 ? 103 PHE A CA  1 
ATOM   902  C  C   . PHE A 1 122 ? -12.929 -13.174 1.039   1.00 54.97 ? 103 PHE A C   1 
ATOM   903  O  O   . PHE A 1 122 ? -14.050 -13.244 0.569   1.00 55.90 ? 103 PHE A O   1 
ATOM   904  C  CB  . PHE A 1 122 ? -12.775 -15.662 0.874   1.00 56.39 ? 103 PHE A CB  1 
ATOM   905  C  CG  . PHE A 1 122 ? -11.934 -16.877 0.578   1.00 58.41 ? 103 PHE A CG  1 
ATOM   906  C  CD1 . PHE A 1 122 ? -11.439 -17.102 -0.714  1.00 57.31 ? 103 PHE A CD1 1 
ATOM   907  C  CD2 . PHE A 1 122 ? -11.669 -17.804 1.556   1.00 57.23 ? 103 PHE A CD2 1 
ATOM   908  C  CE1 . PHE A 1 122 ? -10.674 -18.196 -1.008  1.00 53.16 ? 103 PHE A CE1 1 
ATOM   909  C  CE2 . PHE A 1 122 ? -10.883 -18.918 1.269   1.00 57.50 ? 103 PHE A CE2 1 
ATOM   910  C  CZ  . PHE A 1 122 ? -10.395 -19.116 -0.019  1.00 54.64 ? 103 PHE A CZ  1 
ATOM   911  N  N   . ALA A 1 123 ? -12.506 -12.096 1.657   1.00 55.40 ? 104 ALA A N   1 
ATOM   912  C  CA  . ALA A 1 123 ? -13.393 -10.925 1.748   1.00 56.75 ? 104 ALA A CA  1 
ATOM   913  C  C   . ALA A 1 123 ? -13.761 -10.424 0.359   1.00 58.97 ? 104 ALA A C   1 
ATOM   914  O  O   . ALA A 1 123 ? -14.792 -9.810  0.177   1.00 59.99 ? 104 ALA A O   1 
ATOM   915  C  CB  . ALA A 1 123 ? -12.769 -9.806  2.556   1.00 55.47 ? 104 ALA A CB  1 
ATOM   916  N  N   . GLY A 1 124 ? -12.918 -10.715 -0.629  1.00 61.41 ? 105 GLY A N   1 
ATOM   917  C  CA  . GLY A 1 124 ? -13.158 -10.258 -2.014  1.00 61.94 ? 105 GLY A CA  1 
ATOM   918  C  C   . GLY A 1 124 ? -13.898 -11.252 -2.882  1.00 62.89 ? 105 GLY A C   1 
ATOM   919  O  O   . GLY A 1 124 ? -14.143 -11.012 -4.049  1.00 65.03 ? 105 GLY A O   1 
ATOM   920  N  N   . GLY A 1 125 ? -14.277 -12.365 -2.287  1.00 62.17 ? 106 GLY A N   1 
ATOM   921  C  CA  . GLY A 1 125 ? -14.965 -13.443 -3.007  1.00 62.54 ? 106 GLY A CA  1 
ATOM   922  C  C   . GLY A 1 125 ? -14.270 -14.798 -2.812  1.00 62.39 ? 106 GLY A C   1 
ATOM   923  O  O   . GLY A 1 125 ? -13.072 -14.847 -2.473  1.00 60.86 ? 106 GLY A O   1 
ATOM   924  N  N   . PRO A 1 126 ? -15.000 -15.903 -3.061  1.00 62.11 ? 107 PRO A N   1 
ATOM   925  C  CA  . PRO A 1 126 ? -14.559 -17.273 -2.894  1.00 61.39 ? 107 PRO A CA  1 
ATOM   926  C  C   . PRO A 1 126 ? -13.364 -17.658 -3.725  1.00 62.46 ? 107 PRO A C   1 
ATOM   927  O  O   . PRO A 1 126 ? -12.634 -18.600 -3.394  1.00 63.06 ? 107 PRO A O   1 
ATOM   928  C  CB  . PRO A 1 126 ? -15.775 -18.073 -3.355  1.00 61.92 ? 107 PRO A CB  1 
ATOM   929  C  CG  . PRO A 1 126 ? -16.460 -17.209 -4.278  1.00 59.64 ? 107 PRO A CG  1 
ATOM   930  C  CD  . PRO A 1 126 ? -16.342 -15.867 -3.663  1.00 62.77 ? 107 PRO A CD  1 
ATOM   931  N  N   . ASN A 1 127 ? -13.164 -16.948 -4.812  1.00 63.34 ? 108 ASN A N   1 
ATOM   932  C  CA  . ASN A 1 127 ? -12.027 -17.243 -5.669  1.00 63.46 ? 108 ASN A CA  1 
ATOM   933  C  C   . ASN A 1 127 ? -11.021 -16.103 -5.687  1.00 62.74 ? 108 ASN A C   1 
ATOM   934  O  O   . ASN A 1 127 ? -10.178 -16.011 -6.592  1.00 62.31 ? 108 ASN A O   1 
ATOM   935  C  CB  . ASN A 1 127 ? -12.448 -17.664 -7.060  1.00 64.60 ? 108 ASN A CB  1 
ATOM   936  C  CG  . ASN A 1 127 ? -13.099 -19.039 -7.066  1.00 72.45 ? 108 ASN A CG  1 
ATOM   937  O  OD1 . ASN A 1 127 ? -14.039 -19.309 -6.306  1.00 80.65 ? 108 ASN A OD1 1 
ATOM   938  N  ND2 . ASN A 1 127 ? -12.609 -19.917 -7.948  1.00 79.96 ? 108 ASN A ND2 1 
ATOM   939  N  N   . HIS A 1 128 ? -11.100 -15.286 -4.631  1.00 59.90 ? 109 HIS A N   1 
ATOM   940  C  CA  . HIS A 1 128 ? -10.194 -14.128 -4.457  1.00 58.02 ? 109 HIS A CA  1 
ATOM   941  C  C   . HIS A 1 128 ? -9.494  -14.223 -3.095  1.00 55.45 ? 109 HIS A C   1 
ATOM   942  O  O   . HIS A 1 128 ? -10.032 -13.839 -2.078  1.00 55.55 ? 109 HIS A O   1 
ATOM   943  C  CB  . HIS A 1 128 ? -10.991 -12.833 -4.597  1.00 57.09 ? 109 HIS A CB  1 
ATOM   944  C  CG  . HIS A 1 128 ? -10.147 -11.604 -4.669  1.00 59.64 ? 109 HIS A CG  1 
ATOM   945  N  ND1 . HIS A 1 128 ? -9.701  -11.088 -5.863  1.00 55.74 ? 109 HIS A ND1 1 
ATOM   946  C  CD2 . HIS A 1 128 ? -9.683  -10.777 -3.706  1.00 56.70 ? 109 HIS A CD2 1 
ATOM   947  C  CE1 . HIS A 1 128 ? -8.998  -9.994  -5.630  1.00 55.68 ? 109 HIS A CE1 1 
ATOM   948  N  NE2 . HIS A 1 128 ? -8.962  -9.792  -4.329  1.00 51.81 ? 109 HIS A NE2 1 
ATOM   949  N  N   . TYR A 1 129 ? -8.278  -14.747 -3.104  1.00 53.73 ? 110 TYR A N   1 
ATOM   950  C  CA  . TYR A 1 129 ? -7.493  -14.954 -1.864  1.00 51.84 ? 110 TYR A CA  1 
ATOM   951  C  C   . TYR A 1 129 ? -6.564  -13.759 -1.608  1.00 50.35 ? 110 TYR A C   1 
ATOM   952  O  O   . TYR A 1 129 ? -5.558  -13.553 -2.309  1.00 47.93 ? 110 TYR A O   1 
ATOM   953  C  CB  . TYR A 1 129 ? -6.696  -16.264 -1.970  1.00 51.45 ? 110 TYR A CB  1 
ATOM   954  C  CG  . TYR A 1 129 ? -6.192  -16.802 -0.644  1.00 50.59 ? 110 TYR A CG  1 
ATOM   955  C  CD1 . TYR A 1 129 ? -5.084  -16.249 -0.011  1.00 53.70 ? 110 TYR A CD1 1 
ATOM   956  C  CD2 . TYR A 1 129 ? -6.801  -17.898 -0.056  1.00 52.41 ? 110 TYR A CD2 1 
ATOM   957  C  CE1 . TYR A 1 129 ? -4.608  -16.760 1.203   1.00 49.31 ? 110 TYR A CE1 1 
ATOM   958  C  CE2 . TYR A 1 129 ? -6.349  -18.419 1.161   1.00 52.29 ? 110 TYR A CE2 1 
ATOM   959  C  CZ  . TYR A 1 129 ? -5.256  -17.838 1.782   1.00 53.13 ? 110 TYR A CZ  1 
ATOM   960  O  OH  . TYR A 1 129 ? -4.810  -18.354 2.974   1.00 48.47 ? 110 TYR A OH  1 
ATOM   961  N  N   . ALA A 1 130 ? -6.931  -12.987 -0.581  1.00 50.35 ? 111 ALA A N   1 
ATOM   962  C  CA  . ALA A 1 130 ? -6.220  -11.747 -0.211  1.00 48.90 ? 111 ALA A CA  1 
ATOM   963  C  C   . ALA A 1 130 ? -6.415  -11.186 1.187   1.00 50.20 ? 111 ALA A C   1 
ATOM   964  O  O   . ALA A 1 130 ? -7.358  -11.515 1.915   1.00 53.41 ? 111 ALA A O   1 
ATOM   965  C  CB  . ALA A 1 130 ? -6.600  -10.659 -1.188  1.00 44.65 ? 111 ALA A CB  1 
ATOM   966  N  N   . VAL A 1 131 ? -5.456  -10.345 1.557   1.00 48.88 ? 112 VAL A N   1 
ATOM   967  C  CA  . VAL A 1 131 ? -5.524  -9.624  2.833   1.00 47.67 ? 112 VAL A CA  1 
ATOM   968  C  C   . VAL A 1 131 ? -5.743  -8.181  2.520   1.00 47.28 ? 112 VAL A C   1 
ATOM   969  O  O   . VAL A 1 131 ? -5.126  -7.614  1.615   1.00 48.82 ? 112 VAL A O   1 
ATOM   970  C  CB  . VAL A 1 131 ? -4.277  -9.755  3.754   1.00 48.02 ? 112 VAL A CB  1 
ATOM   971  C  CG1 . VAL A 1 131 ? -2.942  -9.369  3.066   1.00 50.15 ? 112 VAL A CG1 1 
ATOM   972  C  CG2 . VAL A 1 131 ? -4.491  -8.939  5.049   1.00 46.11 ? 112 VAL A CG2 1 
ATOM   973  N  N   . PHE A 1 132 ? -6.677  -7.606  3.244   1.00 47.18 ? 113 PHE A N   1 
ATOM   974  C  CA  . PHE A 1 132 ? -7.017  -6.212  3.151   1.00 49.16 ? 113 PHE A CA  1 
ATOM   975  C  C   . PHE A 1 132 ? -6.637  -5.566  4.479   1.00 50.83 ? 113 PHE A C   1 
ATOM   976  O  O   . PHE A 1 132 ? -6.953  -6.080  5.582   1.00 47.33 ? 113 PHE A O   1 
ATOM   977  C  CB  . PHE A 1 132 ? -8.501  -6.023  2.875   1.00 50.77 ? 113 PHE A CB  1 
ATOM   978  C  CG  . PHE A 1 132 ? -8.949  -6.470  1.499   1.00 52.79 ? 113 PHE A CG  1 
ATOM   979  C  CD1 . PHE A 1 132 ? -9.375  -7.752  1.260   1.00 51.54 ? 113 PHE A CD1 1 
ATOM   980  C  CD2 . PHE A 1 132 ? -9.005  -5.568  0.456   1.00 58.00 ? 113 PHE A CD2 1 
ATOM   981  C  CE1 . PHE A 1 132 ? -9.797  -8.147  -0.015  1.00 48.14 ? 113 PHE A CE1 1 
ATOM   982  C  CE2 . PHE A 1 132 ? -9.436  -5.968  -0.802  1.00 54.20 ? 113 PHE A CE2 1 
ATOM   983  C  CZ  . PHE A 1 132 ? -9.842  -7.259  -1.016  1.00 47.17 ? 113 PHE A CZ  1 
ATOM   984  N  N   . CYS A 1 133 ? -5.952  -4.427  4.369   1.00 50.94 ? 114 CYS A N   1 
ATOM   985  C  CA  . CYS A 1 133 ? -5.491  -3.697  5.554   1.00 49.49 ? 114 CYS A CA  1 
ATOM   986  C  C   . CYS A 1 133 ? -5.488  -2.193  5.331   1.00 48.79 ? 114 CYS A C   1 
ATOM   987  O  O   . CYS A 1 133 ? -5.891  -1.691  4.270   1.00 47.39 ? 114 CYS A O   1 
ATOM   988  C  CB  . CYS A 1 133 ? -4.088  -4.157  5.962   1.00 50.71 ? 114 CYS A CB  1 
ATOM   989  S  SG  . CYS A 1 133 ? -2.732  -3.697  4.805   1.00 52.73 ? 114 CYS A SG  1 
ATOM   990  N  N   . GLU A 1 134 ? -5.018  -1.472  6.331   1.00 47.37 ? 115 GLU A N   1 
ATOM   991  C  CA  . GLU A 1 134 ? -4.979  -0.010  6.245   1.00 49.21 ? 115 GLU A CA  1 
ATOM   992  C  C   . GLU A 1 134 ? -3.612  0.547   6.545   1.00 49.85 ? 115 GLU A C   1 
ATOM   993  O  O   . GLU A 1 134 ? -2.952  0.117   7.488   1.00 51.41 ? 115 GLU A O   1 
ATOM   994  C  CB  . GLU A 1 134 ? -5.961  0.665   7.221   1.00 49.08 ? 115 GLU A CB  1 
ATOM   995  C  CG  . GLU A 1 134 ? -7.443  0.580   6.900   1.00 52.67 ? 115 GLU A CG  1 
ATOM   996  C  CD  . GLU A 1 134 ? -8.315  1.298   7.961   1.00 56.15 ? 115 GLU A CD  1 
ATOM   997  O  OE1 . GLU A 1 134 ? -7.901  1.350   9.124   1.00 59.14 ? 115 GLU A OE1 1 
ATOM   998  O  OE2 . GLU A 1 134 ? -9.420  1.780   7.644   1.00 52.88 ? 115 GLU A OE2 1 
ATOM   999  N  N   . ASP A 1 135 ? -3.210  1.530   5.752   1.00 49.06 ? 116 ASP A N   1 
ATOM   1000 C  CA  . ASP A 1 135 ? -1.931  2.171   5.991   1.00 50.23 ? 116 ASP A CA  1 
ATOM   1001 C  C   . ASP A 1 135 ? -2.252  3.203   7.100   1.00 50.84 ? 116 ASP A C   1 
ATOM   1002 O  O   . ASP A 1 135 ? -3.417  3.331   7.508   1.00 49.37 ? 116 ASP A O   1 
ATOM   1003 C  CB  . ASP A 1 135 ? -1.301  2.786   4.728   1.00 49.39 ? 116 ASP A CB  1 
ATOM   1004 C  CG  . ASP A 1 135 ? -1.834  4.157   4.394   1.00 50.69 ? 116 ASP A CG  1 
ATOM   1005 O  OD1 . ASP A 1 135 ? -2.908  4.563   4.881   1.00 48.95 ? 116 ASP A OD1 1 
ATOM   1006 O  OD2 . ASP A 1 135 ? -1.127  4.846   3.625   1.00 50.54 ? 116 ASP A OD2 1 
ATOM   1007 N  N   . PRO A 1 136 ? -1.241  3.953   7.569   1.00 51.46 ? 117 PRO A N   1 
ATOM   1008 C  CA  . PRO A 1 136 ? -1.551  4.870   8.659   1.00 52.12 ? 117 PRO A CA  1 
ATOM   1009 C  C   . PRO A 1 136 ? -2.493  6.019   8.294   1.00 52.33 ? 117 PRO A C   1 
ATOM   1010 O  O   . PRO A 1 136 ? -2.988  6.724   9.180   1.00 52.80 ? 117 PRO A O   1 
ATOM   1011 C  CB  . PRO A 1 136 ? -0.172  5.383   9.087   1.00 51.80 ? 117 PRO A CB  1 
ATOM   1012 C  CG  . PRO A 1 136 ? 0.795   4.319   8.579   1.00 50.22 ? 117 PRO A CG  1 
ATOM   1013 C  CD  . PRO A 1 136 ? 0.207   3.887   7.291   1.00 51.78 ? 117 PRO A CD  1 
ATOM   1014 N  N   . ASN A 1 137 ? -2.768  6.161   7.006   1.00 51.03 ? 118 ASN A N   1 
ATOM   1015 C  CA  . ASN A 1 137 ? -3.642  7.242   6.494   1.00 49.89 ? 118 ASN A CA  1 
ATOM   1016 C  C   . ASN A 1 137 ? -5.046  6.725   6.290   1.00 49.36 ? 118 ASN A C   1 
ATOM   1017 O  O   . ASN A 1 137 ? -5.948  7.429   5.861   1.00 49.16 ? 118 ASN A O   1 
ATOM   1018 C  CB  . ASN A 1 137 ? -3.098  7.750   5.143   1.00 50.48 ? 118 ASN A CB  1 
ATOM   1019 C  CG  . ASN A 1 137 ? -1.734  8.383   5.270   1.00 52.05 ? 118 ASN A CG  1 
ATOM   1020 O  OD1 . ASN A 1 137 ? -1.614  9.459   5.821   1.00 53.79 ? 118 ASN A OD1 1 
ATOM   1021 N  ND2 . ASN A 1 137 ? -0.703  7.739   4.705   1.00 51.34 ? 118 ASN A ND2 1 
ATOM   1022 N  N   . ARG A 1 138 ? -5.234  5.462   6.595   1.00 50.92 ? 119 ARG A N   1 
ATOM   1023 C  CA  . ARG A 1 138 ? -6.546  4.861   6.370   1.00 51.94 ? 119 ARG A CA  1 
ATOM   1024 C  C   . ARG A 1 138 ? -6.741  4.540   4.873   1.00 51.47 ? 119 ARG A C   1 
ATOM   1025 O  O   . ARG A 1 138 ? -7.845  4.296   4.380   1.00 51.09 ? 119 ARG A O   1 
ATOM   1026 C  CB  . ARG A 1 138 ? -7.716  5.660   6.908   1.00 52.25 ? 119 ARG A CB  1 
ATOM   1027 C  CG  . ARG A 1 138 ? -8.059  5.354   8.352   1.00 58.55 ? 119 ARG A CG  1 
ATOM   1028 C  CD  . ARG A 1 138 ? -7.680  6.398   9.329   1.00 65.49 ? 119 ARG A CD  1 
ATOM   1029 N  NE  . ARG A 1 138 ? -8.777  7.360   9.570   1.00 69.72 ? 119 ARG A NE  1 
ATOM   1030 C  CZ  . ARG A 1 138 ? -8.994  8.478   8.879   1.00 72.68 ? 119 ARG A CZ  1 
ATOM   1031 N  NH1 . ARG A 1 138 ? -8.192  8.813   7.868   1.00 77.59 ? 119 ARG A NH1 1 
ATOM   1032 N  NH2 . ARG A 1 138 ? -10.015 9.259   9.193   1.00 71.27 ? 119 ARG A NH2 1 
ATOM   1033 N  N   . ILE A 1 139 ? -5.645  4.564   4.135   1.00 51.00 ? 120 ILE A N   1 
ATOM   1034 C  CA  . ILE A 1 139 ? -5.730  4.155   2.745   1.00 48.74 ? 120 ILE A CA  1 
ATOM   1035 C  C   . ILE A 1 139 ? -5.805  2.631   2.820   1.00 50.06 ? 120 ILE A C   1 
ATOM   1036 O  O   . ILE A 1 139 ? -5.059  1.976   3.579   1.00 50.26 ? 120 ILE A O   1 
ATOM   1037 C  CB  . ILE A 1 139 ? -4.507  4.603   1.924   1.00 49.90 ? 120 ILE A CB  1 
ATOM   1038 C  CG1 . ILE A 1 139 ? -4.489  6.147   1.773   1.00 49.89 ? 120 ILE A CG1 1 
ATOM   1039 C  CG2 . ILE A 1 139 ? -4.537  3.924   0.538   1.00 50.73 ? 120 ILE A CG2 1 
ATOM   1040 C  CD1 . ILE A 1 139 ? -3.173  6.730   1.178   1.00 47.27 ? 120 ILE A CD1 1 
ATOM   1041 N  N   . LYS A 1 140 ? -6.741  2.070   2.068   1.00 50.50 ? 121 LYS A N   1 
ATOM   1042 C  CA  . LYS A 1 140 ? -6.932  0.612   2.001   1.00 51.08 ? 121 LYS A CA  1 
ATOM   1043 C  C   . LYS A 1 140 ? -5.863  -0.009  1.094   1.00 50.06 ? 121 LYS A C   1 
ATOM   1044 O  O   . LYS A 1 140 ? -5.558  0.506   0.005   1.00 48.12 ? 121 LYS A O   1 
ATOM   1045 C  CB  . LYS A 1 140 ? -8.375  0.234   1.570   1.00 51.16 ? 121 LYS A CB  1 
ATOM   1046 C  CG  . LYS A 1 140 ? -8.643  -1.273  1.573   1.00 52.08 ? 121 LYS A CG  1 
ATOM   1047 C  CD  . LYS A 1 140 ? -10.108 -1.633  1.428   1.00 53.27 ? 121 LYS A CD  1 
ATOM   1048 C  CE  . LYS A 1 140 ? -10.713 -1.329  0.082   1.00 54.45 ? 121 LYS A CE  1 
ATOM   1049 N  NZ  . LYS A 1 140 ? -12.196 -1.721  -0.022  1.00 49.14 ? 121 LYS A NZ  1 
ATOM   1050 N  N   . VAL A 1 141 ? -5.265  -1.084  1.609   1.00 48.92 ? 122 VAL A N   1 
ATOM   1051 C  CA  . VAL A 1 141 ? -4.198  -1.803  0.961   1.00 47.51 ? 122 VAL A CA  1 
ATOM   1052 C  C   . VAL A 1 141 ? -4.516  -3.283  0.919   1.00 48.41 ? 122 VAL A C   1 
ATOM   1053 O  O   . VAL A 1 141 ? -4.901  -3.880  1.921   1.00 49.02 ? 122 VAL A O   1 
ATOM   1054 C  CB  . VAL A 1 141 ? -2.854  -1.616  1.705   1.00 47.93 ? 122 VAL A CB  1 
ATOM   1055 C  CG1 . VAL A 1 141 ? -1.735  -2.273  0.916   1.00 49.05 ? 122 VAL A CG1 1 
ATOM   1056 C  CG2 . VAL A 1 141 ? -2.522  -0.163  1.869   1.00 47.05 ? 122 VAL A CG2 1 
ATOM   1057 N  N   . GLU A 1 142 ? -4.331  -3.833  -0.273  1.00 47.56 ? 123 GLU A N   1 
ATOM   1058 C  CA  . GLU A 1 142 ? -4.592  -5.245  -0.601  1.00 50.23 ? 123 GLU A CA  1 
ATOM   1059 C  C   . GLU A 1 142 ? -3.410  -5.966  -1.244  1.00 50.72 ? 123 GLU A C   1 
ATOM   1060 O  O   . GLU A 1 142 ? -2.682  -5.423  -2.087  1.00 51.17 ? 123 GLU A O   1 
ATOM   1061 C  CB  . GLU A 1 142 ? -5.800  -5.295  -1.569  1.00 48.74 ? 123 GLU A CB  1 
ATOM   1062 C  CG  . GLU A 1 142 ? -6.238  -6.653  -2.099  1.00 49.27 ? 123 GLU A CG  1 
ATOM   1063 C  CD  . GLU A 1 142 ? -7.299  -6.477  -3.198  1.00 50.35 ? 123 GLU A CD  1 
ATOM   1064 O  OE1 . GLU A 1 142 ? -7.810  -5.323  -3.301  1.00 46.15 ? 123 GLU A OE1 1 
ATOM   1065 O  OE2 . GLU A 1 142 ? -7.607  -7.427  -3.963  1.00 53.35 ? 123 GLU A OE2 1 
ATOM   1066 N  N   . ILE A 1 143 ? -3.220  -7.200  -0.795  1.00 51.71 ? 124 ILE A N   1 
ATOM   1067 C  CA  . ILE A 1 143 ? -2.172  -8.111  -1.347  1.00 51.00 ? 124 ILE A CA  1 
ATOM   1068 C  C   . ILE A 1 143 ? -2.948  -9.371  -1.768  1.00 48.74 ? 124 ILE A C   1 
ATOM   1069 O  O   . ILE A 1 143 ? -3.570  -10.043 -0.951  1.00 47.67 ? 124 ILE A O   1 
ATOM   1070 C  CB  . ILE A 1 143 ? -0.957  -8.378  -0.419  1.00 50.31 ? 124 ILE A CB  1 
ATOM   1071 C  CG1 . ILE A 1 143 ? -0.308  -7.063  -0.006  1.00 52.43 ? 124 ILE A CG1 1 
ATOM   1072 C  CG2 . ILE A 1 143 ? 0.059   -9.215  -1.119  1.00 49.73 ? 124 ILE A CG2 1 
ATOM   1073 C  CD1 . ILE A 1 143 ? -1.060  -6.389  1.128   1.00 57.04 ? 124 ILE A CD1 1 
ATOM   1074 N  N   . VAL A 1 144 ? -2.847  -9.695  -3.048  1.00 48.91 ? 125 VAL A N   1 
ATOM   1075 C  CA  A VAL A 1 144 ? -3.607  -10.832 -3.582  0.50 50.68 ? 125 VAL A CA  1 
ATOM   1076 C  CA  B VAL A 1 144 ? -3.599  -10.788 -3.679  0.50 50.24 ? 125 VAL A CA  1 
ATOM   1077 C  C   . VAL A 1 144 ? -2.776  -11.965 -4.176  1.00 51.54 ? 125 VAL A C   1 
ATOM   1078 O  O   . VAL A 1 144 ? -1.799  -11.774 -4.935  1.00 51.32 ? 125 VAL A O   1 
ATOM   1079 C  CB  A VAL A 1 144 ? -4.749  -10.357 -4.536  0.50 50.72 ? 125 VAL A CB  1 
ATOM   1080 C  CB  B VAL A 1 144 ? -4.307  -10.231 -4.963  0.50 50.19 ? 125 VAL A CB  1 
ATOM   1081 C  CG1 A VAL A 1 144 ? -4.276  -9.256  -5.478  0.50 51.63 ? 125 VAL A CG1 1 
ATOM   1082 C  CG1 B VAL A 1 144 ? -5.257  -11.258 -5.568  0.50 47.96 ? 125 VAL A CG1 1 
ATOM   1083 C  CG2 A VAL A 1 144 ? -5.366  -11.521 -5.291  0.50 49.91 ? 125 VAL A CG2 1 
ATOM   1084 C  CG2 B VAL A 1 144 ? -5.054  -8.919  -4.669  0.50 48.26 ? 125 VAL A CG2 1 
ATOM   1085 N  N   . ALA A 1 145 ? -3.203  -13.157 -3.783  1.00 51.17 ? 126 ALA A N   1 
ATOM   1086 C  CA  . ALA A 1 145 ? -2.563  -14.389 -4.210  1.00 51.66 ? 126 ALA A CA  1 
ATOM   1087 C  C   . ALA A 1 145 ? -2.988  -14.717 -5.649  1.00 53.87 ? 126 ALA A C   1 
ATOM   1088 O  O   . ALA A 1 145 ? -4.095  -14.389 -6.100  1.00 54.46 ? 126 ALA A O   1 
ATOM   1089 C  CB  . ALA A 1 145 ? -2.947  -15.580 -3.264  1.00 52.06 ? 126 ALA A CB  1 
ATOM   1090 N  N   . PRO A 1 146 ? -2.113  -15.395 -6.381  1.00 53.45 ? 127 PRO A N   1 
ATOM   1091 C  CA  . PRO A 1 146 ? -2.466  -15.754 -7.726  1.00 53.06 ? 127 PRO A CA  1 
ATOM   1092 C  C   . PRO A 1 146 ? -3.318  -16.997 -7.710  1.00 52.51 ? 127 PRO A C   1 
ATOM   1093 O  O   . PRO A 1 146 ? -3.898  -17.309 -8.736  1.00 51.63 ? 127 PRO A O   1 
ATOM   1094 C  CB  . PRO A 1 146 ? -1.117  -16.064 -8.371  1.00 54.66 ? 127 PRO A CB  1 
ATOM   1095 C  CG  . PRO A 1 146 ? -0.229  -16.503 -7.214  1.00 56.81 ? 127 PRO A CG  1 
ATOM   1096 C  CD  . PRO A 1 146 ? -0.739  -15.765 -6.014  1.00 54.51 ? 127 PRO A CD  1 
ATOM   1097 O  OXT . PRO A 1 146 ? -3.448  -17.691 -6.690  1.00 50.42 ? 127 PRO A OXT 1 
HETATM 1098 ZN ZN  . ZN  B 2 .   ? -9.109  -4.599  -4.818  1.00 53.04 ? 128 ZN  A ZN  1 
HETATM 1099 O  O26 . UNL C 3 .   ? -14.049 4.445   6.011   1.00 78.01 ? 129 UNL A O26 1 
HETATM 1100 O  O25 . UNL C 3 .   ? -15.083 3.719   6.875   1.00 85.37 ? 129 UNL A O25 1 
HETATM 1101 O  O24 . UNL C 3 .   ? -16.391 3.327   6.179   1.00 87.22 ? 129 UNL A O24 1 
HETATM 1102 O  O23 . UNL C 3 .   ? -16.878 1.958   6.701   1.00 88.84 ? 129 UNL A O23 1 
HETATM 1103 O  O22 . UNL C 3 .   ? -16.650 0.807   5.703   1.00 87.87 ? 129 UNL A O22 1 
HETATM 1104 O  O21 . UNL C 3 .   ? -15.192 0.308   5.664   1.00 85.56 ? 129 UNL A O21 1 
HETATM 1105 O  O20 . UNL C 3 .   ? -14.799 -0.341  4.310   1.00 76.73 ? 129 UNL A O20 1 
HETATM 1106 O  O14 . UNL C 3 .   ? -15.937 -0.235  3.334   1.00 72.56 ? 129 UNL A O14 1 
HETATM 1107 O  O15 . UNL C 3 .   ? -15.622 1.013   2.540   1.00 75.85 ? 129 UNL A O15 1 
HETATM 1108 O  O16 . UNL C 3 .   ? -14.830 0.908   1.237   1.00 61.02 ? 129 UNL A O16 1 
HETATM 1109 O  O19 . UNL C 3 .   ? -13.366 0.671   1.536   1.00 55.17 ? 129 UNL A O19 1 
HETATM 1110 O  O17 . UNL C 3 .   ? -15.434 -0.093  0.293   1.00 69.94 ? 129 UNL A O17 1 
HETATM 1111 O  O18 . UNL C 3 .   ? -16.015 0.833   -0.772  1.00 71.02 ? 129 UNL A O18 1 
HETATM 1112 O  O10 . UNL C 3 .   ? -16.433 -1.137  0.883   1.00 81.59 ? 129 UNL A O10 1 
HETATM 1113 O  O9  . UNL C 3 .   ? -16.496 -2.509  0.109   1.00 82.68 ? 129 UNL A O9  1 
HETATM 1114 O  O11 . UNL C 3 .   ? -16.176 -1.437  2.413   1.00 85.83 ? 129 UNL A O11 1 
HETATM 1115 O  O12 . UNL C 3 .   ? -17.243 -2.389  3.004   1.00 86.60 ? 129 UNL A O12 1 
HETATM 1116 O  O13 . UNL C 3 .   ? -17.321 -3.698  2.190   1.00 85.66 ? 129 UNL A O13 1 
HETATM 1117 O  O8  . UNL C 3 .   ? -16.226 -3.690  1.115   1.00 87.44 ? 129 UNL A O8  1 
HETATM 1118 O  O7  . UNL C 3 .   ? -15.957 -5.120  0.549   1.00 87.61 ? 129 UNL A O7  1 
HETATM 1119 O  O6  . UNL C 3 .   ? -14.443 -5.419  0.625   1.00 86.16 ? 129 UNL A O6  1 
HETATM 1120 O  O5  . UNL C 3 .   ? -13.784 -6.099  -0.590  1.00 85.74 ? 129 UNL A O5  1 
HETATM 1121 O  O4  . UNL C 3 .   ? -12.962 -5.134  -1.485  1.00 78.46 ? 129 UNL A O4  1 
HETATM 1122 O  O3  . UNL C 3 .   ? -12.715 -5.784  -2.878  1.00 76.94 ? 129 UNL A O3  1 
HETATM 1123 O  O2  . UNL C 3 .   ? -11.913 -4.977  -3.950  1.00 68.58 ? 129 UNL A O2  1 
HETATM 1124 O  O1  . UNL C 3 .   ? -11.102 -5.852  -4.950  1.00 46.36 ? 129 UNL A O1  1 
HETATM 1125 O  O   . HOH D 4 .   ? -10.252 9.421   -1.633  1.00 61.77 ? 130 HOH A O   1 
HETATM 1126 O  O   . HOH D 4 .   ? 12.101  -0.658  -0.076  1.00 60.09 ? 131 HOH A O   1 
HETATM 1127 O  O   . HOH D 4 .   ? -10.208 -11.795 -0.357  1.00 60.82 ? 132 HOH A O   1 
HETATM 1128 O  O   . HOH D 4 .   ? 0.877   -0.611  -14.936 1.00 47.55 ? 133 HOH A O   1 
HETATM 1129 O  O   . HOH D 4 .   ? -7.470  10.628  -2.685  0.50 48.13 ? 134 HOH A O   1 
HETATM 1130 O  O   . HOH D 4 .   ? -1.812  -12.102 -7.695  1.00 58.66 ? 135 HOH A O   1 
HETATM 1131 O  O   . HOH D 4 .   ? -13.323 -0.842  -2.507  1.00 50.33 ? 136 HOH A O   1 
HETATM 1132 O  O   . HOH D 4 .   ? -5.773  16.207  3.971   1.00 56.10 ? 137 HOH A O   1 
HETATM 1133 O  O   . HOH D 4 .   ? 10.457  -5.274  5.197   1.00 60.69 ? 138 HOH A O   1 
HETATM 1134 O  O   . HOH D 4 .   ? -1.990  -15.896 8.344   1.00 61.41 ? 139 HOH A O   1 
HETATM 1135 O  O   . HOH D 4 .   ? -6.937  -5.920  12.794  1.00 63.64 ? 140 HOH A O   1 
HETATM 1136 O  O   . HOH D 4 .   ? -11.270 13.251  -1.655  1.00 59.83 ? 141 HOH A O   1 
HETATM 1137 O  O   . HOH D 4 .   ? -9.932  -11.159 2.391   1.00 52.05 ? 142 HOH A O   1 
HETATM 1138 O  O   . HOH D 4 .   ? -10.541 6.177   4.700   1.00 55.94 ? 143 HOH A O   1 
HETATM 1139 O  O   . HOH D 4 .   ? -5.300  -17.491 -4.820  1.00 62.15 ? 144 HOH A O   1 
HETATM 1140 O  O   . HOH D 4 .   ? -4.165  -12.429 -8.976  1.00 66.35 ? 145 HOH A O   1 
HETATM 1141 O  O   . HOH D 4 .   ? -6.624  -14.957 -5.395  1.00 61.50 ? 146 HOH A O   1 
HETATM 1142 O  O   . HOH D 4 .   ? -8.868  14.731  -1.953  1.00 63.53 ? 147 HOH A O   1 
HETATM 1143 O  O   . HOH D 4 .   ? -4.314  14.877  6.359   1.00 67.30 ? 148 HOH A O   1 
HETATM 1144 O  O   . HOH D 4 .   ? -4.031  3.098   10.405  1.00 65.81 ? 149 HOH A O   1 
HETATM 1145 O  O   . HOH D 4 .   ? -9.203  -9.731  4.183   1.00 63.68 ? 150 HOH A O   1 
HETATM 1146 O  O   . HOH D 4 .   ? -13.064 -4.155  8.964   1.00 59.78 ? 151 HOH A O   1 
HETATM 1147 O  O   . HOH D 4 .   ? -12.030 0.298   8.627   1.00 76.49 ? 152 HOH A O   1 
HETATM 1148 O  O   . HOH D 4 .   ? -5.642  12.624  6.384   1.00 54.51 ? 153 HOH A O   1 
HETATM 1149 O  O   . HOH D 4 .   ? 4.403   -2.089  -13.118 1.00 53.03 ? 154 HOH A O   1 
HETATM 1150 O  O   . HOH D 4 .   ? 5.655   -18.049 -1.668  1.00 74.12 ? 155 HOH A O   1 
HETATM 1151 O  O   . HOH D 4 .   ? 0.379   9.337   7.552   1.00 61.44 ? 156 HOH A O   1 
HETATM 1152 O  O   . HOH D 4 .   ? 4.395   14.476  10.137  1.00 71.60 ? 157 HOH A O   1 
# 
